data_7LU8
#
_entry.id   7LU8
#
_entity_poly.entity_id   1
_entity_poly.type   'polypeptide(L)'
_entity_poly.pdbx_seq_one_letter_code
;AGHMTDTLFLTVTASLTLPWDHIQSTLLKTKGVTDIKIYPQKRTVAVTIIPSIVNANQIKELVPELSLDTGTLEKK
;
_entity_poly.pdbx_strand_id   A
#
# COMPACT_ATOMS: atom_id res chain seq x y z
N ALA A 1 22.05 10.10 3.06
CA ALA A 1 21.81 11.13 2.01
C ALA A 1 20.41 10.95 1.43
N GLY A 2 20.13 9.73 0.96
CA GLY A 2 18.82 9.41 0.38
C GLY A 2 17.78 9.19 1.48
N HIS A 3 16.51 9.05 1.06
CA HIS A 3 15.41 8.84 2.01
C HIS A 3 15.49 7.44 2.64
N MET A 4 15.21 7.38 3.94
CA MET A 4 15.23 6.11 4.67
C MET A 4 14.15 5.16 4.15
N THR A 5 12.98 5.71 3.82
CA THR A 5 11.85 4.91 3.32
C THR A 5 11.35 5.46 1.99
N ASP A 6 10.69 4.60 1.22
CA ASP A 6 10.14 4.99 -0.08
C ASP A 6 8.61 4.96 -0.06
N THR A 7 8.00 5.87 -0.82
CA THR A 7 6.53 5.94 -0.89
C THR A 7 6.02 5.20 -2.13
N LEU A 8 4.98 4.38 -1.92
CA LEU A 8 4.38 3.60 -3.00
C LEU A 8 2.87 3.77 -3.01
N PHE A 9 2.33 4.10 -4.17
CA PHE A 9 0.88 4.30 -4.33
C PHE A 9 0.18 2.99 -4.65
N LEU A 10 -0.80 2.63 -3.81
CA LEU A 10 -1.54 1.36 -3.96
C LEU A 10 -2.96 1.60 -4.44
N THR A 11 -3.49 0.63 -5.20
CA THR A 11 -4.86 0.67 -5.70
C THR A 11 -5.69 -0.35 -4.92
N VAL A 12 -6.83 0.10 -4.36
CA VAL A 12 -7.68 -0.76 -3.54
C VAL A 12 -8.64 -1.58 -4.41
N THR A 13 -8.43 -2.89 -4.38
CA THR A 13 -9.26 -3.83 -5.11
C THR A 13 -9.71 -4.96 -4.17
N ALA A 14 -11.04 -5.17 -4.10
CA ALA A 14 -11.62 -6.22 -3.27
C ALA A 14 -13.06 -6.47 -3.67
N SER A 15 -13.52 -7.73 -3.49
CA SER A 15 -14.90 -8.09 -3.82
C SER A 15 -15.88 -7.31 -2.94
N LEU A 16 -15.53 -7.17 -1.66
CA LEU A 16 -16.35 -6.44 -0.70
C LEU A 16 -15.58 -5.21 -0.18
N THR A 17 -16.23 -4.05 -0.19
CA THR A 17 -15.59 -2.80 0.24
C THR A 17 -15.34 -2.83 1.75
N LEU A 18 -14.40 -2.00 2.21
CA LEU A 18 -14.05 -1.93 3.63
C LEU A 18 -13.39 -0.57 3.97
N PRO A 19 -13.42 -0.12 5.25
CA PRO A 19 -12.83 1.19 5.66
C PRO A 19 -11.29 1.18 5.69
N TRP A 20 -10.72 2.37 5.60
CA TRP A 20 -9.27 2.55 5.65
C TRP A 20 -8.68 2.02 6.97
N ASP A 21 -9.49 2.02 8.04
CA ASP A 21 -9.02 1.54 9.35
C ASP A 21 -8.60 0.08 9.25
N HIS A 22 -9.41 -0.74 8.54
CA HIS A 22 -9.09 -2.15 8.33
C HIS A 22 -7.86 -2.30 7.43
N ILE A 23 -7.78 -1.43 6.39
CA ILE A 23 -6.63 -1.46 5.48
C ILE A 23 -5.34 -1.17 6.26
N GLN A 24 -5.40 -0.14 7.11
CA GLN A 24 -4.30 0.25 7.97
C GLN A 24 -3.94 -0.88 8.93
N SER A 25 -4.98 -1.55 9.46
CA SER A 25 -4.80 -2.63 10.43
C SER A 25 -4.00 -3.80 9.85
N THR A 26 -4.37 -4.24 8.63
CA THR A 26 -3.68 -5.38 8.00
C THR A 26 -2.27 -5.01 7.57
N LEU A 27 -2.13 -3.81 7.00
CA LEU A 27 -0.82 -3.33 6.55
C LEU A 27 0.10 -3.07 7.76
N LEU A 28 -0.47 -2.52 8.83
CA LEU A 28 0.25 -2.25 10.07
C LEU A 28 0.74 -3.56 10.70
N LYS A 29 -0.12 -4.58 10.65
CA LYS A 29 0.18 -5.88 11.26
C LYS A 29 1.40 -6.52 10.59
N THR A 30 1.46 -6.43 9.24
CA THR A 30 2.60 -6.98 8.48
C THR A 30 3.83 -6.08 8.64
N LYS A 31 5.01 -6.71 8.68
CA LYS A 31 6.27 -6.00 8.86
C LYS A 31 6.74 -5.34 7.56
N GLY A 32 7.50 -4.24 7.70
CA GLY A 32 8.03 -3.52 6.53
C GLY A 32 7.14 -2.34 6.09
N VAL A 33 6.12 -2.02 6.89
CA VAL A 33 5.20 -0.90 6.59
C VAL A 33 5.32 0.17 7.69
N THR A 34 5.54 1.44 7.28
CA THR A 34 5.74 2.52 8.25
C THR A 34 4.50 3.42 8.40
N ASP A 35 3.69 3.55 7.34
CA ASP A 35 2.49 4.42 7.42
C ASP A 35 1.52 4.19 6.25
N ILE A 36 0.22 4.09 6.57
CA ILE A 36 -0.83 3.91 5.55
C ILE A 36 -1.86 5.05 5.66
N LYS A 37 -2.11 5.73 4.54
CA LYS A 37 -3.08 6.83 4.49
C LYS A 37 -3.85 6.83 3.17
N ILE A 38 -5.17 7.05 3.28
CA ILE A 38 -6.05 7.12 2.12
C ILE A 38 -6.14 8.58 1.64
N TYR A 39 -6.24 8.77 0.30
CA TYR A 39 -6.27 10.12 -0.27
C TYR A 39 -7.46 10.33 -1.23
N PRO A 40 -7.95 11.60 -1.40
CA PRO A 40 -9.11 11.87 -2.28
C PRO A 40 -8.79 11.61 -3.75
N GLN A 41 -9.21 10.44 -4.21
CA GLN A 41 -9.01 10.02 -5.60
C GLN A 41 -9.90 8.79 -5.84
N LYS A 42 -9.74 8.14 -6.99
CA LYS A 42 -10.55 6.96 -7.26
C LYS A 42 -9.98 5.73 -6.55
N ARG A 43 -10.49 5.50 -5.33
CA ARG A 43 -10.13 4.31 -4.55
C ARG A 43 -8.61 4.08 -4.49
N THR A 44 -7.85 5.11 -4.05
CA THR A 44 -6.38 4.98 -3.94
C THR A 44 -5.90 5.34 -2.54
N VAL A 45 -4.88 4.62 -2.09
CA VAL A 45 -4.27 4.84 -0.78
C VAL A 45 -2.75 4.91 -0.91
N ALA A 46 -2.15 6.00 -0.40
CA ALA A 46 -0.71 6.17 -0.43
C ALA A 46 -0.09 5.58 0.83
N VAL A 47 0.97 4.77 0.63
CA VAL A 47 1.63 4.10 1.77
C VAL A 47 3.14 4.28 1.73
N THR A 48 3.74 4.37 2.92
CA THR A 48 5.19 4.49 3.03
C THR A 48 5.75 3.17 3.58
N ILE A 49 6.58 2.50 2.76
CA ILE A 49 7.15 1.21 3.15
C ILE A 49 8.62 1.09 2.71
N ILE A 50 9.27 0.01 3.15
CA ILE A 50 10.66 -0.25 2.79
C ILE A 50 10.72 -1.49 1.85
N PRO A 51 10.87 -1.31 0.51
CA PRO A 51 10.90 -2.45 -0.48
C PRO A 51 11.96 -3.51 -0.16
N SER A 52 13.09 -3.06 0.38
CA SER A 52 14.21 -3.96 0.67
C SER A 52 13.84 -5.05 1.67
N ILE A 53 12.95 -4.71 2.62
CA ILE A 53 12.54 -5.67 3.68
C ILE A 53 11.07 -6.15 3.53
N VAL A 54 10.31 -5.56 2.59
CA VAL A 54 8.89 -5.95 2.41
C VAL A 54 8.63 -6.50 1.01
N ASN A 55 7.78 -7.53 0.93
CA ASN A 55 7.43 -8.15 -0.35
C ASN A 55 6.00 -7.79 -0.75
N ALA A 56 5.78 -7.66 -2.06
CA ALA A 56 4.47 -7.31 -2.60
C ALA A 56 3.43 -8.39 -2.30
N ASN A 57 3.85 -9.66 -2.38
CA ASN A 57 2.95 -10.79 -2.20
C ASN A 57 2.30 -10.81 -0.81
N GLN A 58 3.08 -10.46 0.23
CA GLN A 58 2.57 -10.47 1.60
C GLN A 58 1.40 -9.49 1.75
N ILE A 59 1.56 -8.32 1.13
CA ILE A 59 0.52 -7.30 1.13
C ILE A 59 -0.73 -7.85 0.41
N LYS A 60 -0.48 -8.52 -0.73
CA LYS A 60 -1.55 -9.10 -1.54
C LYS A 60 -2.31 -10.17 -0.75
N GLU A 61 -1.56 -10.97 0.04
CA GLU A 61 -2.18 -12.05 0.83
C GLU A 61 -3.18 -11.49 1.84
N LEU A 62 -2.81 -10.40 2.53
CA LEU A 62 -3.72 -9.77 3.50
C LEU A 62 -4.93 -9.16 2.80
N VAL A 63 -4.67 -8.50 1.67
CA VAL A 63 -5.73 -7.85 0.88
C VAL A 63 -5.53 -8.12 -0.65
N PRO A 64 -6.57 -8.60 -1.39
CA PRO A 64 -6.44 -8.90 -2.86
C PRO A 64 -5.81 -7.74 -3.63
N GLU A 65 -6.20 -6.50 -3.23
CA GLU A 65 -5.70 -5.21 -3.81
C GLU A 65 -4.68 -5.36 -4.95
N LEU A 66 -4.98 -4.72 -6.08
CA LEU A 66 -4.05 -4.70 -7.22
C LEU A 66 -2.67 -4.17 -6.77
N SER A 67 -2.68 -3.21 -5.83
CA SER A 67 -1.44 -2.66 -5.28
C SER A 67 -0.56 -2.05 -6.39
N LEU A 68 -1.20 -1.51 -7.43
CA LEU A 68 -0.48 -0.89 -8.54
C LEU A 68 -1.17 0.40 -9.00
N ASP A 69 -0.75 1.54 -8.43
CA ASP A 69 -1.32 2.84 -8.81
C ASP A 69 -0.80 3.27 -10.18
N THR A 70 -1.56 4.15 -10.83
CA THR A 70 -1.19 4.65 -12.16
C THR A 70 0.03 5.58 -12.08
N GLY A 71 0.99 5.37 -12.99
CA GLY A 71 2.20 6.21 -13.07
C GLY A 71 3.27 5.82 -12.04
N THR A 72 3.17 4.60 -11.47
CA THR A 72 4.16 4.12 -10.50
C THR A 72 5.44 3.68 -11.19
N LEU A 73 6.52 3.60 -10.41
CA LEU A 73 7.83 3.20 -10.94
C LEU A 73 8.36 1.96 -10.21
N GLU A 74 9.01 1.06 -10.97
CA GLU A 74 9.59 -0.16 -10.40
C GLU A 74 11.06 -0.25 -10.73
N LYS A 75 11.88 -0.53 -9.70
CA LYS A 75 13.32 -0.64 -9.87
C LYS A 75 13.65 -1.81 -10.83
N LYS A 76 12.96 -2.94 -10.62
CA LYS A 76 13.17 -4.13 -11.44
C LYS A 76 12.06 -4.27 -12.48
N ALA A 1 14.86 9.00 -4.71
CA ALA A 1 15.40 7.70 -4.23
C ALA A 1 16.59 7.95 -3.29
N GLY A 2 17.10 6.87 -2.71
CA GLY A 2 18.25 6.96 -1.79
C GLY A 2 17.82 7.35 -0.35
N HIS A 3 16.50 7.51 -0.13
CA HIS A 3 15.97 7.88 1.19
C HIS A 3 15.84 6.67 2.10
N MET A 4 15.67 6.92 3.40
CA MET A 4 15.52 5.86 4.39
C MET A 4 14.28 5.02 4.11
N THR A 5 13.20 5.69 3.68
CA THR A 5 11.95 5.01 3.37
C THR A 5 11.44 5.42 1.98
N ASP A 6 10.77 4.48 1.30
CA ASP A 6 10.26 4.71 -0.05
C ASP A 6 8.75 4.89 -0.03
N THR A 7 8.29 6.04 -0.54
CA THR A 7 6.86 6.34 -0.61
C THR A 7 6.32 5.90 -1.97
N LEU A 8 5.33 4.99 -1.94
CA LEU A 8 4.74 4.46 -3.17
C LEU A 8 3.22 4.65 -3.18
N PHE A 9 2.67 4.88 -4.37
CA PHE A 9 1.23 5.04 -4.55
C PHE A 9 0.65 3.80 -5.23
N LEU A 10 -0.45 3.28 -4.67
CA LEU A 10 -1.07 2.07 -5.20
C LEU A 10 -2.59 2.22 -5.34
N THR A 11 -3.15 1.52 -6.33
CA THR A 11 -4.59 1.48 -6.50
C THR A 11 -5.12 0.23 -5.85
N VAL A 12 -6.32 0.30 -5.28
CA VAL A 12 -6.90 -0.83 -4.54
C VAL A 12 -8.26 -1.25 -5.09
N THR A 13 -8.38 -2.54 -5.42
CA THR A 13 -9.63 -3.13 -5.87
C THR A 13 -10.00 -4.30 -4.95
N ALA A 14 -11.16 -4.18 -4.30
CA ALA A 14 -11.64 -5.21 -3.36
C ALA A 14 -13.04 -4.85 -2.86
N SER A 15 -13.72 -5.85 -2.28
CA SER A 15 -15.06 -5.62 -1.73
C SER A 15 -15.02 -4.60 -0.59
N LEU A 16 -13.95 -4.67 0.22
CA LEU A 16 -13.75 -3.74 1.33
C LEU A 16 -12.40 -3.04 1.21
N THR A 17 -12.38 -1.73 1.49
CA THR A 17 -11.14 -0.94 1.40
C THR A 17 -11.26 0.39 2.16
N LEU A 18 -12.48 0.95 2.19
CA LEU A 18 -12.71 2.24 2.84
C LEU A 18 -12.27 2.25 4.33
N PRO A 19 -12.61 1.23 5.16
CA PRO A 19 -12.21 1.22 6.61
C PRO A 19 -10.70 1.35 6.78
N TRP A 20 -10.28 2.51 7.28
CA TRP A 20 -8.86 2.80 7.53
C TRP A 20 -8.29 1.87 8.62
N ASP A 21 -9.14 1.54 9.60
CA ASP A 21 -8.73 0.70 10.73
C ASP A 21 -8.34 -0.69 10.26
N HIS A 22 -9.19 -1.31 9.43
CA HIS A 22 -8.93 -2.67 8.94
C HIS A 22 -7.73 -2.72 8.01
N ILE A 23 -7.61 -1.73 7.11
CA ILE A 23 -6.50 -1.69 6.16
C ILE A 23 -5.18 -1.35 6.86
N GLN A 24 -5.22 -0.34 7.72
CA GLN A 24 -4.06 0.10 8.49
C GLN A 24 -3.63 -0.99 9.46
N SER A 25 -4.60 -1.66 10.10
CA SER A 25 -4.29 -2.68 11.09
C SER A 25 -3.53 -3.85 10.48
N THR A 26 -3.95 -4.30 9.28
CA THR A 26 -3.27 -5.39 8.61
C THR A 26 -1.89 -4.95 8.13
N LEU A 27 -1.83 -3.73 7.57
CA LEU A 27 -0.56 -3.19 7.07
C LEU A 27 0.45 -3.01 8.19
N LEU A 28 -0.03 -2.57 9.37
CA LEU A 28 0.84 -2.44 10.54
C LEU A 28 1.40 -3.80 10.92
N LYS A 29 0.55 -4.85 10.81
CA LYS A 29 0.99 -6.22 11.08
C LYS A 29 2.02 -6.62 10.03
N THR A 30 1.78 -6.21 8.76
CA THR A 30 2.72 -6.49 7.69
C THR A 30 4.05 -5.79 7.97
N LYS A 31 5.14 -6.55 7.89
CA LYS A 31 6.48 -6.02 8.17
C LYS A 31 6.98 -5.18 7.01
N GLY A 32 7.77 -4.14 7.34
CA GLY A 32 8.36 -3.26 6.33
C GLY A 32 7.40 -2.17 5.83
N VAL A 33 6.21 -2.06 6.45
CA VAL A 33 5.24 -1.03 6.06
C VAL A 33 5.22 0.10 7.09
N THR A 34 5.80 1.25 6.71
CA THR A 34 5.90 2.40 7.62
C THR A 34 4.51 2.96 7.98
N ASP A 35 3.65 3.17 6.97
CA ASP A 35 2.30 3.73 7.22
C ASP A 35 1.42 3.69 5.97
N ILE A 36 0.11 3.91 6.18
CA ILE A 36 -0.88 3.93 5.08
C ILE A 36 -1.93 5.03 5.32
N LYS A 37 -2.28 5.75 4.25
CA LYS A 37 -3.30 6.79 4.31
C LYS A 37 -4.15 6.82 3.05
N ILE A 38 -5.46 6.96 3.22
CA ILE A 38 -6.40 7.01 2.09
C ILE A 38 -6.41 8.40 1.44
N TYR A 39 -6.57 8.44 0.10
CA TYR A 39 -6.58 9.72 -0.63
C TYR A 39 -7.84 9.84 -1.52
N PRO A 40 -8.29 11.08 -1.85
CA PRO A 40 -9.51 11.27 -2.70
C PRO A 40 -9.27 10.85 -4.16
N GLN A 41 -9.70 9.64 -4.47
CA GLN A 41 -9.59 9.06 -5.81
C GLN A 41 -10.50 7.83 -5.87
N LYS A 42 -10.52 7.14 -7.01
CA LYS A 42 -11.31 5.93 -7.10
C LYS A 42 -10.62 4.82 -6.32
N ARG A 43 -11.01 4.70 -5.04
CA ARG A 43 -10.46 3.66 -4.14
C ARG A 43 -8.92 3.54 -4.31
N THR A 44 -8.22 4.64 -4.02
CA THR A 44 -6.75 4.70 -4.16
C THR A 44 -6.11 5.15 -2.83
N VAL A 45 -5.08 4.42 -2.43
CA VAL A 45 -4.36 4.72 -1.18
C VAL A 45 -2.85 4.82 -1.41
N ALA A 46 -2.18 5.63 -0.59
CA ALA A 46 -0.73 5.78 -0.65
C ALA A 46 -0.09 5.12 0.56
N VAL A 47 1.03 4.42 0.34
CA VAL A 47 1.71 3.71 1.42
C VAL A 47 3.21 4.01 1.44
N THR A 48 3.76 4.12 2.65
CA THR A 48 5.18 4.30 2.84
C THR A 48 5.78 2.98 3.30
N ILE A 49 6.60 2.37 2.43
CA ILE A 49 7.17 1.04 2.72
C ILE A 49 8.68 1.01 2.48
N ILE A 50 9.33 -0.02 3.03
CA ILE A 50 10.76 -0.23 2.85
C ILE A 50 10.98 -1.50 1.96
N PRO A 51 11.40 -1.35 0.67
CA PRO A 51 11.58 -2.53 -0.25
C PRO A 51 12.61 -3.53 0.28
N SER A 52 13.50 -3.05 1.16
CA SER A 52 14.53 -3.89 1.74
C SER A 52 13.95 -5.04 2.58
N ILE A 53 12.85 -4.77 3.32
CA ILE A 53 12.27 -5.78 4.22
C ILE A 53 10.75 -5.99 4.03
N VAL A 54 10.16 -5.47 2.93
CA VAL A 54 8.70 -5.64 2.70
C VAL A 54 8.44 -6.47 1.44
N ASN A 55 7.46 -7.40 1.53
CA ASN A 55 7.08 -8.21 0.39
C ASN A 55 5.65 -7.87 -0.04
N ALA A 56 5.40 -7.94 -1.35
CA ALA A 56 4.08 -7.64 -1.91
C ALA A 56 3.04 -8.72 -1.58
N ASN A 57 3.52 -9.94 -1.28
CA ASN A 57 2.63 -11.07 -1.03
C ASN A 57 1.72 -10.82 0.17
N GLN A 58 2.26 -10.26 1.27
CA GLN A 58 1.45 -10.04 2.48
C GLN A 58 0.40 -8.95 2.24
N ILE A 59 0.79 -7.87 1.56
CA ILE A 59 -0.15 -6.79 1.21
C ILE A 59 -1.23 -7.37 0.29
N LYS A 60 -0.78 -8.18 -0.68
CA LYS A 60 -1.68 -8.84 -1.62
C LYS A 60 -2.67 -9.73 -0.87
N GLU A 61 -2.20 -10.40 0.19
CA GLU A 61 -3.05 -11.28 0.97
C GLU A 61 -4.24 -10.49 1.53
N LEU A 62 -3.99 -9.31 2.13
CA LEU A 62 -5.07 -8.48 2.67
C LEU A 62 -5.94 -7.92 1.54
N VAL A 63 -5.28 -7.39 0.51
CA VAL A 63 -5.99 -6.78 -0.63
C VAL A 63 -6.01 -7.76 -1.85
N PRO A 64 -7.18 -8.35 -2.21
CA PRO A 64 -7.27 -9.31 -3.37
C PRO A 64 -6.71 -8.73 -4.68
N GLU A 65 -7.02 -7.45 -4.97
CA GLU A 65 -6.53 -6.82 -6.21
C GLU A 65 -5.94 -5.43 -5.94
N LEU A 66 -4.82 -5.14 -6.60
CA LEU A 66 -4.13 -3.85 -6.44
C LEU A 66 -2.96 -3.72 -7.43
N SER A 67 -2.34 -2.53 -7.48
CA SER A 67 -1.20 -2.29 -8.38
C SER A 67 -0.26 -1.23 -7.81
N LEU A 68 0.99 -1.23 -8.31
CA LEU A 68 2.01 -0.27 -7.87
C LEU A 68 2.39 0.67 -9.01
N ASP A 69 2.57 1.96 -8.68
CA ASP A 69 2.95 2.95 -9.70
C ASP A 69 4.46 2.92 -9.96
N THR A 70 4.88 3.62 -11.01
CA THR A 70 6.31 3.71 -11.36
C THR A 70 6.72 5.17 -11.53
N GLY A 71 7.81 5.56 -10.87
CA GLY A 71 8.32 6.93 -10.95
C GLY A 71 9.28 7.08 -12.12
N THR A 72 10.57 7.14 -11.81
CA THR A 72 11.61 7.27 -12.83
C THR A 72 12.52 6.04 -12.82
N LEU A 73 12.69 5.42 -14.00
CA LEU A 73 13.53 4.23 -14.13
C LEU A 73 15.00 4.58 -13.87
N GLU A 74 15.72 3.65 -13.23
CA GLU A 74 17.13 3.85 -12.91
C GLU A 74 17.93 2.55 -13.07
N LYS A 75 19.25 2.69 -13.23
CA LYS A 75 20.13 1.55 -13.42
C LYS A 75 21.37 1.67 -12.52
N LYS A 76 21.67 0.61 -11.78
CA LYS A 76 22.83 0.58 -10.88
C LYS A 76 23.94 -0.29 -11.44
N ALA A 1 22.60 7.52 1.61
CA ALA A 1 21.76 8.18 0.57
C ALA A 1 20.63 7.24 0.15
N GLY A 2 19.85 7.67 -0.85
CA GLY A 2 18.71 6.86 -1.33
C GLY A 2 17.50 6.94 -0.38
N HIS A 3 17.51 7.94 0.53
CA HIS A 3 16.43 8.12 1.51
C HIS A 3 16.32 6.92 2.43
N MET A 4 15.65 7.12 3.57
CA MET A 4 15.49 6.07 4.59
C MET A 4 14.38 5.06 4.22
N THR A 5 13.28 5.55 3.64
CA THR A 5 12.16 4.67 3.25
C THR A 5 11.69 4.97 1.83
N ASP A 6 10.96 4.02 1.24
CA ASP A 6 10.46 4.17 -0.14
C ASP A 6 8.95 4.33 -0.15
N THR A 7 8.48 5.45 -0.72
CA THR A 7 7.04 5.72 -0.82
C THR A 7 6.48 5.14 -2.12
N LEU A 8 5.37 4.39 -1.99
CA LEU A 8 4.73 3.76 -3.14
C LEU A 8 3.23 4.07 -3.15
N PHE A 9 2.66 4.20 -4.36
CA PHE A 9 1.23 4.47 -4.51
C PHE A 9 0.49 3.21 -4.98
N LEU A 10 -0.53 2.82 -4.20
CA LEU A 10 -1.32 1.62 -4.50
C LEU A 10 -2.81 1.96 -4.54
N THR A 11 -3.55 1.23 -5.38
CA THR A 11 -5.00 1.40 -5.49
C THR A 11 -5.67 0.18 -4.87
N VAL A 12 -6.65 0.43 -3.99
CA VAL A 12 -7.33 -0.65 -3.27
C VAL A 12 -8.38 -1.31 -4.15
N THR A 13 -8.21 -2.63 -4.37
CA THR A 13 -9.16 -3.41 -5.16
C THR A 13 -9.60 -4.66 -4.38
N ALA A 14 -10.91 -4.85 -4.27
CA ALA A 14 -11.49 -6.00 -3.55
C ALA A 14 -12.97 -6.15 -3.85
N SER A 15 -13.48 -7.38 -3.70
CA SER A 15 -14.91 -7.66 -3.92
C SER A 15 -15.75 -6.86 -2.92
N LEU A 16 -15.27 -6.80 -1.67
CA LEU A 16 -15.92 -6.03 -0.62
C LEU A 16 -15.03 -4.85 -0.25
N THR A 17 -15.64 -3.71 0.08
CA THR A 17 -14.88 -2.51 0.44
C THR A 17 -14.25 -2.65 1.82
N LEU A 18 -13.11 -1.97 2.02
CA LEU A 18 -12.41 -1.99 3.31
C LEU A 18 -12.20 -0.54 3.84
N PRO A 19 -12.64 -0.22 5.08
CA PRO A 19 -12.43 1.15 5.67
C PRO A 19 -10.98 1.32 6.13
N TRP A 20 -10.60 2.57 6.41
CA TRP A 20 -9.24 2.88 6.84
C TRP A 20 -8.82 2.08 8.09
N ASP A 21 -9.79 1.70 8.92
CA ASP A 21 -9.50 0.94 10.14
C ASP A 21 -8.99 -0.46 9.81
N HIS A 22 -9.67 -1.17 8.89
CA HIS A 22 -9.25 -2.50 8.45
C HIS A 22 -7.92 -2.43 7.70
N ILE A 23 -7.78 -1.41 6.84
CA ILE A 23 -6.55 -1.22 6.06
C ILE A 23 -5.36 -0.95 6.99
N GLN A 24 -5.58 -0.05 7.95
CA GLN A 24 -4.55 0.29 8.94
C GLN A 24 -4.22 -0.93 9.79
N SER A 25 -5.24 -1.70 10.15
CA SER A 25 -5.08 -2.89 10.99
C SER A 25 -4.15 -3.91 10.32
N THR A 26 -4.37 -4.14 9.01
CA THR A 26 -3.57 -5.10 8.26
C THR A 26 -2.13 -4.59 8.09
N LEU A 27 -1.97 -3.29 7.83
CA LEU A 27 -0.63 -2.70 7.67
C LEU A 27 0.14 -2.72 8.98
N LEU A 28 -0.52 -2.33 10.05
CA LEU A 28 0.09 -2.29 11.38
C LEU A 28 0.54 -3.70 11.79
N LYS A 29 -0.29 -4.70 11.50
CA LYS A 29 0.01 -6.09 11.84
C LYS A 29 1.26 -6.56 11.07
N THR A 30 1.33 -6.22 9.78
CA THR A 30 2.46 -6.62 8.93
C THR A 30 3.71 -5.79 9.28
N LYS A 31 4.82 -6.48 9.54
CA LYS A 31 6.08 -5.83 9.89
C LYS A 31 6.83 -5.40 8.62
N GLY A 32 7.44 -4.21 8.65
CA GLY A 32 8.22 -3.69 7.53
C GLY A 32 7.50 -2.56 6.76
N VAL A 33 6.36 -2.09 7.29
CA VAL A 33 5.63 -0.99 6.64
C VAL A 33 5.57 0.22 7.55
N THR A 34 5.54 1.41 6.95
CA THR A 34 5.53 2.66 7.69
C THR A 34 4.10 3.13 8.00
N ASP A 35 3.28 3.26 6.94
CA ASP A 35 1.89 3.73 7.11
C ASP A 35 1.10 3.67 5.80
N ILE A 36 -0.22 3.79 5.93
CA ILE A 36 -1.13 3.79 4.78
C ILE A 36 -2.28 4.79 5.01
N LYS A 37 -2.58 5.61 4.01
CA LYS A 37 -3.62 6.64 4.14
C LYS A 37 -4.42 6.80 2.84
N ILE A 38 -5.73 6.94 2.98
CA ILE A 38 -6.64 7.14 1.84
C ILE A 38 -6.53 8.58 1.33
N TYR A 39 -6.43 8.75 0.00
CA TYR A 39 -6.35 10.08 -0.61
C TYR A 39 -7.49 10.29 -1.63
N PRO A 40 -7.96 11.55 -1.83
CA PRO A 40 -9.10 11.83 -2.77
C PRO A 40 -8.77 11.35 -4.20
N GLN A 41 -9.28 10.18 -4.54
CA GLN A 41 -9.10 9.59 -5.86
C GLN A 41 -10.06 8.40 -5.97
N LYS A 42 -9.94 7.62 -7.06
CA LYS A 42 -10.82 6.46 -7.23
C LYS A 42 -10.31 5.30 -6.36
N ARG A 43 -10.83 5.23 -5.13
CA ARG A 43 -10.51 4.13 -4.19
C ARG A 43 -9.01 3.76 -4.20
N THR A 44 -8.15 4.71 -3.78
CA THR A 44 -6.70 4.46 -3.73
C THR A 44 -6.06 5.02 -2.45
N VAL A 45 -4.97 4.38 -2.03
CA VAL A 45 -4.26 4.76 -0.82
C VAL A 45 -2.76 4.92 -1.08
N ALA A 46 -2.12 5.81 -0.30
CA ALA A 46 -0.68 5.99 -0.39
C ALA A 46 0.00 5.10 0.64
N VAL A 47 0.92 4.26 0.18
CA VAL A 47 1.59 3.28 1.04
C VAL A 47 3.09 3.56 1.12
N THR A 48 3.58 3.76 2.34
CA THR A 48 5.02 3.95 2.58
C THR A 48 5.58 2.71 3.26
N ILE A 49 6.53 2.04 2.59
CA ILE A 49 7.11 0.78 3.10
C ILE A 49 8.61 0.68 2.83
N ILE A 50 9.23 -0.39 3.35
CA ILE A 50 10.64 -0.65 3.14
C ILE A 50 10.80 -1.89 2.19
N PRO A 51 11.11 -1.70 0.89
CA PRO A 51 11.27 -2.84 -0.09
C PRO A 51 12.47 -3.74 0.24
N SER A 52 13.39 -3.23 1.07
CA SER A 52 14.59 -3.97 1.43
C SER A 52 14.26 -5.27 2.14
N ILE A 53 13.22 -5.25 3.00
CA ILE A 53 12.82 -6.45 3.75
C ILE A 53 11.34 -6.84 3.54
N VAL A 54 10.59 -6.03 2.78
CA VAL A 54 9.17 -6.33 2.49
C VAL A 54 9.02 -6.93 1.08
N ASN A 55 8.30 -8.05 1.01
CA ASN A 55 8.04 -8.73 -0.26
C ASN A 55 6.70 -8.29 -0.83
N ALA A 56 6.58 -8.32 -2.16
CA ALA A 56 5.36 -7.91 -2.85
C ALA A 56 4.19 -8.79 -2.43
N ASN A 57 4.45 -10.10 -2.26
CA ASN A 57 3.39 -11.06 -1.91
C ASN A 57 2.73 -10.71 -0.57
N GLN A 58 3.49 -10.07 0.34
CA GLN A 58 2.96 -9.68 1.65
C GLN A 58 1.83 -8.66 1.49
N ILE A 59 2.03 -7.72 0.56
CA ILE A 59 1.04 -6.70 0.26
C ILE A 59 -0.23 -7.38 -0.29
N LYS A 60 -0.02 -8.37 -1.17
CA LYS A 60 -1.11 -9.11 -1.78
C LYS A 60 -1.92 -9.84 -0.71
N GLU A 61 -1.23 -10.39 0.30
CA GLU A 61 -1.92 -11.11 1.37
C GLU A 61 -2.85 -10.18 2.15
N LEU A 62 -2.36 -8.95 2.44
CA LEU A 62 -3.14 -7.97 3.19
C LEU A 62 -4.33 -7.45 2.37
N VAL A 63 -4.08 -7.19 1.08
CA VAL A 63 -5.12 -6.68 0.16
C VAL A 63 -5.37 -7.70 -1.00
N PRO A 64 -6.60 -8.26 -1.15
CA PRO A 64 -6.87 -9.29 -2.22
C PRO A 64 -6.43 -8.83 -3.61
N GLU A 65 -6.68 -7.56 -3.94
CA GLU A 65 -6.27 -7.01 -5.24
C GLU A 65 -5.75 -5.58 -5.10
N LEU A 66 -4.80 -5.21 -5.96
CA LEU A 66 -4.22 -3.87 -5.94
C LEU A 66 -3.75 -3.45 -7.33
N SER A 67 -3.55 -2.14 -7.53
CA SER A 67 -3.11 -1.62 -8.83
C SER A 67 -2.10 -0.45 -8.65
N LEU A 68 -1.74 0.20 -9.78
CA LEU A 68 -0.75 1.31 -9.78
C LEU A 68 0.69 0.74 -9.65
N ASP A 69 1.24 0.64 -8.42
CA ASP A 69 2.58 0.09 -8.23
C ASP A 69 2.54 -1.44 -8.17
N THR A 70 3.55 -2.08 -8.76
CA THR A 70 3.63 -3.54 -8.78
C THR A 70 5.01 -4.02 -8.32
N GLY A 71 5.07 -5.27 -7.87
CA GLY A 71 6.32 -5.86 -7.40
C GLY A 71 7.08 -6.53 -8.54
N THR A 72 8.15 -7.26 -8.20
CA THR A 72 8.96 -7.96 -9.19
C THR A 72 8.87 -9.47 -9.01
N LEU A 73 8.56 -10.18 -10.09
CA LEU A 73 8.44 -11.64 -10.07
C LEU A 73 9.81 -12.29 -9.95
N GLU A 74 9.83 -13.50 -9.37
CA GLU A 74 11.08 -14.24 -9.17
C GLU A 74 10.95 -15.68 -9.67
N LYS A 75 12.08 -16.26 -10.09
CA LYS A 75 12.10 -17.61 -10.63
C LYS A 75 11.81 -18.64 -9.53
N LYS A 76 11.04 -19.67 -9.90
CA LYS A 76 10.67 -20.74 -8.97
C LYS A 76 11.75 -21.83 -8.95
N ALA A 1 8.95 13.21 1.90
CA ALA A 1 9.70 12.07 1.31
C ALA A 1 11.04 11.92 2.03
N GLY A 2 11.21 10.79 2.73
CA GLY A 2 12.44 10.51 3.47
C GLY A 2 13.26 9.41 2.78
N HIS A 3 14.58 9.57 2.81
CA HIS A 3 15.49 8.58 2.19
C HIS A 3 15.39 7.23 2.89
N MET A 4 15.27 7.26 4.21
CA MET A 4 15.21 6.04 5.02
C MET A 4 14.02 5.12 4.64
N THR A 5 13.08 5.64 3.84
CA THR A 5 11.92 4.84 3.42
C THR A 5 11.48 5.18 1.98
N ASP A 6 10.87 4.19 1.31
CA ASP A 6 10.40 4.37 -0.06
C ASP A 6 8.88 4.47 -0.08
N THR A 7 8.37 5.58 -0.64
CA THR A 7 6.92 5.81 -0.72
C THR A 7 6.40 5.39 -2.09
N LEU A 8 5.46 4.43 -2.08
CA LEU A 8 4.84 3.93 -3.31
C LEU A 8 3.33 4.07 -3.23
N PHE A 9 2.70 4.32 -4.38
CA PHE A 9 1.24 4.48 -4.46
C PHE A 9 0.58 3.18 -4.90
N LEU A 10 -0.46 2.78 -4.14
CA LEU A 10 -1.20 1.55 -4.43
C LEU A 10 -2.69 1.83 -4.65
N THR A 11 -3.31 1.02 -5.50
CA THR A 11 -4.75 1.13 -5.78
C THR A 11 -5.45 -0.17 -5.38
N VAL A 12 -6.53 -0.04 -4.60
CA VAL A 12 -7.29 -1.21 -4.13
C VAL A 12 -8.22 -1.70 -5.24
N THR A 13 -8.09 -2.99 -5.58
CA THR A 13 -8.89 -3.61 -6.63
C THR A 13 -9.59 -4.88 -6.10
N ALA A 14 -10.88 -5.02 -6.46
CA ALA A 14 -11.69 -6.18 -6.03
C ALA A 14 -11.96 -6.13 -4.52
N SER A 15 -12.61 -5.05 -4.07
CA SER A 15 -12.96 -4.88 -2.66
C SER A 15 -14.23 -4.05 -2.52
N LEU A 16 -14.89 -4.17 -1.36
CA LEU A 16 -16.12 -3.43 -1.09
C LEU A 16 -15.82 -2.10 -0.40
N THR A 17 -14.90 -2.13 0.57
CA THR A 17 -14.53 -0.92 1.32
C THR A 17 -13.09 -0.98 1.80
N LEU A 18 -12.49 0.18 2.03
CA LEU A 18 -11.11 0.28 2.53
C LEU A 18 -11.02 1.29 3.72
N PRO A 19 -11.65 1.00 4.87
CA PRO A 19 -11.62 1.91 6.08
C PRO A 19 -10.19 2.17 6.55
N TRP A 20 -9.98 3.36 7.14
CA TRP A 20 -8.66 3.74 7.65
C TRP A 20 -8.14 2.70 8.66
N ASP A 21 -9.05 2.09 9.41
CA ASP A 21 -8.70 1.04 10.36
C ASP A 21 -8.19 -0.19 9.63
N HIS A 22 -8.82 -0.50 8.49
CA HIS A 22 -8.44 -1.65 7.67
C HIS A 22 -6.98 -1.52 7.20
N ILE A 23 -6.61 -0.33 6.68
CA ILE A 23 -5.24 -0.12 6.19
C ILE A 23 -4.22 -0.14 7.33
N GLN A 24 -4.64 0.35 8.51
CA GLN A 24 -3.80 0.30 9.71
C GLN A 24 -3.54 -1.16 10.08
N SER A 25 -4.59 -1.99 9.95
CA SER A 25 -4.49 -3.41 10.25
C SER A 25 -3.46 -4.08 9.34
N THR A 26 -3.51 -3.73 8.04
CA THR A 26 -2.57 -4.31 7.06
C THR A 26 -1.14 -3.85 7.34
N LEU A 27 -0.99 -2.57 7.76
CA LEU A 27 0.34 -2.03 8.07
C LEU A 27 0.96 -2.80 9.23
N LEU A 28 0.19 -2.94 10.30
CA LEU A 28 0.68 -3.66 11.50
C LEU A 28 0.94 -5.14 11.22
N LYS A 29 0.01 -5.79 10.49
CA LYS A 29 0.16 -7.22 10.18
C LYS A 29 1.35 -7.49 9.26
N THR A 30 1.54 -6.60 8.27
CA THR A 30 2.65 -6.74 7.33
C THR A 30 3.83 -5.88 7.77
N LYS A 31 4.99 -6.54 8.02
CA LYS A 31 6.20 -5.83 8.43
C LYS A 31 6.81 -5.07 7.28
N GLY A 32 7.48 -3.95 7.59
CA GLY A 32 8.12 -3.11 6.58
C GLY A 32 7.18 -2.02 6.03
N VAL A 33 5.99 -1.87 6.65
CA VAL A 33 5.04 -0.84 6.22
C VAL A 33 5.07 0.34 7.22
N THR A 34 5.67 1.44 6.78
CA THR A 34 5.85 2.63 7.61
C THR A 34 4.53 3.38 7.88
N ASP A 35 3.66 3.48 6.86
CA ASP A 35 2.42 4.26 6.99
C ASP A 35 1.40 3.91 5.91
N ILE A 36 0.16 4.36 6.15
CA ILE A 36 -0.96 4.14 5.20
C ILE A 36 -1.98 5.27 5.33
N LYS A 37 -2.35 5.88 4.18
CA LYS A 37 -3.31 6.99 4.18
C LYS A 37 -4.24 6.92 2.96
N ILE A 38 -5.55 7.01 3.22
CA ILE A 38 -6.59 6.98 2.17
C ILE A 38 -6.78 8.39 1.59
N TYR A 39 -6.84 8.49 0.25
CA TYR A 39 -7.04 9.78 -0.42
C TYR A 39 -8.39 9.78 -1.19
N PRO A 40 -9.09 10.95 -1.30
CA PRO A 40 -10.39 11.00 -2.04
C PRO A 40 -10.19 10.67 -3.52
N GLN A 41 -10.51 9.43 -3.87
CA GLN A 41 -10.40 8.95 -5.25
C GLN A 41 -11.15 7.62 -5.34
N LYS A 42 -11.10 6.98 -6.52
CA LYS A 42 -11.75 5.70 -6.66
C LYS A 42 -10.83 4.60 -6.14
N ARG A 43 -11.02 4.26 -4.85
CA ARG A 43 -10.24 3.20 -4.22
C ARG A 43 -8.72 3.42 -4.42
N THR A 44 -8.23 4.58 -4.00
CA THR A 44 -6.82 4.93 -4.13
C THR A 44 -6.22 5.31 -2.77
N VAL A 45 -5.09 4.68 -2.44
CA VAL A 45 -4.41 4.92 -1.16
C VAL A 45 -2.89 4.96 -1.34
N ALA A 46 -2.24 5.93 -0.67
CA ALA A 46 -0.79 6.06 -0.72
C ALA A 46 -0.18 5.38 0.49
N VAL A 47 0.89 4.61 0.27
CA VAL A 47 1.55 3.86 1.36
C VAL A 47 3.05 4.08 1.37
N THR A 48 3.62 4.07 2.58
CA THR A 48 5.06 4.20 2.76
C THR A 48 5.61 2.86 3.26
N ILE A 49 6.52 2.26 2.48
CA ILE A 49 7.11 0.97 2.84
C ILE A 49 8.62 0.93 2.59
N ILE A 50 9.30 -0.02 3.23
CA ILE A 50 10.75 -0.19 3.08
C ILE A 50 11.07 -1.49 2.25
N PRO A 51 11.64 -1.38 1.02
CA PRO A 51 11.93 -2.58 0.16
C PRO A 51 12.75 -3.65 0.89
N SER A 52 13.56 -3.22 1.86
CA SER A 52 14.45 -4.12 2.58
C SER A 52 13.70 -5.24 3.32
N ILE A 53 12.52 -4.91 3.90
CA ILE A 53 11.74 -5.93 4.66
C ILE A 53 10.24 -5.97 4.31
N VAL A 54 9.86 -5.36 3.17
CA VAL A 54 8.44 -5.40 2.73
C VAL A 54 8.28 -6.33 1.52
N ASN A 55 7.28 -7.22 1.56
CA ASN A 55 7.03 -8.16 0.47
C ASN A 55 5.70 -7.90 -0.23
N ALA A 56 5.68 -8.14 -1.54
CA ALA A 56 4.47 -7.96 -2.35
C ALA A 56 3.36 -8.91 -1.94
N ASN A 57 3.75 -10.14 -1.59
CA ASN A 57 2.78 -11.20 -1.24
C ASN A 57 1.94 -10.82 -0.02
N GLN A 58 2.56 -10.21 0.98
CA GLN A 58 1.85 -9.84 2.23
C GLN A 58 0.73 -8.85 1.94
N ILE A 59 1.02 -7.83 1.12
CA ILE A 59 0.01 -6.84 0.75
C ILE A 59 -1.01 -7.45 -0.20
N LYS A 60 -0.55 -8.34 -1.09
CA LYS A 60 -1.42 -9.05 -2.01
C LYS A 60 -2.42 -9.91 -1.24
N GLU A 61 -1.94 -10.54 -0.16
CA GLU A 61 -2.78 -11.41 0.67
C GLU A 61 -3.93 -10.60 1.29
N LEU A 62 -3.64 -9.39 1.79
CA LEU A 62 -4.66 -8.56 2.45
C LEU A 62 -5.76 -8.10 1.47
N VAL A 63 -5.36 -7.64 0.27
CA VAL A 63 -6.33 -7.20 -0.75
C VAL A 63 -6.30 -8.15 -1.99
N PRO A 64 -7.46 -8.70 -2.43
CA PRO A 64 -7.50 -9.69 -3.57
C PRO A 64 -6.76 -9.18 -4.82
N GLU A 65 -6.95 -7.89 -5.16
CA GLU A 65 -6.26 -7.30 -6.31
C GLU A 65 -5.76 -5.91 -5.99
N LEU A 66 -4.64 -5.51 -6.63
CA LEU A 66 -4.05 -4.19 -6.40
C LEU A 66 -3.12 -3.79 -7.54
N SER A 67 -2.92 -2.47 -7.69
CA SER A 67 -2.03 -1.91 -8.70
C SER A 67 -1.02 -0.97 -8.05
N LEU A 68 0.17 -0.84 -8.66
CA LEU A 68 1.23 0.01 -8.10
C LEU A 68 1.90 0.85 -9.19
N ASP A 69 2.34 2.06 -8.82
CA ASP A 69 3.03 2.95 -9.76
C ASP A 69 4.38 2.36 -10.17
N THR A 70 4.79 2.63 -11.41
CA THR A 70 6.05 2.12 -11.94
C THR A 70 7.25 2.69 -11.17
N GLY A 71 8.16 1.81 -10.75
CA GLY A 71 9.36 2.23 -10.02
C GLY A 71 10.52 1.28 -10.31
N THR A 72 11.75 1.82 -10.23
CA THR A 72 12.95 1.02 -10.50
C THR A 72 13.97 1.18 -9.35
N LEU A 73 14.46 0.04 -8.84
CA LEU A 73 15.45 0.04 -7.77
C LEU A 73 16.85 0.28 -8.33
N GLU A 74 17.68 1.01 -7.58
CA GLU A 74 19.05 1.32 -8.01
C GLU A 74 20.07 0.84 -6.99
N LYS A 75 21.22 0.39 -7.49
CA LYS A 75 22.31 -0.11 -6.64
C LYS A 75 22.84 1.02 -5.73
N LYS A 76 22.97 0.72 -4.45
CA LYS A 76 23.47 1.69 -3.47
C LYS A 76 22.64 2.98 -3.51
N ALA A 1 17.69 14.80 6.52
CA ALA A 1 16.86 13.67 7.01
C ALA A 1 16.93 12.52 6.02
N GLY A 2 17.44 11.37 6.49
CA GLY A 2 17.56 10.17 5.66
C GLY A 2 16.20 9.58 5.34
N HIS A 3 16.10 8.84 4.24
CA HIS A 3 14.84 8.22 3.83
C HIS A 3 14.87 6.71 4.03
N MET A 4 14.36 6.26 5.19
CA MET A 4 14.32 4.84 5.52
C MET A 4 13.41 4.06 4.58
N THR A 5 12.27 4.69 4.22
CA THR A 5 11.28 4.05 3.33
C THR A 5 10.89 4.98 2.19
N ASP A 6 10.32 4.40 1.13
CA ASP A 6 9.90 5.17 -0.04
C ASP A 6 8.39 5.21 -0.16
N THR A 7 7.85 6.36 -0.59
CA THR A 7 6.40 6.53 -0.76
C THR A 7 5.95 5.92 -2.09
N LEU A 8 4.84 5.16 -2.04
CA LEU A 8 4.29 4.51 -3.23
C LEU A 8 2.80 4.77 -3.37
N PHE A 9 2.34 4.86 -4.64
CA PHE A 9 0.92 5.08 -4.92
C PHE A 9 0.24 3.76 -5.27
N LEU A 10 -0.81 3.43 -4.51
CA LEU A 10 -1.55 2.19 -4.71
C LEU A 10 -3.04 2.47 -4.90
N THR A 11 -3.69 1.60 -5.69
CA THR A 11 -5.14 1.69 -5.91
C THR A 11 -5.80 0.43 -5.36
N VAL A 12 -6.91 0.62 -4.63
CA VAL A 12 -7.59 -0.50 -3.99
C VAL A 12 -8.38 -1.34 -4.99
N THR A 13 -7.96 -2.60 -5.13
CA THR A 13 -8.62 -3.56 -6.03
C THR A 13 -8.95 -4.84 -5.26
N ALA A 14 -10.21 -5.30 -5.39
CA ALA A 14 -10.67 -6.51 -4.71
C ALA A 14 -10.34 -6.47 -3.21
N SER A 15 -10.81 -5.41 -2.55
CA SER A 15 -10.57 -5.22 -1.11
C SER A 15 -11.60 -5.96 -0.23
N LEU A 16 -12.56 -6.66 -0.88
CA LEU A 16 -13.61 -7.40 -0.16
C LEU A 16 -14.45 -6.45 0.72
N THR A 17 -14.66 -5.22 0.22
CA THR A 17 -15.45 -4.21 0.93
C THR A 17 -15.01 -4.08 2.40
N LEU A 18 -13.87 -3.41 2.62
CA LEU A 18 -13.35 -3.21 3.97
C LEU A 18 -12.96 -1.73 4.21
N PRO A 19 -13.08 -1.21 5.45
CA PRO A 19 -12.73 0.20 5.78
C PRO A 19 -11.21 0.41 5.93
N TRP A 20 -10.79 1.67 5.93
CA TRP A 20 -9.38 2.02 6.08
C TRP A 20 -8.79 1.48 7.39
N ASP A 21 -9.64 1.37 8.43
CA ASP A 21 -9.20 0.87 9.73
C ASP A 21 -8.67 -0.56 9.61
N HIS A 22 -9.44 -1.41 8.92
CA HIS A 22 -9.04 -2.80 8.69
C HIS A 22 -7.77 -2.87 7.83
N ILE A 23 -7.70 -1.99 6.82
CA ILE A 23 -6.52 -1.93 5.95
C ILE A 23 -5.28 -1.57 6.80
N GLN A 24 -5.47 -0.59 7.69
CA GLN A 24 -4.41 -0.15 8.60
C GLN A 24 -3.99 -1.31 9.49
N SER A 25 -4.97 -2.11 9.95
CA SER A 25 -4.68 -3.24 10.84
C SER A 25 -3.78 -4.27 10.14
N THR A 26 -4.10 -4.61 8.88
CA THR A 26 -3.32 -5.60 8.13
C THR A 26 -1.95 -5.04 7.71
N LEU A 27 -1.92 -3.78 7.28
CA LEU A 27 -0.67 -3.13 6.86
C LEU A 27 0.26 -2.94 8.07
N LEU A 28 -0.34 -2.49 9.17
CA LEU A 28 0.40 -2.27 10.42
C LEU A 28 0.95 -3.60 10.96
N LYS A 29 0.15 -4.66 10.83
CA LYS A 29 0.54 -5.98 11.33
C LYS A 29 1.79 -6.48 10.58
N THR A 30 1.82 -6.30 9.26
CA THR A 30 2.98 -6.70 8.46
C THR A 30 4.17 -5.78 8.73
N LYS A 31 5.37 -6.36 8.71
CA LYS A 31 6.60 -5.60 8.93
C LYS A 31 7.09 -4.94 7.66
N GLY A 32 7.81 -3.82 7.81
CA GLY A 32 8.38 -3.11 6.66
C GLY A 32 7.42 -2.07 6.05
N VAL A 33 6.26 -1.84 6.71
CA VAL A 33 5.29 -0.85 6.22
C VAL A 33 5.28 0.38 7.15
N THR A 34 5.74 1.52 6.61
CA THR A 34 5.79 2.76 7.37
C THR A 34 4.37 3.23 7.75
N ASP A 35 3.46 3.26 6.76
CA ASP A 35 2.07 3.71 7.01
C ASP A 35 1.16 3.54 5.79
N ILE A 36 -0.15 3.62 6.03
CA ILE A 36 -1.17 3.53 4.97
C ILE A 36 -2.25 4.57 5.22
N LYS A 37 -2.48 5.46 4.24
CA LYS A 37 -3.51 6.49 4.36
C LYS A 37 -4.19 6.74 3.01
N ILE A 38 -5.52 6.75 3.01
CA ILE A 38 -6.30 7.02 1.80
C ILE A 38 -6.34 8.53 1.51
N TYR A 39 -6.33 8.91 0.22
CA TYR A 39 -6.35 10.34 -0.16
C TYR A 39 -7.49 10.63 -1.16
N PRO A 40 -8.03 11.87 -1.19
CA PRO A 40 -9.15 12.24 -2.12
C PRO A 40 -8.75 12.00 -3.58
N GLN A 41 -9.24 10.89 -4.13
CA GLN A 41 -8.98 10.53 -5.52
C GLN A 41 -9.93 9.37 -5.86
N LYS A 42 -9.76 8.77 -7.05
CA LYS A 42 -10.61 7.66 -7.41
C LYS A 42 -10.05 6.36 -6.83
N ARG A 43 -10.54 6.01 -5.62
CA ARG A 43 -10.15 4.76 -4.96
C ARG A 43 -8.62 4.57 -4.95
N THR A 44 -7.89 5.62 -4.51
CA THR A 44 -6.42 5.57 -4.46
C THR A 44 -5.91 5.90 -3.05
N VAL A 45 -4.98 5.08 -2.57
CA VAL A 45 -4.39 5.24 -1.25
C VAL A 45 -2.85 5.32 -1.35
N ALA A 46 -2.27 6.28 -0.63
CA ALA A 46 -0.81 6.45 -0.61
C ALA A 46 -0.20 5.65 0.53
N VAL A 47 0.76 4.78 0.21
CA VAL A 47 1.39 3.93 1.23
C VAL A 47 2.92 4.03 1.14
N THR A 48 3.55 4.22 2.31
CA THR A 48 5.01 4.29 2.40
C THR A 48 5.54 2.98 2.96
N ILE A 49 6.39 2.29 2.16
CA ILE A 49 6.94 1.00 2.56
C ILE A 49 8.39 0.83 2.11
N ILE A 50 9.07 -0.16 2.69
CA ILE A 50 10.44 -0.50 2.32
C ILE A 50 10.46 -1.94 1.68
N PRO A 51 10.54 -2.06 0.33
CA PRO A 51 10.51 -3.40 -0.36
C PRO A 51 11.70 -4.30 0.00
N SER A 52 12.80 -3.67 0.42
CA SER A 52 14.02 -4.39 0.77
C SER A 52 13.79 -5.33 1.96
N ILE A 53 12.97 -4.89 2.92
CA ILE A 53 12.70 -5.68 4.14
C ILE A 53 11.47 -6.59 3.95
N VAL A 54 10.42 -6.04 3.32
CA VAL A 54 9.17 -6.79 3.13
C VAL A 54 8.75 -6.82 1.66
N ASN A 55 8.13 -7.93 1.25
CA ASN A 55 7.67 -8.11 -0.13
C ASN A 55 6.17 -7.83 -0.22
N ALA A 56 5.75 -7.33 -1.39
CA ALA A 56 4.35 -7.00 -1.63
C ALA A 56 3.45 -8.23 -1.51
N ASN A 57 3.95 -9.38 -1.96
CA ASN A 57 3.17 -10.63 -1.98
C ASN A 57 2.45 -10.88 -0.64
N GLN A 58 3.15 -10.67 0.47
CA GLN A 58 2.56 -10.89 1.80
C GLN A 58 1.41 -9.89 2.07
N ILE A 59 1.64 -8.64 1.67
CA ILE A 59 0.65 -7.59 1.87
C ILE A 59 -0.64 -7.93 1.13
N LYS A 60 -0.50 -8.34 -0.14
CA LYS A 60 -1.66 -8.71 -0.95
C LYS A 60 -2.34 -9.98 -0.40
N GLU A 61 -1.56 -10.85 0.28
CA GLU A 61 -2.12 -12.07 0.87
C GLU A 61 -3.16 -11.75 1.95
N LEU A 62 -2.88 -10.72 2.78
CA LEU A 62 -3.85 -10.33 3.83
C LEU A 62 -5.14 -9.80 3.19
N VAL A 63 -4.96 -9.00 2.14
CA VAL A 63 -6.07 -8.45 1.37
C VAL A 63 -5.59 -8.23 -0.08
N PRO A 64 -6.29 -8.73 -1.13
CA PRO A 64 -5.81 -8.62 -2.55
C PRO A 64 -5.18 -7.24 -2.84
N GLU A 65 -6.01 -6.17 -2.89
CA GLU A 65 -5.55 -4.77 -3.06
C GLU A 65 -4.18 -4.68 -3.87
N LEU A 66 -3.32 -3.69 -3.52
CA LEU A 66 -2.00 -3.55 -4.15
C LEU A 66 -2.07 -3.54 -5.70
N SER A 67 -2.76 -2.52 -6.26
CA SER A 67 -2.81 -2.38 -7.73
C SER A 67 -1.40 -2.12 -8.28
N LEU A 68 -0.52 -1.54 -7.44
CA LEU A 68 0.87 -1.25 -7.82
C LEU A 68 0.93 -0.27 -9.00
N ASP A 69 1.00 1.04 -8.67
CA ASP A 69 1.06 2.08 -9.71
C ASP A 69 2.51 2.26 -10.18
N THR A 70 2.78 1.80 -11.41
CA THR A 70 4.12 1.92 -12.01
C THR A 70 4.03 2.49 -13.42
N GLY A 71 5.17 3.00 -13.91
CA GLY A 71 5.23 3.60 -15.25
C GLY A 71 5.87 2.63 -16.24
N THR A 72 5.33 2.60 -17.46
CA THR A 72 5.83 1.72 -18.52
C THR A 72 6.05 2.50 -19.81
N LEU A 73 6.85 1.93 -20.72
CA LEU A 73 7.16 2.58 -22.00
C LEU A 73 6.59 1.78 -23.17
N GLU A 74 6.02 2.49 -24.14
CA GLU A 74 5.43 1.85 -25.33
C GLU A 74 6.53 1.47 -26.32
N LYS A 75 6.21 0.52 -27.21
CA LYS A 75 7.17 0.05 -28.22
C LYS A 75 7.59 1.21 -29.14
N LYS A 76 6.63 2.07 -29.48
CA LYS A 76 6.89 3.22 -30.34
C LYS A 76 7.63 4.31 -29.58
N ALA A 1 9.98 11.65 4.65
CA ALA A 1 10.71 12.90 4.30
C ALA A 1 12.18 12.58 4.08
N GLY A 2 12.82 12.01 5.11
CA GLY A 2 14.23 11.65 5.03
C GLY A 2 14.42 10.30 4.34
N HIS A 3 15.67 9.85 4.23
CA HIS A 3 15.99 8.58 3.59
C HIS A 3 15.91 7.45 4.63
N MET A 4 14.92 6.57 4.46
CA MET A 4 14.74 5.44 5.37
C MET A 4 13.68 4.47 4.82
N THR A 5 12.62 5.02 4.24
CA THR A 5 11.54 4.21 3.66
C THR A 5 11.20 4.71 2.26
N ASP A 6 10.55 3.84 1.46
CA ASP A 6 10.16 4.19 0.09
C ASP A 6 8.66 4.39 -0.01
N THR A 7 8.25 5.51 -0.65
CA THR A 7 6.83 5.82 -0.82
C THR A 7 6.26 5.11 -2.05
N LEU A 8 5.19 4.33 -1.84
CA LEU A 8 4.56 3.57 -2.91
C LEU A 8 3.07 3.96 -3.03
N PHE A 9 2.66 4.33 -4.24
CA PHE A 9 1.27 4.68 -4.51
C PHE A 9 0.53 3.51 -5.15
N LEU A 10 -0.40 2.92 -4.39
CA LEU A 10 -1.16 1.76 -4.85
C LEU A 10 -2.65 1.91 -4.58
N THR A 11 -3.47 1.27 -5.42
CA THR A 11 -4.92 1.31 -5.25
C THR A 11 -5.37 0.05 -4.51
N VAL A 12 -6.46 0.18 -3.74
CA VAL A 12 -6.97 -0.94 -2.93
C VAL A 12 -8.42 -1.26 -3.29
N THR A 13 -8.65 -2.54 -3.62
CA THR A 13 -10.00 -3.02 -3.92
C THR A 13 -10.37 -4.14 -2.93
N ALA A 14 -11.52 -3.97 -2.27
CA ALA A 14 -12.00 -4.93 -1.28
C ALA A 14 -13.50 -4.72 -1.00
N SER A 15 -14.16 -5.79 -0.54
CA SER A 15 -15.59 -5.74 -0.23
C SER A 15 -15.85 -5.94 1.29
N LEU A 16 -14.82 -5.70 2.11
CA LEU A 16 -14.92 -5.88 3.56
C LEU A 16 -15.38 -4.61 4.30
N THR A 17 -15.82 -3.59 3.54
CA THR A 17 -16.29 -2.31 4.12
C THR A 17 -15.18 -1.64 4.93
N LEU A 18 -15.28 -0.31 5.09
CA LEU A 18 -14.25 0.46 5.81
C LEU A 18 -12.81 0.06 5.31
N PRO A 19 -12.52 0.22 3.99
CA PRO A 19 -11.20 -0.23 3.42
C PRO A 19 -9.99 0.37 4.13
N TRP A 20 -10.04 1.68 4.43
CA TRP A 20 -8.90 2.36 5.08
C TRP A 20 -8.57 1.77 6.45
N ASP A 21 -9.60 1.44 7.22
CA ASP A 21 -9.41 0.85 8.54
C ASP A 21 -8.83 -0.56 8.42
N HIS A 22 -9.37 -1.32 7.47
CA HIS A 22 -8.95 -2.70 7.23
C HIS A 22 -7.47 -2.77 6.82
N ILE A 23 -7.07 -1.90 5.88
CA ILE A 23 -5.68 -1.91 5.40
C ILE A 23 -4.73 -1.33 6.43
N GLN A 24 -5.18 -0.29 7.15
CA GLN A 24 -4.36 0.34 8.18
C GLN A 24 -4.05 -0.66 9.29
N SER A 25 -5.08 -1.43 9.69
CA SER A 25 -4.92 -2.43 10.75
C SER A 25 -3.95 -3.54 10.32
N THR A 26 -4.14 -4.05 9.10
CA THR A 26 -3.32 -5.15 8.60
C THR A 26 -1.88 -4.73 8.32
N LEU A 27 -1.73 -3.53 7.73
CA LEU A 27 -0.40 -3.01 7.39
C LEU A 27 0.42 -2.77 8.65
N LEU A 28 -0.23 -2.24 9.68
CA LEU A 28 0.42 -2.00 10.98
C LEU A 28 0.86 -3.33 11.60
N LYS A 29 0.03 -4.37 11.44
CA LYS A 29 0.33 -5.69 12.01
C LYS A 29 1.60 -6.28 11.37
N THR A 30 1.72 -6.18 10.03
CA THR A 30 2.89 -6.69 9.32
C THR A 30 4.10 -5.75 9.50
N LYS A 31 5.28 -6.35 9.70
CA LYS A 31 6.51 -5.58 9.89
C LYS A 31 7.04 -5.05 8.56
N GLY A 32 7.77 -3.93 8.62
CA GLY A 32 8.36 -3.32 7.41
C GLY A 32 7.46 -2.23 6.79
N VAL A 33 6.23 -2.10 7.30
CA VAL A 33 5.29 -1.09 6.79
C VAL A 33 5.20 0.07 7.79
N THR A 34 5.75 1.23 7.40
CA THR A 34 5.78 2.41 8.27
C THR A 34 4.35 2.93 8.53
N ASP A 35 3.56 3.11 7.46
CA ASP A 35 2.18 3.64 7.60
C ASP A 35 1.47 3.69 6.25
N ILE A 36 0.13 3.85 6.29
CA ILE A 36 -0.67 3.99 5.08
C ILE A 36 -1.82 4.99 5.30
N LYS A 37 -2.09 5.79 4.26
CA LYS A 37 -3.16 6.78 4.30
C LYS A 37 -3.97 6.74 3.01
N ILE A 38 -5.26 6.99 3.12
CA ILE A 38 -6.16 7.00 1.96
C ILE A 38 -6.48 8.44 1.54
N TYR A 39 -6.60 8.67 0.23
CA TYR A 39 -6.88 10.01 -0.30
C TYR A 39 -8.17 10.02 -1.14
N PRO A 40 -8.89 11.17 -1.23
CA PRO A 40 -10.14 11.23 -2.03
C PRO A 40 -9.86 11.00 -3.51
N GLN A 41 -10.05 9.75 -3.91
CA GLN A 41 -9.84 9.32 -5.28
C GLN A 41 -10.40 7.94 -5.43
N LYS A 42 -10.67 7.51 -6.67
CA LYS A 42 -11.24 6.19 -6.87
C LYS A 42 -10.32 5.10 -6.31
N ARG A 43 -10.57 4.72 -5.05
CA ARG A 43 -9.85 3.62 -4.39
C ARG A 43 -8.32 3.75 -4.55
N THR A 44 -7.75 4.90 -4.17
CA THR A 44 -6.30 5.11 -4.24
C THR A 44 -5.73 5.52 -2.87
N VAL A 45 -4.67 4.83 -2.46
CA VAL A 45 -4.04 5.07 -1.17
C VAL A 45 -2.52 5.23 -1.32
N ALA A 46 -1.92 6.02 -0.42
CA ALA A 46 -0.47 6.22 -0.40
C ALA A 46 0.11 5.53 0.83
N VAL A 47 1.17 4.76 0.63
CA VAL A 47 1.78 4.00 1.73
C VAL A 47 3.30 4.16 1.76
N THR A 48 3.84 4.30 2.98
CA THR A 48 5.29 4.36 3.20
C THR A 48 5.79 3.02 3.71
N ILE A 49 6.50 2.30 2.85
CA ILE A 49 6.95 0.93 3.14
C ILE A 49 8.36 0.69 2.57
N ILE A 50 9.14 -0.19 3.24
CA ILE A 50 10.50 -0.51 2.78
C ILE A 50 10.50 -1.87 1.96
N PRO A 51 10.67 -1.83 0.62
CA PRO A 51 10.64 -3.08 -0.24
C PRO A 51 11.66 -4.14 0.18
N SER A 52 12.79 -3.70 0.73
CA SER A 52 13.87 -4.62 1.10
C SER A 52 13.43 -5.65 2.14
N ILE A 53 12.54 -5.24 3.05
CA ILE A 53 12.04 -6.15 4.09
C ILE A 53 10.72 -6.82 3.67
N VAL A 54 9.83 -6.04 3.02
CA VAL A 54 8.52 -6.56 2.60
C VAL A 54 8.38 -6.53 1.08
N ASN A 55 7.94 -7.66 0.52
CA ASN A 55 7.72 -7.78 -0.92
C ASN A 55 6.29 -7.42 -1.28
N ALA A 56 6.05 -7.17 -2.56
CA ALA A 56 4.72 -6.80 -3.06
C ALA A 56 3.70 -7.89 -2.77
N ASN A 57 4.13 -9.16 -2.89
CA ASN A 57 3.23 -10.30 -2.68
C ASN A 57 2.65 -10.29 -1.27
N GLN A 58 3.46 -9.93 -0.28
CA GLN A 58 3.02 -9.88 1.12
C GLN A 58 1.90 -8.85 1.28
N ILE A 59 2.05 -7.71 0.59
CA ILE A 59 1.04 -6.65 0.63
C ILE A 59 -0.28 -7.21 0.06
N LYS A 60 -0.16 -7.98 -1.02
CA LYS A 60 -1.32 -8.61 -1.65
C LYS A 60 -2.02 -9.54 -0.64
N GLU A 61 -1.22 -10.23 0.19
CA GLU A 61 -1.77 -11.15 1.19
C GLU A 61 -2.69 -10.39 2.17
N LEU A 62 -2.25 -9.19 2.60
CA LEU A 62 -3.02 -8.38 3.56
C LEU A 62 -4.35 -7.87 2.97
N VAL A 63 -4.31 -7.40 1.72
CA VAL A 63 -5.53 -6.85 1.05
C VAL A 63 -5.96 -7.73 -0.15
N PRO A 64 -7.25 -8.17 -0.24
CA PRO A 64 -7.70 -9.11 -1.34
C PRO A 64 -7.31 -8.65 -2.74
N GLU A 65 -7.48 -7.34 -3.05
CA GLU A 65 -7.13 -6.83 -4.38
C GLU A 65 -6.43 -5.47 -4.31
N LEU A 66 -5.51 -5.24 -5.26
CA LEU A 66 -4.76 -3.97 -5.33
C LEU A 66 -4.08 -3.82 -6.70
N SER A 67 -3.49 -2.64 -6.92
CA SER A 67 -2.76 -2.36 -8.16
C SER A 67 -1.69 -1.30 -7.92
N LEU A 68 -0.56 -1.44 -8.61
CA LEU A 68 0.57 -0.51 -8.44
C LEU A 68 0.54 0.58 -9.51
N ASP A 69 0.88 1.81 -9.10
CA ASP A 69 0.92 2.93 -10.01
C ASP A 69 2.00 2.74 -11.07
N THR A 70 1.61 2.88 -12.34
CA THR A 70 2.54 2.70 -13.45
C THR A 70 3.70 3.71 -13.37
N GLY A 71 3.36 4.97 -13.08
CA GLY A 71 4.35 6.04 -12.98
C GLY A 71 4.04 7.15 -13.98
N THR A 72 5.10 7.82 -14.47
CA THR A 72 4.94 8.90 -15.44
C THR A 72 5.79 8.65 -16.68
N LEU A 73 5.34 9.21 -17.81
CA LEU A 73 6.03 9.05 -19.09
C LEU A 73 7.43 9.69 -19.06
N GLU A 74 7.52 10.88 -18.44
CA GLU A 74 8.77 11.63 -18.38
C GLU A 74 9.92 10.80 -17.81
N LYS A 75 11.06 10.81 -18.50
CA LYS A 75 12.25 10.07 -18.07
C LYS A 75 13.35 11.05 -17.68
N LYS A 76 13.84 10.95 -16.43
CA LYS A 76 14.91 11.82 -15.91
C LYS A 76 15.15 11.55 -14.42
N ALA A 1 9.58 14.80 6.20
CA ALA A 1 9.50 13.42 5.65
C ALA A 1 10.91 12.81 5.61
N GLY A 2 11.07 11.68 6.29
CA GLY A 2 12.36 10.99 6.34
C GLY A 2 12.69 10.35 4.99
N HIS A 3 13.99 10.17 4.73
CA HIS A 3 14.46 9.56 3.47
C HIS A 3 14.91 8.10 3.67
N MET A 4 14.62 7.52 4.85
CA MET A 4 15.01 6.13 5.16
C MET A 4 13.95 5.12 4.66
N THR A 5 12.82 5.62 4.15
CA THR A 5 11.74 4.76 3.66
C THR A 5 11.31 5.17 2.26
N ASP A 6 10.62 4.27 1.55
CA ASP A 6 10.16 4.54 0.19
C ASP A 6 8.67 4.83 0.17
N THR A 7 8.27 5.83 -0.62
CA THR A 7 6.87 6.21 -0.74
C THR A 7 6.32 5.76 -2.09
N LEU A 8 5.25 4.94 -2.04
CA LEU A 8 4.62 4.41 -3.25
C LEU A 8 3.12 4.69 -3.24
N PHE A 9 2.57 4.91 -4.43
CA PHE A 9 1.13 5.14 -4.59
C PHE A 9 0.46 3.85 -5.04
N LEU A 10 -0.51 3.37 -4.25
CA LEU A 10 -1.16 2.09 -4.54
C LEU A 10 -2.68 2.22 -4.55
N THR A 11 -3.30 1.54 -5.51
CA THR A 11 -4.77 1.51 -5.64
C THR A 11 -5.26 0.12 -5.21
N VAL A 12 -6.23 0.10 -4.28
CA VAL A 12 -6.74 -1.18 -3.74
C VAL A 12 -8.26 -1.24 -3.78
N THR A 13 -8.78 -2.46 -3.93
CA THR A 13 -10.23 -2.69 -3.93
C THR A 13 -10.57 -3.80 -2.93
N ALA A 14 -11.61 -3.52 -2.13
CA ALA A 14 -12.08 -4.45 -1.11
C ALA A 14 -13.60 -4.31 -0.92
N SER A 15 -14.23 -5.39 -0.48
CA SER A 15 -15.69 -5.41 -0.26
C SER A 15 -16.11 -4.42 0.81
N LEU A 16 -15.29 -4.31 1.87
CA LEU A 16 -15.60 -3.46 3.00
C LEU A 16 -15.94 -2.04 2.56
N THR A 17 -16.98 -1.47 3.17
CA THR A 17 -17.42 -0.10 2.86
C THR A 17 -16.42 0.95 3.34
N LEU A 18 -15.66 0.61 4.41
CA LEU A 18 -14.67 1.51 4.98
C LEU A 18 -13.30 0.78 5.08
N PRO A 19 -12.57 0.65 3.94
CA PRO A 19 -11.27 -0.11 3.92
C PRO A 19 -10.12 0.60 4.64
N TRP A 20 -10.27 1.91 4.90
CA TRP A 20 -9.19 2.69 5.50
C TRP A 20 -8.67 2.05 6.81
N ASP A 21 -9.58 1.56 7.66
CA ASP A 21 -9.18 0.89 8.91
C ASP A 21 -8.63 -0.51 8.66
N HIS A 22 -9.24 -1.21 7.69
CA HIS A 22 -8.83 -2.57 7.34
C HIS A 22 -7.40 -2.59 6.83
N ILE A 23 -7.09 -1.67 5.90
CA ILE A 23 -5.76 -1.56 5.33
C ILE A 23 -4.74 -1.14 6.41
N GLN A 24 -5.14 -0.16 7.24
CA GLN A 24 -4.28 0.32 8.31
C GLN A 24 -3.96 -0.80 9.30
N SER A 25 -4.98 -1.60 9.64
CA SER A 25 -4.82 -2.71 10.57
C SER A 25 -3.96 -3.82 9.96
N THR A 26 -4.15 -4.09 8.66
CA THR A 26 -3.41 -5.14 7.98
C THR A 26 -1.94 -4.77 7.74
N LEU A 27 -1.71 -3.57 7.22
CA LEU A 27 -0.34 -3.10 6.96
C LEU A 27 0.44 -2.93 8.25
N LEU A 28 -0.25 -2.40 9.27
CA LEU A 28 0.35 -2.21 10.59
C LEU A 28 0.75 -3.55 11.18
N LYS A 29 -0.12 -4.56 10.99
CA LYS A 29 0.14 -5.90 11.50
C LYS A 29 1.37 -6.49 10.81
N THR A 30 1.46 -6.29 9.48
CA THR A 30 2.60 -6.77 8.70
C THR A 30 3.80 -5.84 8.91
N LYS A 31 4.94 -6.43 9.29
CA LYS A 31 6.17 -5.65 9.54
C LYS A 31 6.80 -5.19 8.22
N GLY A 32 7.52 -4.06 8.29
CA GLY A 32 8.19 -3.51 7.11
C GLY A 32 7.39 -2.37 6.44
N VAL A 33 6.32 -1.90 7.09
CA VAL A 33 5.50 -0.81 6.54
C VAL A 33 5.66 0.46 7.39
N THR A 34 6.15 1.54 6.76
CA THR A 34 6.35 2.80 7.46
C THR A 34 5.00 3.39 7.92
N ASP A 35 4.02 3.42 6.99
CA ASP A 35 2.67 3.96 7.30
C ASP A 35 1.76 3.86 6.07
N ILE A 36 0.45 4.00 6.30
CA ILE A 36 -0.54 3.96 5.21
C ILE A 36 -1.63 5.03 5.45
N LYS A 37 -1.96 5.78 4.39
CA LYS A 37 -2.99 6.83 4.48
C LYS A 37 -3.82 6.90 3.20
N ILE A 38 -5.15 6.92 3.36
CA ILE A 38 -6.08 6.99 2.23
C ILE A 38 -6.19 8.45 1.73
N TYR A 39 -6.34 8.61 0.40
CA TYR A 39 -6.45 9.94 -0.20
C TYR A 39 -7.71 10.06 -1.09
N PRO A 40 -8.26 11.28 -1.31
CA PRO A 40 -9.49 11.45 -2.15
C PRO A 40 -9.26 11.04 -3.59
N GLN A 41 -9.67 9.81 -3.90
CA GLN A 41 -9.54 9.25 -5.23
C GLN A 41 -10.43 8.02 -5.32
N LYS A 42 -10.44 7.33 -6.46
CA LYS A 42 -11.24 6.13 -6.58
C LYS A 42 -10.54 4.96 -5.89
N ARG A 43 -10.86 4.78 -4.60
CA ARG A 43 -10.29 3.68 -3.81
C ARG A 43 -8.75 3.60 -3.98
N THR A 44 -8.09 4.73 -3.73
CA THR A 44 -6.62 4.82 -3.87
C THR A 44 -6.00 5.30 -2.55
N VAL A 45 -4.98 4.55 -2.11
CA VAL A 45 -4.29 4.83 -0.86
C VAL A 45 -2.78 4.91 -1.10
N ALA A 46 -2.14 5.95 -0.54
CA ALA A 46 -0.69 6.11 -0.67
C ALA A 46 0.00 5.34 0.43
N VAL A 47 0.92 4.45 0.03
CA VAL A 47 1.60 3.57 0.98
C VAL A 47 3.12 3.77 0.95
N THR A 48 3.69 3.98 2.15
CA THR A 48 5.14 4.13 2.30
C THR A 48 5.70 2.89 3.02
N ILE A 49 6.55 2.13 2.32
CA ILE A 49 7.12 0.90 2.87
C ILE A 49 8.61 0.76 2.56
N ILE A 50 9.23 -0.22 3.21
CA ILE A 50 10.65 -0.55 2.99
C ILE A 50 10.77 -1.95 2.31
N PRO A 51 11.03 -2.02 0.98
CA PRO A 51 11.08 -3.34 0.24
C PRO A 51 12.05 -4.35 0.86
N SER A 52 13.13 -3.86 1.46
CA SER A 52 14.16 -4.73 2.04
C SER A 52 13.59 -5.65 3.12
N ILE A 53 12.66 -5.13 3.94
CA ILE A 53 12.05 -5.91 5.02
C ILE A 53 10.79 -6.67 4.55
N VAL A 54 9.97 -6.00 3.73
CA VAL A 54 8.71 -6.60 3.25
C VAL A 54 8.64 -6.60 1.72
N ASN A 55 8.13 -7.71 1.17
CA ASN A 55 7.99 -7.88 -0.27
C ASN A 55 6.54 -7.64 -0.71
N ALA A 56 6.33 -7.60 -2.03
CA ALA A 56 5.02 -7.34 -2.61
C ALA A 56 3.97 -8.40 -2.22
N ASN A 57 4.38 -9.66 -2.17
CA ASN A 57 3.44 -10.76 -1.88
C ASN A 57 2.73 -10.61 -0.53
N GLN A 58 3.40 -9.96 0.45
CA GLN A 58 2.80 -9.74 1.78
C GLN A 58 1.56 -8.85 1.70
N ILE A 59 1.65 -7.77 0.91
CA ILE A 59 0.50 -6.87 0.74
C ILE A 59 -0.56 -7.48 -0.17
N LYS A 60 -0.11 -8.38 -1.07
CA LYS A 60 -1.02 -9.11 -1.94
C LYS A 60 -1.94 -9.97 -1.10
N GLU A 61 -1.38 -10.60 -0.04
CA GLU A 61 -2.17 -11.47 0.84
C GLU A 61 -3.16 -10.66 1.70
N LEU A 62 -2.68 -9.53 2.25
CA LEU A 62 -3.52 -8.70 3.14
C LEU A 62 -4.69 -8.03 2.39
N VAL A 63 -4.41 -7.52 1.18
CA VAL A 63 -5.43 -6.77 0.40
C VAL A 63 -6.07 -7.68 -0.70
N PRO A 64 -7.44 -7.84 -0.72
CA PRO A 64 -8.12 -8.70 -1.75
C PRO A 64 -7.72 -8.33 -3.18
N GLU A 65 -7.72 -7.01 -3.49
CA GLU A 65 -7.30 -6.54 -4.82
C GLU A 65 -6.10 -5.62 -4.71
N LEU A 66 -5.08 -5.87 -5.54
CA LEU A 66 -3.85 -5.08 -5.52
C LEU A 66 -3.56 -4.49 -6.90
N SER A 67 -3.60 -3.14 -6.97
CA SER A 67 -3.35 -2.43 -8.23
C SER A 67 -2.37 -1.27 -8.02
N LEU A 68 -1.60 -0.96 -9.07
CA LEU A 68 -0.63 0.14 -9.03
C LEU A 68 -1.31 1.47 -9.35
N ASP A 69 -1.08 2.48 -8.51
CA ASP A 69 -1.68 3.80 -8.70
C ASP A 69 -0.89 4.62 -9.74
N THR A 70 -1.53 4.89 -10.88
CA THR A 70 -0.90 5.66 -11.96
C THR A 70 -1.78 6.85 -12.37
N GLY A 71 -1.16 7.85 -12.99
CA GLY A 71 -1.88 9.05 -13.43
C GLY A 71 -2.85 8.74 -14.56
N THR A 72 -3.95 9.49 -14.60
CA THR A 72 -4.97 9.32 -15.64
C THR A 72 -5.30 10.67 -16.30
N LEU A 73 -5.37 10.69 -17.63
CA LEU A 73 -5.66 11.91 -18.37
C LEU A 73 -6.77 11.67 -19.41
N GLU A 74 -7.48 12.76 -19.76
CA GLU A 74 -8.58 12.68 -20.72
C GLU A 74 -8.76 14.01 -21.47
N LYS A 75 -9.43 13.95 -22.62
CA LYS A 75 -9.69 15.14 -23.44
C LYS A 75 -11.15 15.57 -23.30
N LYS A 76 -11.36 16.86 -22.96
CA LYS A 76 -12.72 17.39 -22.80
C LYS A 76 -13.51 17.28 -24.10
N ALA A 1 13.50 10.12 11.69
CA ALA A 1 14.70 10.84 11.18
C ALA A 1 15.79 9.84 10.85
N GLY A 2 16.22 9.06 11.85
CA GLY A 2 17.26 8.06 11.67
C GLY A 2 16.67 6.72 11.25
N HIS A 3 15.84 6.75 10.20
CA HIS A 3 15.20 5.54 9.69
C HIS A 3 14.93 5.69 8.18
N MET A 4 15.16 4.61 7.43
CA MET A 4 14.96 4.62 5.98
C MET A 4 13.63 3.98 5.62
N THR A 5 12.84 4.68 4.80
CA THR A 5 11.55 4.17 4.35
C THR A 5 11.20 4.73 2.97
N ASP A 6 10.44 3.96 2.18
CA ASP A 6 10.03 4.37 0.83
C ASP A 6 8.53 4.65 0.78
N THR A 7 8.14 5.65 -0.01
CA THR A 7 6.74 6.01 -0.17
C THR A 7 6.24 5.57 -1.56
N LEU A 8 5.19 4.76 -1.58
CA LEU A 8 4.61 4.25 -2.83
C LEU A 8 3.11 4.44 -2.87
N PHE A 9 2.59 4.69 -4.08
CA PHE A 9 1.14 4.86 -4.28
C PHE A 9 0.52 3.54 -4.72
N LEU A 10 -0.48 3.07 -3.97
CA LEU A 10 -1.12 1.78 -4.24
C LEU A 10 -2.64 1.88 -4.26
N THR A 11 -3.25 1.27 -5.29
CA THR A 11 -4.71 1.24 -5.39
C THR A 11 -5.23 -0.07 -4.84
N VAL A 12 -6.38 -0.01 -4.16
CA VAL A 12 -6.96 -1.18 -3.50
C VAL A 12 -8.15 -1.71 -4.31
N THR A 13 -8.08 -2.99 -4.66
CA THR A 13 -9.15 -3.65 -5.43
C THR A 13 -9.66 -4.88 -4.66
N ALA A 14 -10.98 -4.95 -4.48
CA ALA A 14 -11.60 -6.07 -3.78
C ALA A 14 -13.08 -6.16 -4.12
N SER A 15 -13.65 -7.36 -3.95
CA SER A 15 -15.07 -7.58 -4.24
C SER A 15 -15.95 -6.71 -3.33
N LEU A 16 -15.54 -6.61 -2.06
CA LEU A 16 -16.26 -5.81 -1.06
C LEU A 16 -15.40 -4.66 -0.58
N THR A 17 -16.04 -3.52 -0.27
CA THR A 17 -15.32 -2.33 0.22
C THR A 17 -14.88 -2.54 1.66
N LEU A 18 -13.89 -1.75 2.10
CA LEU A 18 -13.39 -1.85 3.48
C LEU A 18 -12.78 -0.50 3.96
N PRO A 19 -12.90 -0.15 5.27
CA PRO A 19 -12.33 1.13 5.83
C PRO A 19 -10.79 1.21 5.71
N TRP A 20 -10.29 2.43 5.51
CA TRP A 20 -8.84 2.66 5.45
C TRP A 20 -8.17 2.23 6.78
N ASP A 21 -8.95 2.31 7.89
CA ASP A 21 -8.44 1.91 9.20
C ASP A 21 -8.05 0.44 9.18
N HIS A 22 -8.89 -0.39 8.55
CA HIS A 22 -8.60 -1.82 8.41
C HIS A 22 -7.36 -2.03 7.55
N ILE A 23 -7.21 -1.21 6.49
CA ILE A 23 -6.03 -1.29 5.63
C ILE A 23 -4.78 -1.04 6.49
N GLN A 24 -4.85 0.00 7.32
CA GLN A 24 -3.76 0.34 8.24
C GLN A 24 -3.55 -0.80 9.25
N SER A 25 -4.65 -1.40 9.70
CA SER A 25 -4.59 -2.50 10.67
C SER A 25 -3.77 -3.66 10.13
N THR A 26 -4.04 -4.03 8.85
CA THR A 26 -3.29 -5.11 8.21
C THR A 26 -1.84 -4.69 7.98
N LEU A 27 -1.63 -3.40 7.69
CA LEU A 27 -0.28 -2.87 7.49
C LEU A 27 0.54 -3.06 8.77
N LEU A 28 -0.04 -2.65 9.90
CA LEU A 28 0.60 -2.78 11.21
C LEU A 28 0.85 -4.25 11.55
N LYS A 29 -0.03 -5.13 11.08
CA LYS A 29 0.09 -6.57 11.35
C LYS A 29 1.38 -7.12 10.74
N THR A 30 1.67 -6.70 9.49
CA THR A 30 2.89 -7.15 8.81
C THR A 30 4.09 -6.28 9.20
N LYS A 31 5.28 -6.90 9.22
CA LYS A 31 6.52 -6.21 9.59
C LYS A 31 7.11 -5.49 8.36
N GLY A 32 7.85 -4.39 8.62
CA GLY A 32 8.49 -3.63 7.54
C GLY A 32 7.55 -2.62 6.91
N VAL A 33 6.74 -1.97 7.76
CA VAL A 33 5.78 -0.97 7.29
C VAL A 33 5.94 0.36 8.04
N THR A 34 5.48 1.45 7.41
CA THR A 34 5.58 2.78 8.03
C THR A 34 4.18 3.36 8.30
N ASP A 35 3.42 3.60 7.22
CA ASP A 35 2.06 4.19 7.36
C ASP A 35 1.34 4.28 6.02
N ILE A 36 0.01 4.51 6.09
CA ILE A 36 -0.82 4.67 4.88
C ILE A 36 -1.76 5.87 5.01
N LYS A 37 -2.13 6.44 3.85
CA LYS A 37 -3.04 7.58 3.82
C LYS A 37 -3.98 7.46 2.62
N ILE A 38 -5.29 7.40 2.88
CA ILE A 38 -6.30 7.33 1.83
C ILE A 38 -6.63 8.74 1.33
N TYR A 39 -6.77 8.90 0.00
CA TYR A 39 -7.10 10.22 -0.56
C TYR A 39 -8.21 10.13 -1.64
N PRO A 40 -8.98 11.22 -1.88
CA PRO A 40 -10.12 11.18 -2.85
C PRO A 40 -9.74 10.60 -4.20
N GLN A 41 -10.06 9.32 -4.36
CA GLN A 41 -9.82 8.59 -5.60
C GLN A 41 -10.57 7.26 -5.51
N LYS A 42 -10.79 6.62 -6.65
CA LYS A 42 -11.51 5.35 -6.62
C LYS A 42 -10.70 4.30 -5.87
N ARG A 43 -10.99 4.20 -4.56
CA ARG A 43 -10.34 3.20 -3.71
C ARG A 43 -8.80 3.25 -3.86
N THR A 44 -8.21 4.42 -3.60
CA THR A 44 -6.76 4.59 -3.75
C THR A 44 -6.14 5.13 -2.43
N VAL A 45 -5.09 4.44 -1.98
CA VAL A 45 -4.41 4.77 -0.73
C VAL A 45 -2.89 4.79 -0.95
N ALA A 46 -2.23 5.82 -0.41
CA ALA A 46 -0.78 5.92 -0.50
C ALA A 46 -0.15 5.16 0.67
N VAL A 47 0.80 4.27 0.35
CA VAL A 47 1.41 3.42 1.37
C VAL A 47 2.94 3.57 1.37
N THR A 48 3.50 3.80 2.57
CA THR A 48 4.94 3.92 2.75
C THR A 48 5.46 2.70 3.50
N ILE A 49 6.30 1.91 2.82
CA ILE A 49 6.87 0.69 3.40
C ILE A 49 8.33 0.50 2.97
N ILE A 50 8.97 -0.56 3.48
CA ILE A 50 10.35 -0.90 3.11
C ILE A 50 10.33 -2.11 2.13
N PRO A 51 10.61 -1.92 0.81
CA PRO A 51 10.58 -3.04 -0.20
C PRO A 51 11.46 -4.23 0.20
N SER A 52 12.64 -3.93 0.76
CA SER A 52 13.58 -4.97 1.15
C SER A 52 12.99 -5.90 2.22
N ILE A 53 12.26 -5.30 3.18
CA ILE A 53 11.64 -6.06 4.27
C ILE A 53 10.34 -6.73 3.82
N VAL A 54 9.52 -5.98 3.07
CA VAL A 54 8.21 -6.49 2.60
C VAL A 54 8.26 -6.76 1.10
N ASN A 55 7.80 -7.96 0.71
CA ASN A 55 7.77 -8.36 -0.70
C ASN A 55 6.39 -8.08 -1.30
N ALA A 56 6.30 -8.26 -2.62
CA ALA A 56 5.05 -8.04 -3.35
C ALA A 56 3.95 -8.97 -2.83
N ASN A 57 4.32 -10.21 -2.51
CA ASN A 57 3.37 -11.22 -2.03
C ASN A 57 2.68 -10.77 -0.75
N GLN A 58 3.44 -10.12 0.14
CA GLN A 58 2.90 -9.61 1.40
C GLN A 58 1.84 -8.55 1.12
N ILE A 59 2.10 -7.68 0.14
CA ILE A 59 1.16 -6.64 -0.25
C ILE A 59 -0.15 -7.31 -0.71
N LYS A 60 -0.01 -8.40 -1.49
CA LYS A 60 -1.15 -9.16 -1.97
C LYS A 60 -1.97 -9.69 -0.77
N GLU A 61 -1.26 -10.12 0.28
CA GLU A 61 -1.93 -10.68 1.47
C GLU A 61 -2.84 -9.64 2.12
N LEU A 62 -2.40 -8.37 2.15
CA LEU A 62 -3.20 -7.29 2.74
C LEU A 62 -4.48 -7.04 1.93
N VAL A 63 -4.35 -7.03 0.60
CA VAL A 63 -5.48 -6.78 -0.31
C VAL A 63 -5.54 -7.87 -1.43
N PRO A 64 -6.69 -8.57 -1.62
CA PRO A 64 -6.82 -9.66 -2.67
C PRO A 64 -6.41 -9.17 -4.07
N GLU A 65 -6.82 -7.95 -4.42
CA GLU A 65 -6.45 -7.35 -5.71
C GLU A 65 -5.94 -5.93 -5.51
N LEU A 66 -4.90 -5.55 -6.26
CA LEU A 66 -4.28 -4.23 -6.11
C LEU A 66 -3.40 -3.88 -7.30
N SER A 67 -3.25 -2.58 -7.55
CA SER A 67 -2.42 -2.09 -8.66
C SER A 67 -1.50 -0.96 -8.18
N LEU A 68 -0.32 -0.83 -8.81
CA LEU A 68 0.65 0.20 -8.44
C LEU A 68 0.61 1.37 -9.43
N ASP A 69 0.47 2.59 -8.88
CA ASP A 69 0.42 3.79 -9.71
C ASP A 69 1.83 4.36 -9.92
N THR A 70 2.35 4.19 -11.15
CA THR A 70 3.69 4.69 -11.49
C THR A 70 3.62 5.92 -12.40
N GLY A 71 2.65 5.92 -13.32
CA GLY A 71 2.47 7.02 -14.27
C GLY A 71 1.69 8.17 -13.64
N THR A 72 1.45 9.22 -14.45
CA THR A 72 0.71 10.40 -13.99
C THR A 72 -0.09 11.03 -15.13
N LEU A 73 -1.14 11.78 -14.78
CA LEU A 73 -2.01 12.42 -15.77
C LEU A 73 -2.64 11.39 -16.69
N GLU A 74 -3.94 11.13 -16.48
CA GLU A 74 -4.67 10.15 -17.28
C GLU A 74 -6.16 10.51 -17.35
N LYS A 75 -6.89 9.83 -18.25
CA LYS A 75 -8.32 10.07 -18.43
C LYS A 75 -9.07 9.84 -17.12
N LYS A 76 -9.91 10.81 -16.75
CA LYS A 76 -10.69 10.74 -15.52
C LYS A 76 -12.12 11.23 -15.76
N ALA A 1 18.91 12.28 9.25
CA ALA A 1 18.58 13.53 8.48
C ALA A 1 17.69 13.19 7.27
N GLY A 2 16.91 12.10 7.37
CA GLY A 2 16.02 11.68 6.29
C GLY A 2 15.06 10.58 6.74
N HIS A 3 13.99 10.39 5.98
CA HIS A 3 12.99 9.37 6.28
C HIS A 3 13.59 7.96 6.12
N MET A 4 14.41 7.79 5.09
CA MET A 4 15.05 6.50 4.80
C MET A 4 13.99 5.41 4.54
N THR A 5 12.91 5.80 3.87
CA THR A 5 11.82 4.87 3.54
C THR A 5 11.43 5.01 2.07
N ASP A 6 10.70 4.01 1.55
CA ASP A 6 10.27 4.02 0.16
C ASP A 6 8.78 4.35 0.06
N THR A 7 8.47 5.42 -0.68
CA THR A 7 7.08 5.84 -0.85
C THR A 7 6.48 5.18 -2.10
N LEU A 8 5.43 4.39 -1.87
CA LEU A 8 4.74 3.70 -2.97
C LEU A 8 3.25 4.03 -2.95
N PHE A 9 2.66 4.12 -4.14
CA PHE A 9 1.22 4.42 -4.27
C PHE A 9 0.47 3.19 -4.78
N LEU A 10 -0.49 2.71 -3.98
CA LEU A 10 -1.26 1.51 -4.32
C LEU A 10 -2.76 1.78 -4.28
N THR A 11 -3.50 1.10 -5.15
CA THR A 11 -4.95 1.18 -5.18
C THR A 11 -5.53 -0.13 -4.68
N VAL A 12 -6.41 -0.05 -3.68
CA VAL A 12 -7.00 -1.26 -3.07
C VAL A 12 -8.33 -1.61 -3.73
N THR A 13 -8.39 -2.82 -4.28
CA THR A 13 -9.61 -3.34 -4.89
C THR A 13 -9.95 -4.71 -4.32
N ALA A 14 -11.25 -4.94 -4.12
CA ALA A 14 -11.75 -6.21 -3.58
C ALA A 14 -13.26 -6.26 -3.65
N SER A 15 -13.81 -7.48 -3.62
CA SER A 15 -15.26 -7.67 -3.66
C SER A 15 -15.93 -7.04 -2.43
N LEU A 16 -15.19 -7.01 -1.31
CA LEU A 16 -15.69 -6.43 -0.06
C LEU A 16 -14.88 -5.19 0.32
N THR A 17 -15.57 -4.06 0.55
CA THR A 17 -14.90 -2.81 0.93
C THR A 17 -14.45 -2.88 2.38
N LEU A 18 -13.53 -1.97 2.76
CA LEU A 18 -13.00 -1.96 4.13
C LEU A 18 -12.61 -0.52 4.59
N PRO A 19 -12.72 -0.19 5.90
CA PRO A 19 -12.29 1.14 6.45
C PRO A 19 -10.79 1.37 6.23
N TRP A 20 -10.40 2.64 6.11
CA TRP A 20 -9.00 3.00 5.92
C TRP A 20 -8.13 2.47 7.08
N ASP A 21 -8.73 2.45 8.29
CA ASP A 21 -8.05 1.92 9.47
C ASP A 21 -7.82 0.42 9.33
N HIS A 22 -8.82 -0.29 8.76
CA HIS A 22 -8.74 -1.74 8.59
C HIS A 22 -7.59 -2.12 7.66
N ILE A 23 -7.47 -1.39 6.53
CA ILE A 23 -6.36 -1.64 5.58
C ILE A 23 -5.03 -1.25 6.22
N GLN A 24 -5.03 -0.17 7.01
CA GLN A 24 -3.83 0.28 7.72
C GLN A 24 -3.39 -0.78 8.74
N SER A 25 -4.36 -1.39 9.42
CA SER A 25 -4.06 -2.41 10.44
C SER A 25 -3.42 -3.64 9.81
N THR A 26 -3.91 -4.03 8.61
CA THR A 26 -3.35 -5.19 7.91
C THR A 26 -1.92 -4.90 7.46
N LEU A 27 -1.71 -3.67 6.97
CA LEU A 27 -0.36 -3.23 6.57
C LEU A 27 0.55 -3.16 7.80
N LEU A 28 -0.02 -2.72 8.93
CA LEU A 28 0.69 -2.61 10.20
C LEU A 28 1.19 -4.00 10.62
N LYS A 29 0.35 -5.02 10.41
CA LYS A 29 0.73 -6.39 10.76
C LYS A 29 1.92 -6.83 9.92
N THR A 30 1.92 -6.43 8.64
CA THR A 30 3.05 -6.72 7.75
C THR A 30 4.29 -6.00 8.28
N LYS A 31 5.40 -6.73 8.40
CA LYS A 31 6.65 -6.17 8.92
C LYS A 31 7.29 -5.22 7.92
N GLY A 32 7.96 -4.18 8.46
CA GLY A 32 8.66 -3.19 7.61
C GLY A 32 7.69 -2.16 7.01
N VAL A 33 6.51 -1.99 7.64
CA VAL A 33 5.51 -1.03 7.15
C VAL A 33 5.47 0.20 8.08
N THR A 34 5.56 1.41 7.48
CA THR A 34 5.54 2.64 8.27
C THR A 34 4.11 3.13 8.50
N ASP A 35 3.41 3.53 7.41
CA ASP A 35 2.02 4.03 7.54
C ASP A 35 1.39 4.31 6.17
N ILE A 36 0.06 4.48 6.14
CA ILE A 36 -0.66 4.79 4.90
C ILE A 36 -1.67 5.93 5.11
N LYS A 37 -1.99 6.63 4.03
CA LYS A 37 -2.98 7.72 4.05
C LYS A 37 -3.88 7.67 2.81
N ILE A 38 -5.19 7.54 3.01
CA ILE A 38 -6.14 7.50 1.90
C ILE A 38 -6.34 8.89 1.29
N TYR A 39 -6.52 8.94 -0.04
CA TYR A 39 -6.74 10.21 -0.74
C TYR A 39 -8.00 10.13 -1.62
N PRO A 40 -8.68 11.28 -1.90
CA PRO A 40 -9.93 11.26 -2.73
C PRO A 40 -9.67 10.65 -4.10
N GLN A 41 -10.01 9.37 -4.24
CA GLN A 41 -9.88 8.62 -5.48
C GLN A 41 -10.64 7.32 -5.34
N LYS A 42 -10.85 6.62 -6.46
CA LYS A 42 -11.57 5.35 -6.40
C LYS A 42 -10.75 4.33 -5.61
N ARG A 43 -11.00 4.28 -4.29
CA ARG A 43 -10.31 3.34 -3.41
C ARG A 43 -8.79 3.33 -3.65
N THR A 44 -8.16 4.50 -3.49
CA THR A 44 -6.71 4.64 -3.69
C THR A 44 -6.06 5.23 -2.44
N VAL A 45 -4.98 4.58 -1.99
CA VAL A 45 -4.27 4.99 -0.79
C VAL A 45 -2.76 4.97 -1.00
N ALA A 46 -2.08 5.96 -0.41
CA ALA A 46 -0.63 6.05 -0.48
C ALA A 46 -0.01 5.24 0.65
N VAL A 47 1.03 4.47 0.33
CA VAL A 47 1.67 3.60 1.32
C VAL A 47 3.19 3.81 1.35
N THR A 48 3.71 4.10 2.56
CA THR A 48 5.14 4.28 2.76
C THR A 48 5.69 3.12 3.58
N ILE A 49 6.56 2.33 2.96
CA ILE A 49 7.16 1.17 3.64
C ILE A 49 8.59 0.89 3.16
N ILE A 50 9.28 -0.02 3.87
CA ILE A 50 10.66 -0.40 3.52
C ILE A 50 10.64 -1.71 2.67
N PRO A 51 11.12 -1.70 1.40
CA PRO A 51 11.09 -2.93 0.52
C PRO A 51 12.05 -4.03 1.00
N SER A 52 13.10 -3.62 1.72
CA SER A 52 14.10 -4.58 2.23
C SER A 52 13.46 -5.57 3.21
N ILE A 53 12.53 -5.08 4.02
CA ILE A 53 11.84 -5.91 5.02
C ILE A 53 10.45 -6.35 4.49
N VAL A 54 9.85 -5.55 3.60
CA VAL A 54 8.50 -5.82 3.09
C VAL A 54 8.56 -6.56 1.74
N ASN A 55 7.79 -7.64 1.65
CA ASN A 55 7.71 -8.43 0.41
C ASN A 55 6.40 -8.11 -0.32
N ALA A 56 6.45 -8.18 -1.66
CA ALA A 56 5.29 -7.87 -2.50
C ALA A 56 4.12 -8.82 -2.21
N ASN A 57 4.45 -10.08 -1.96
CA ASN A 57 3.45 -11.13 -1.70
C ASN A 57 2.60 -10.79 -0.47
N GLN A 58 3.23 -10.23 0.57
CA GLN A 58 2.53 -9.92 1.83
C GLN A 58 1.40 -8.91 1.60
N ILE A 59 1.66 -7.88 0.79
CA ILE A 59 0.64 -6.87 0.48
C ILE A 59 -0.52 -7.55 -0.27
N LYS A 60 -0.16 -8.40 -1.22
CA LYS A 60 -1.14 -9.13 -2.02
C LYS A 60 -1.98 -10.04 -1.14
N GLU A 61 -1.34 -10.67 -0.14
CA GLU A 61 -2.05 -11.58 0.75
C GLU A 61 -3.17 -10.86 1.51
N LEU A 62 -2.84 -9.68 2.09
CA LEU A 62 -3.83 -8.89 2.83
C LEU A 62 -4.88 -8.27 1.92
N VAL A 63 -4.43 -7.76 0.76
CA VAL A 63 -5.35 -7.10 -0.20
C VAL A 63 -5.69 -8.08 -1.37
N PRO A 64 -6.96 -8.54 -1.52
CA PRO A 64 -7.35 -9.50 -2.61
C PRO A 64 -6.90 -9.04 -4.00
N GLU A 65 -7.03 -7.73 -4.28
CA GLU A 65 -6.64 -7.18 -5.58
C GLU A 65 -6.12 -5.73 -5.42
N LEU A 66 -5.06 -5.41 -6.15
CA LEU A 66 -4.46 -4.07 -6.10
C LEU A 66 -3.76 -3.73 -7.42
N SER A 67 -3.83 -2.46 -7.84
CA SER A 67 -3.17 -2.02 -9.07
C SER A 67 -2.99 -0.51 -9.14
N LEU A 68 -1.73 -0.07 -9.23
CA LEU A 68 -1.41 1.35 -9.37
C LEU A 68 0.08 1.57 -9.67
N ASP A 69 0.94 1.51 -8.62
CA ASP A 69 2.38 1.68 -8.80
C ASP A 69 3.04 0.34 -9.06
N THR A 70 3.47 0.13 -10.31
CA THR A 70 4.13 -1.13 -10.70
C THR A 70 5.65 -0.95 -10.92
N GLY A 71 6.17 0.26 -10.63
CA GLY A 71 7.61 0.53 -10.80
C GLY A 71 7.97 1.93 -10.32
N THR A 72 9.27 2.25 -10.37
CA THR A 72 9.76 3.55 -9.93
C THR A 72 11.01 3.97 -10.70
N LEU A 73 11.24 5.28 -10.81
CA LEU A 73 12.40 5.81 -11.52
C LEU A 73 12.97 7.04 -10.82
N GLU A 74 14.29 7.19 -10.85
CA GLU A 74 14.97 8.33 -10.22
C GLU A 74 15.79 9.10 -11.27
N LYS A 75 15.41 10.36 -11.49
CA LYS A 75 16.10 11.22 -12.45
C LYS A 75 17.55 11.47 -12.05
N LYS A 76 17.77 11.67 -10.74
CA LYS A 76 19.11 11.92 -10.21
C LYS A 76 19.54 10.78 -9.26
N ALA A 1 12.62 13.78 7.54
CA ALA A 1 12.77 12.30 7.58
C ALA A 1 13.86 11.88 6.60
N GLY A 2 14.56 10.79 6.93
CA GLY A 2 15.65 10.27 6.09
C GLY A 2 15.09 9.40 4.96
N HIS A 3 16.01 8.84 4.15
CA HIS A 3 15.61 7.98 3.02
C HIS A 3 15.52 6.50 3.48
N MET A 4 15.10 6.29 4.73
CA MET A 4 14.96 4.95 5.31
C MET A 4 13.89 4.15 4.59
N THR A 5 12.79 4.82 4.21
CA THR A 5 11.67 4.16 3.54
C THR A 5 11.24 4.92 2.30
N ASP A 6 10.63 4.20 1.35
CA ASP A 6 10.19 4.80 0.08
C ASP A 6 8.68 4.95 0.04
N THR A 7 8.23 6.01 -0.63
CA THR A 7 6.79 6.27 -0.78
C THR A 7 6.27 5.69 -2.09
N LEU A 8 5.32 4.74 -1.97
CA LEU A 8 4.74 4.08 -3.14
C LEU A 8 3.24 4.36 -3.24
N PHE A 9 2.75 4.43 -4.47
CA PHE A 9 1.32 4.66 -4.73
C PHE A 9 0.64 3.33 -5.00
N LEU A 10 -0.35 3.00 -4.15
CA LEU A 10 -1.03 1.70 -4.25
C LEU A 10 -2.56 1.85 -4.19
N THR A 11 -3.24 1.30 -5.20
CA THR A 11 -4.70 1.24 -5.22
C THR A 11 -5.12 -0.16 -4.83
N VAL A 12 -6.17 -0.29 -4.01
CA VAL A 12 -6.54 -1.61 -3.47
C VAL A 12 -8.03 -1.94 -3.62
N THR A 13 -8.29 -3.20 -3.98
CA THR A 13 -9.63 -3.75 -4.08
C THR A 13 -9.69 -5.06 -3.27
N ALA A 14 -10.72 -5.19 -2.43
CA ALA A 14 -10.88 -6.38 -1.58
C ALA A 14 -12.35 -6.61 -1.23
N SER A 15 -13.07 -5.51 -1.01
CA SER A 15 -14.49 -5.59 -0.65
C SER A 15 -15.22 -4.32 -1.09
N LEU A 16 -16.55 -4.34 -0.94
CA LEU A 16 -17.38 -3.18 -1.31
C LEU A 16 -16.98 -1.95 -0.51
N THR A 17 -16.70 -2.16 0.78
CA THR A 17 -16.29 -1.07 1.67
C THR A 17 -14.87 -1.35 2.22
N LEU A 18 -13.98 -0.36 2.07
CA LEU A 18 -12.59 -0.50 2.52
C LEU A 18 -12.19 0.69 3.44
N PRO A 19 -12.54 0.65 4.75
CA PRO A 19 -12.22 1.77 5.70
C PRO A 19 -10.72 1.85 6.00
N TRP A 20 -10.26 3.07 6.33
CA TRP A 20 -8.86 3.31 6.66
C TRP A 20 -8.35 2.34 7.75
N ASP A 21 -9.25 1.97 8.66
CA ASP A 21 -8.91 1.03 9.72
C ASP A 21 -8.51 -0.31 9.13
N HIS A 22 -9.29 -0.76 8.13
CA HIS A 22 -9.03 -2.03 7.46
C HIS A 22 -7.65 -2.02 6.76
N ILE A 23 -7.39 -0.97 5.96
CA ILE A 23 -6.13 -0.85 5.23
C ILE A 23 -4.94 -0.73 6.21
N GLN A 24 -5.09 0.15 7.20
CA GLN A 24 -4.05 0.37 8.19
C GLN A 24 -3.79 -0.88 9.01
N SER A 25 -4.87 -1.61 9.34
CA SER A 25 -4.77 -2.83 10.13
C SER A 25 -3.91 -3.87 9.40
N THR A 26 -4.16 -4.04 8.09
CA THR A 26 -3.42 -5.04 7.31
C THR A 26 -1.97 -4.62 7.08
N LEU A 27 -1.73 -3.33 6.76
CA LEU A 27 -0.35 -2.86 6.54
C LEU A 27 0.43 -2.84 7.85
N LEU A 28 -0.23 -2.39 8.91
CA LEU A 28 0.37 -2.33 10.25
C LEU A 28 0.74 -3.73 10.73
N LYS A 29 -0.13 -4.71 10.42
CA LYS A 29 0.11 -6.09 10.82
C LYS A 29 1.38 -6.61 10.13
N THR A 30 1.52 -6.28 8.84
CA THR A 30 2.71 -6.66 8.08
C THR A 30 3.90 -5.80 8.53
N LYS A 31 5.00 -6.47 8.90
CA LYS A 31 6.20 -5.78 9.38
C LYS A 31 6.95 -5.12 8.23
N GLY A 32 7.69 -4.04 8.56
CA GLY A 32 8.46 -3.31 7.55
C GLY A 32 7.68 -2.13 6.94
N VAL A 33 6.62 -1.68 7.64
CA VAL A 33 5.80 -0.55 7.15
C VAL A 33 6.01 0.69 8.00
N THR A 34 5.88 1.87 7.37
CA THR A 34 6.07 3.14 8.06
C THR A 34 4.72 3.77 8.44
N ASP A 35 3.86 3.96 7.43
CA ASP A 35 2.53 4.58 7.66
C ASP A 35 1.66 4.47 6.41
N ILE A 36 0.34 4.57 6.61
CA ILE A 36 -0.62 4.49 5.50
C ILE A 36 -1.62 5.64 5.56
N LYS A 37 -1.78 6.35 4.42
CA LYS A 37 -2.73 7.46 4.34
C LYS A 37 -3.64 7.30 3.11
N ILE A 38 -4.94 7.47 3.31
CA ILE A 38 -5.93 7.34 2.22
C ILE A 38 -6.34 8.72 1.70
N TYR A 39 -6.62 8.80 0.37
CA TYR A 39 -7.00 10.07 -0.25
C TYR A 39 -8.33 9.95 -1.01
N PRO A 40 -9.10 11.06 -1.19
CA PRO A 40 -10.42 11.00 -1.90
C PRO A 40 -10.25 10.66 -3.37
N GLN A 41 -10.47 9.39 -3.69
CA GLN A 41 -10.37 8.89 -5.06
C GLN A 41 -11.00 7.50 -5.10
N LYS A 42 -10.90 6.82 -6.24
CA LYS A 42 -11.46 5.49 -6.33
C LYS A 42 -10.50 4.45 -5.75
N ARG A 43 -10.68 4.16 -4.45
CA ARG A 43 -9.88 3.15 -3.76
C ARG A 43 -8.36 3.38 -3.98
N THR A 44 -7.90 4.59 -3.64
CA THR A 44 -6.49 4.96 -3.80
C THR A 44 -5.90 5.41 -2.46
N VAL A 45 -4.77 4.81 -2.10
CA VAL A 45 -4.10 5.11 -0.84
C VAL A 45 -2.59 5.20 -1.04
N ALA A 46 -1.97 6.16 -0.34
CA ALA A 46 -0.52 6.33 -0.38
C ALA A 46 0.12 5.46 0.69
N VAL A 47 1.07 4.62 0.28
CA VAL A 47 1.72 3.68 1.20
C VAL A 47 3.22 3.97 1.29
N THR A 48 3.68 4.22 2.52
CA THR A 48 5.11 4.44 2.78
C THR A 48 5.68 3.23 3.49
N ILE A 49 6.46 2.43 2.76
CA ILE A 49 7.04 1.19 3.31
C ILE A 49 8.48 0.98 2.86
N ILE A 50 9.13 -0.03 3.45
CA ILE A 50 10.51 -0.38 3.10
C ILE A 50 10.51 -1.70 2.27
N PRO A 51 10.81 -1.67 0.95
CA PRO A 51 10.77 -2.91 0.08
C PRO A 51 11.83 -3.94 0.48
N SER A 52 12.91 -3.49 1.13
CA SER A 52 14.00 -4.38 1.53
C SER A 52 13.52 -5.42 2.53
N ILE A 53 12.62 -5.02 3.43
CA ILE A 53 12.08 -5.93 4.46
C ILE A 53 10.61 -6.34 4.19
N VAL A 54 9.95 -5.65 3.24
CA VAL A 54 8.54 -5.95 2.91
C VAL A 54 8.43 -6.63 1.54
N ASN A 55 7.70 -7.74 1.50
CA ASN A 55 7.49 -8.50 0.26
C ASN A 55 6.11 -8.21 -0.32
N ALA A 56 6.04 -8.23 -1.66
CA ALA A 56 4.80 -7.97 -2.38
C ALA A 56 3.74 -9.02 -2.07
N ASN A 57 4.17 -10.27 -1.92
CA ASN A 57 3.25 -11.39 -1.69
C ASN A 57 2.43 -11.21 -0.42
N GLN A 58 3.08 -10.75 0.65
CA GLN A 58 2.41 -10.58 1.94
C GLN A 58 1.30 -9.53 1.83
N ILE A 59 1.57 -8.46 1.09
CA ILE A 59 0.58 -7.39 0.89
C ILE A 59 -0.62 -7.95 0.12
N LYS A 60 -0.33 -8.71 -0.94
CA LYS A 60 -1.38 -9.32 -1.76
C LYS A 60 -2.21 -10.30 -0.95
N GLU A 61 -1.55 -11.06 -0.06
CA GLU A 61 -2.27 -12.06 0.76
C GLU A 61 -3.32 -11.40 1.65
N LEU A 62 -2.96 -10.28 2.30
CA LEU A 62 -3.91 -9.56 3.16
C LEU A 62 -5.03 -8.94 2.34
N VAL A 63 -4.67 -8.35 1.19
CA VAL A 63 -5.63 -7.69 0.31
C VAL A 63 -5.34 -8.04 -1.18
N PRO A 64 -6.35 -8.45 -1.99
CA PRO A 64 -6.12 -8.82 -3.45
C PRO A 64 -5.42 -7.69 -4.23
N GLU A 65 -5.79 -6.43 -3.93
CA GLU A 65 -5.20 -5.23 -4.60
C GLU A 65 -5.70 -5.07 -6.02
N LEU A 66 -5.78 -3.80 -6.46
CA LEU A 66 -6.17 -3.47 -7.82
C LEU A 66 -4.93 -3.19 -8.66
N SER A 67 -4.19 -2.14 -8.27
CA SER A 67 -2.94 -1.76 -8.95
C SER A 67 -1.89 -1.30 -7.95
N LEU A 68 -0.64 -1.63 -8.24
CA LEU A 68 0.48 -1.24 -7.37
C LEU A 68 1.70 -0.90 -8.22
N ASP A 69 2.24 0.32 -8.04
CA ASP A 69 3.40 0.76 -8.81
C ASP A 69 4.66 0.06 -8.31
N THR A 70 5.25 -0.77 -9.18
CA THR A 70 6.46 -1.54 -8.84
C THR A 70 7.72 -0.70 -8.99
N GLY A 71 8.81 -1.17 -8.40
CA GLY A 71 10.11 -0.49 -8.48
C GLY A 71 11.20 -1.32 -7.82
N THR A 72 12.46 -0.91 -8.01
CA THR A 72 13.60 -1.61 -7.41
C THR A 72 14.78 -0.66 -7.20
N LEU A 73 15.60 -0.97 -6.18
CA LEU A 73 16.78 -0.17 -5.87
C LEU A 73 18.05 -0.99 -6.04
N GLU A 74 19.10 -0.35 -6.55
CA GLU A 74 20.39 -1.02 -6.76
C GLU A 74 21.36 -0.72 -5.62
N LYS A 75 21.99 -1.78 -5.11
CA LYS A 75 22.95 -1.65 -4.01
C LYS A 75 23.98 -2.77 -4.03
N LYS A 76 25.12 -2.55 -3.36
CA LYS A 76 26.20 -3.55 -3.30
C LYS A 76 26.74 -3.85 -4.70
N ALA A 1 14.35 12.75 9.89
CA ALA A 1 13.96 11.78 8.82
C ALA A 1 15.10 10.74 8.65
N GLY A 2 15.59 10.23 9.79
CA GLY A 2 16.66 9.23 9.79
C GLY A 2 16.24 7.95 9.06
N HIS A 3 14.98 7.54 9.28
CA HIS A 3 14.47 6.32 8.66
C HIS A 3 14.37 6.48 7.15
N MET A 4 14.63 5.39 6.41
CA MET A 4 14.55 5.40 4.95
C MET A 4 13.46 4.45 4.47
N THR A 5 12.58 4.94 3.60
CA THR A 5 11.47 4.15 3.09
C THR A 5 11.06 4.57 1.67
N ASP A 6 10.38 3.67 0.96
CA ASP A 6 9.90 3.94 -0.40
C ASP A 6 8.38 4.12 -0.40
N THR A 7 7.93 5.29 -0.88
CA THR A 7 6.50 5.61 -0.93
C THR A 7 5.89 5.07 -2.23
N LEU A 8 4.81 4.28 -2.08
CA LEU A 8 4.11 3.69 -3.23
C LEU A 8 2.65 4.14 -3.27
N PHE A 9 2.13 4.31 -4.49
CA PHE A 9 0.72 4.71 -4.70
C PHE A 9 -0.06 3.59 -5.39
N LEU A 10 -1.07 3.05 -4.68
CA LEU A 10 -1.88 1.96 -5.22
C LEU A 10 -3.38 2.17 -5.01
N THR A 11 -4.18 1.61 -5.92
CA THR A 11 -5.63 1.66 -5.81
C THR A 11 -6.13 0.36 -5.17
N VAL A 12 -7.00 0.49 -4.17
CA VAL A 12 -7.47 -0.65 -3.37
C VAL A 12 -8.59 -1.43 -4.08
N THR A 13 -8.38 -2.76 -4.19
CA THR A 13 -9.35 -3.66 -4.79
C THR A 13 -9.63 -4.86 -3.83
N ALA A 14 -10.93 -5.12 -3.63
CA ALA A 14 -11.38 -6.24 -2.79
C ALA A 14 -10.86 -6.12 -1.33
N SER A 15 -11.34 -5.09 -0.62
CA SER A 15 -10.95 -4.88 0.79
C SER A 15 -11.93 -5.56 1.77
N LEU A 16 -13.15 -5.86 1.31
CA LEU A 16 -14.19 -6.49 2.15
C LEU A 16 -14.33 -5.77 3.52
N THR A 17 -13.90 -4.50 3.57
CA THR A 17 -13.97 -3.70 4.80
C THR A 17 -13.76 -2.23 4.44
N LEU A 18 -13.96 -1.32 5.42
CA LEU A 18 -13.77 0.11 5.16
C LEU A 18 -12.33 0.36 4.64
N PRO A 19 -12.14 1.24 3.62
CA PRO A 19 -10.78 1.46 3.01
C PRO A 19 -9.67 1.76 4.03
N TRP A 20 -9.77 2.92 4.71
CA TRP A 20 -8.75 3.33 5.67
C TRP A 20 -8.62 2.34 6.83
N ASP A 21 -9.75 1.75 7.23
CA ASP A 21 -9.76 0.79 8.34
C ASP A 21 -8.94 -0.46 7.99
N HIS A 22 -9.18 -1.00 6.79
CA HIS A 22 -8.50 -2.23 6.36
C HIS A 22 -7.02 -1.99 6.11
N ILE A 23 -6.69 -0.86 5.47
CA ILE A 23 -5.30 -0.51 5.18
C ILE A 23 -4.53 -0.34 6.49
N GLN A 24 -5.16 0.33 7.46
CA GLN A 24 -4.57 0.52 8.79
C GLN A 24 -4.29 -0.85 9.42
N SER A 25 -5.24 -1.79 9.24
CA SER A 25 -5.08 -3.15 9.73
C SER A 25 -3.88 -3.81 9.06
N THR A 26 -3.77 -3.60 7.74
CA THR A 26 -2.66 -4.16 6.95
C THR A 26 -1.32 -3.60 7.46
N LEU A 27 -1.30 -2.29 7.74
CA LEU A 27 -0.10 -1.61 8.22
C LEU A 27 0.38 -2.24 9.54
N LEU A 28 -0.53 -2.32 10.49
CA LEU A 28 -0.22 -2.87 11.82
C LEU A 28 0.10 -4.37 11.75
N LYS A 29 -0.69 -5.10 10.97
CA LYS A 29 -0.54 -6.56 10.84
C LYS A 29 0.75 -6.96 10.11
N THR A 30 1.09 -6.20 9.06
CA THR A 30 2.26 -6.51 8.25
C THR A 30 3.49 -5.73 8.73
N LYS A 31 4.55 -6.47 9.05
CA LYS A 31 5.81 -5.88 9.48
C LYS A 31 6.63 -5.42 8.28
N GLY A 32 7.26 -4.24 8.40
CA GLY A 32 8.07 -3.68 7.32
C GLY A 32 7.35 -2.54 6.56
N VAL A 33 6.17 -2.12 7.07
CA VAL A 33 5.42 -1.01 6.47
C VAL A 33 5.45 0.19 7.43
N THR A 34 6.02 1.29 6.96
CA THR A 34 6.20 2.49 7.79
C THR A 34 4.87 3.14 8.20
N ASP A 35 3.92 3.24 7.24
CA ASP A 35 2.62 3.89 7.50
C ASP A 35 1.75 3.91 6.25
N ILE A 36 0.45 4.21 6.44
CA ILE A 36 -0.50 4.29 5.32
C ILE A 36 -1.32 5.58 5.40
N LYS A 37 -1.69 6.12 4.23
CA LYS A 37 -2.51 7.33 4.18
C LYS A 37 -3.47 7.28 2.98
N ILE A 38 -4.75 7.54 3.25
CA ILE A 38 -5.77 7.55 2.20
C ILE A 38 -5.90 8.94 1.56
N TYR A 39 -6.16 8.98 0.24
CA TYR A 39 -6.30 10.24 -0.48
C TYR A 39 -7.73 10.40 -1.04
N PRO A 40 -8.23 11.64 -1.22
CA PRO A 40 -9.61 11.85 -1.75
C PRO A 40 -9.69 11.50 -3.24
N GLN A 41 -10.14 10.28 -3.51
CA GLN A 41 -10.28 9.77 -4.86
C GLN A 41 -11.19 8.54 -4.80
N LYS A 42 -11.39 7.89 -5.94
CA LYS A 42 -12.22 6.70 -5.93
C LYS A 42 -11.39 5.49 -5.52
N ARG A 43 -11.41 5.20 -4.21
CA ARG A 43 -10.73 4.03 -3.66
C ARG A 43 -9.22 4.04 -3.99
N THR A 44 -8.53 5.13 -3.63
CA THR A 44 -7.08 5.23 -3.86
C THR A 44 -6.35 5.52 -2.53
N VAL A 45 -5.34 4.69 -2.25
CA VAL A 45 -4.57 4.79 -1.01
C VAL A 45 -3.06 4.67 -1.29
N ALA A 46 -2.29 5.56 -0.67
CA ALA A 46 -0.83 5.51 -0.78
C ALA A 46 -0.25 4.87 0.46
N VAL A 47 0.78 4.03 0.28
CA VAL A 47 1.40 3.33 1.40
C VAL A 47 2.92 3.53 1.40
N THR A 48 3.47 3.71 2.59
CA THR A 48 4.90 3.85 2.77
C THR A 48 5.47 2.52 3.27
N ILE A 49 6.25 1.85 2.41
CA ILE A 49 6.79 0.53 2.74
C ILE A 49 8.28 0.42 2.36
N ILE A 50 8.98 -0.48 3.05
CA ILE A 50 10.39 -0.74 2.77
C ILE A 50 10.53 -2.13 2.08
N PRO A 51 10.86 -2.19 0.75
CA PRO A 51 10.96 -3.50 0.02
C PRO A 51 12.05 -4.41 0.58
N SER A 52 13.10 -3.80 1.16
CA SER A 52 14.21 -4.57 1.73
C SER A 52 13.76 -5.44 2.90
N ILE A 53 12.84 -4.91 3.71
CA ILE A 53 12.33 -5.63 4.88
C ILE A 53 11.22 -6.63 4.49
N VAL A 54 10.28 -6.17 3.67
CA VAL A 54 9.14 -7.00 3.24
C VAL A 54 8.84 -6.79 1.75
N ASN A 55 8.47 -7.89 1.06
CA ASN A 55 8.15 -7.84 -0.36
C ASN A 55 6.66 -7.56 -0.59
N ALA A 56 6.28 -7.44 -1.86
CA ALA A 56 4.89 -7.18 -2.25
C ALA A 56 3.99 -8.40 -1.98
N ASN A 57 4.60 -9.61 -1.91
CA ASN A 57 3.84 -10.84 -1.72
C ASN A 57 3.08 -10.83 -0.40
N GLN A 58 3.71 -10.30 0.65
CA GLN A 58 3.08 -10.22 1.97
C GLN A 58 1.86 -9.31 1.91
N ILE A 59 1.98 -8.21 1.16
CA ILE A 59 0.89 -7.27 0.96
C ILE A 59 -0.26 -7.97 0.23
N LYS A 60 0.09 -8.76 -0.79
CA LYS A 60 -0.89 -9.51 -1.57
C LYS A 60 -1.64 -10.49 -0.69
N GLU A 61 -0.90 -11.15 0.22
CA GLU A 61 -1.49 -12.17 1.09
C GLU A 61 -2.56 -11.58 2.02
N LEU A 62 -2.29 -10.39 2.60
CA LEU A 62 -3.23 -9.76 3.53
C LEU A 62 -4.47 -9.22 2.80
N VAL A 63 -4.24 -8.56 1.66
CA VAL A 63 -5.35 -7.95 0.88
C VAL A 63 -5.13 -8.13 -0.64
N PRO A 64 -6.13 -8.61 -1.42
CA PRO A 64 -5.97 -8.84 -2.89
C PRO A 64 -5.52 -7.55 -3.62
N GLU A 65 -5.96 -6.38 -3.10
CA GLU A 65 -5.57 -5.07 -3.66
C GLU A 65 -4.12 -5.05 -4.17
N LEU A 66 -3.89 -4.38 -5.30
CA LEU A 66 -2.55 -4.27 -5.89
C LEU A 66 -2.57 -3.48 -7.21
N SER A 67 -3.46 -2.47 -7.30
CA SER A 67 -3.52 -1.65 -8.51
C SER A 67 -2.50 -0.50 -8.43
N LEU A 68 -1.22 -0.88 -8.27
CA LEU A 68 -0.12 0.08 -8.17
C LEU A 68 0.16 0.72 -9.52
N ASP A 69 0.19 2.06 -9.55
CA ASP A 69 0.43 2.81 -10.78
C ASP A 69 1.80 2.46 -11.38
N THR A 70 1.78 1.70 -12.48
CA THR A 70 3.02 1.30 -13.17
C THR A 70 3.13 1.98 -14.53
N GLY A 71 1.99 2.06 -15.25
CA GLY A 71 1.96 2.67 -16.57
C GLY A 71 1.63 1.63 -17.64
N THR A 72 1.38 2.11 -18.86
CA THR A 72 1.05 1.23 -19.99
C THR A 72 1.91 1.56 -21.20
N LEU A 73 2.01 0.60 -22.14
CA LEU A 73 2.81 0.79 -23.36
C LEU A 73 2.17 1.81 -24.27
N GLU A 74 3.00 2.70 -24.82
CA GLU A 74 2.53 3.75 -25.73
C GLU A 74 1.92 3.13 -26.99
N LYS A 75 2.58 2.09 -27.52
CA LYS A 75 2.13 1.41 -28.73
C LYS A 75 1.98 2.41 -29.88
N LYS A 76 1.61 1.89 -31.06
CA LYS A 76 1.43 2.72 -32.26
C LYS A 76 0.95 1.89 -33.45
N ALA A 1 11.26 10.94 15.74
CA ALA A 1 11.61 9.50 15.62
C ALA A 1 11.08 8.97 14.29
N GLY A 2 11.94 8.22 13.57
CA GLY A 2 11.57 7.64 12.28
C GLY A 2 12.73 6.87 11.67
N HIS A 3 12.52 6.37 10.45
CA HIS A 3 13.54 5.62 9.73
C HIS A 3 13.29 5.66 8.22
N MET A 4 14.29 5.23 7.44
CA MET A 4 14.18 5.24 5.98
C MET A 4 12.93 4.49 5.52
N THR A 5 12.20 5.09 4.57
CA THR A 5 10.98 4.48 4.02
C THR A 5 10.76 4.90 2.57
N ASP A 6 10.14 4.01 1.78
CA ASP A 6 9.86 4.29 0.37
C ASP A 6 8.37 4.57 0.17
N THR A 7 8.06 5.65 -0.57
CA THR A 7 6.68 6.01 -0.85
C THR A 7 6.16 5.20 -2.03
N LEU A 8 5.02 4.54 -1.83
CA LEU A 8 4.40 3.71 -2.87
C LEU A 8 2.93 4.04 -3.05
N PHE A 9 2.45 3.93 -4.30
CA PHE A 9 1.04 4.17 -4.62
C PHE A 9 0.31 2.87 -4.86
N LEU A 10 -0.64 2.56 -3.97
CA LEU A 10 -1.40 1.32 -4.06
C LEU A 10 -2.87 1.60 -4.34
N THR A 11 -3.50 0.68 -5.09
CA THR A 11 -4.91 0.80 -5.42
C THR A 11 -5.68 -0.33 -4.71
N VAL A 12 -6.74 0.05 -3.99
CA VAL A 12 -7.55 -0.92 -3.24
C VAL A 12 -8.70 -1.41 -4.11
N THR A 13 -8.67 -2.71 -4.44
CA THR A 13 -9.70 -3.33 -5.28
C THR A 13 -10.27 -4.58 -4.60
N ALA A 14 -11.60 -4.63 -4.53
CA ALA A 14 -12.31 -5.76 -3.92
C ALA A 14 -13.80 -5.64 -4.20
N SER A 15 -14.55 -6.73 -3.92
CA SER A 15 -15.99 -6.73 -4.13
C SER A 15 -16.65 -5.66 -3.27
N LEU A 16 -16.16 -5.54 -2.03
CA LEU A 16 -16.63 -4.52 -1.09
C LEU A 16 -15.46 -3.65 -0.62
N THR A 17 -15.74 -2.36 -0.39
CA THR A 17 -14.68 -1.43 0.03
C THR A 17 -14.51 -1.49 1.56
N LEU A 18 -13.31 -1.87 2.00
CA LEU A 18 -13.00 -1.97 3.41
C LEU A 18 -12.67 -0.59 4.01
N PRO A 19 -12.91 -0.37 5.32
CA PRO A 19 -12.61 0.94 5.98
C PRO A 19 -11.10 1.11 6.23
N TRP A 20 -10.68 2.36 6.48
CA TRP A 20 -9.28 2.67 6.72
C TRP A 20 -8.72 1.87 7.90
N ASP A 21 -9.58 1.57 8.88
CA ASP A 21 -9.16 0.82 10.07
C ASP A 21 -8.65 -0.57 9.69
N HIS A 22 -9.39 -1.26 8.80
CA HIS A 22 -9.01 -2.60 8.34
C HIS A 22 -7.79 -2.56 7.41
N ILE A 23 -7.75 -1.57 6.51
CA ILE A 23 -6.63 -1.42 5.57
C ILE A 23 -5.35 -1.11 6.35
N GLN A 24 -5.46 -0.15 7.26
CA GLN A 24 -4.36 0.27 8.11
C GLN A 24 -3.94 -0.86 9.05
N SER A 25 -4.94 -1.59 9.58
CA SER A 25 -4.66 -2.65 10.56
C SER A 25 -3.78 -3.75 9.99
N THR A 26 -4.09 -4.22 8.76
CA THR A 26 -3.28 -5.26 8.13
C THR A 26 -1.92 -4.67 7.71
N LEU A 27 -1.96 -3.44 7.19
CA LEU A 27 -0.74 -2.74 6.75
C LEU A 27 0.24 -2.56 7.91
N LEU A 28 -0.30 -2.25 9.09
CA LEU A 28 0.52 -2.11 10.29
C LEU A 28 1.03 -3.48 10.78
N LYS A 29 0.24 -4.55 10.54
CA LYS A 29 0.63 -5.90 10.98
C LYS A 29 1.90 -6.37 10.30
N THR A 30 2.04 -6.11 8.99
CA THR A 30 3.27 -6.49 8.27
C THR A 30 4.45 -5.63 8.76
N LYS A 31 5.57 -6.29 9.05
CA LYS A 31 6.77 -5.61 9.55
C LYS A 31 7.46 -4.79 8.47
N GLY A 32 8.16 -3.72 8.88
CA GLY A 32 8.85 -2.82 7.94
C GLY A 32 7.90 -1.76 7.35
N VAL A 33 6.77 -1.52 8.04
CA VAL A 33 5.78 -0.54 7.59
C VAL A 33 5.83 0.72 8.48
N THR A 34 5.70 1.90 7.86
CA THR A 34 5.72 3.15 8.61
C THR A 34 4.32 3.70 8.85
N ASP A 35 3.53 3.84 7.76
CA ASP A 35 2.13 4.34 7.88
C ASP A 35 1.44 4.41 6.52
N ILE A 36 0.09 4.44 6.55
CA ILE A 36 -0.70 4.54 5.32
C ILE A 36 -1.85 5.53 5.48
N LYS A 37 -2.23 6.19 4.38
CA LYS A 37 -3.33 7.16 4.40
C LYS A 37 -4.13 7.10 3.09
N ILE A 38 -5.46 7.10 3.20
CA ILE A 38 -6.35 7.10 2.04
C ILE A 38 -6.50 8.54 1.52
N TYR A 39 -6.39 8.72 0.19
CA TYR A 39 -6.50 10.07 -0.41
C TYR A 39 -7.71 10.15 -1.35
N PRO A 40 -8.29 11.36 -1.59
CA PRO A 40 -9.48 11.49 -2.48
C PRO A 40 -9.12 11.23 -3.92
N GLN A 41 -9.35 9.98 -4.33
CA GLN A 41 -9.09 9.54 -5.68
C GLN A 41 -9.73 8.17 -5.84
N LYS A 42 -10.01 7.76 -7.07
CA LYS A 42 -10.69 6.50 -7.29
C LYS A 42 -9.87 5.33 -6.70
N ARG A 43 -10.21 4.97 -5.45
CA ARG A 43 -9.60 3.81 -4.78
C ARG A 43 -8.05 3.86 -4.79
N THR A 44 -7.48 4.99 -4.32
CA THR A 44 -6.01 5.12 -4.25
C THR A 44 -5.58 5.49 -2.82
N VAL A 45 -4.61 4.73 -2.32
CA VAL A 45 -4.09 4.93 -0.96
C VAL A 45 -2.57 5.06 -1.03
N ALA A 46 -2.03 6.11 -0.37
CA ALA A 46 -0.59 6.31 -0.35
C ALA A 46 0.01 5.54 0.82
N VAL A 47 0.94 4.65 0.49
CA VAL A 47 1.54 3.77 1.51
C VAL A 47 3.05 3.99 1.61
N THR A 48 3.52 4.24 2.84
CA THR A 48 4.94 4.37 3.11
C THR A 48 5.43 3.09 3.77
N ILE A 49 6.20 2.31 3.00
CA ILE A 49 6.68 1.00 3.45
C ILE A 49 8.06 0.71 2.83
N ILE A 50 8.78 -0.30 3.37
CA ILE A 50 10.12 -0.65 2.85
C ILE A 50 10.05 -1.94 1.95
N PRO A 51 10.32 -1.83 0.62
CA PRO A 51 10.26 -3.02 -0.30
C PRO A 51 11.32 -4.07 0.04
N SER A 52 12.44 -3.63 0.60
CA SER A 52 13.52 -4.54 0.98
C SER A 52 13.06 -5.49 2.10
N ILE A 53 12.27 -4.96 3.03
CA ILE A 53 11.75 -5.75 4.16
C ILE A 53 10.67 -6.75 3.70
N VAL A 54 9.73 -6.30 2.84
CA VAL A 54 8.62 -7.18 2.37
C VAL A 54 8.60 -7.31 0.84
N ASN A 55 8.17 -8.49 0.37
CA ASN A 55 8.10 -8.78 -1.07
C ASN A 55 6.72 -8.42 -1.64
N ALA A 56 6.55 -8.67 -2.95
CA ALA A 56 5.30 -8.39 -3.66
C ALA A 56 4.14 -9.21 -3.08
N ASN A 57 4.43 -10.46 -2.70
CA ASN A 57 3.40 -11.37 -2.18
C ASN A 57 2.74 -10.81 -0.92
N GLN A 58 3.55 -10.17 -0.08
CA GLN A 58 3.05 -9.56 1.15
C GLN A 58 2.05 -8.45 0.80
N ILE A 59 2.38 -7.68 -0.24
CA ILE A 59 1.52 -6.60 -0.70
C ILE A 59 0.18 -7.17 -1.18
N LYS A 60 0.25 -8.28 -1.95
CA LYS A 60 -0.96 -8.93 -2.47
C LYS A 60 -1.87 -9.42 -1.35
N GLU A 61 -1.28 -9.97 -0.26
CA GLU A 61 -2.13 -10.45 0.85
C GLU A 61 -2.74 -9.28 1.66
N LEU A 62 -2.09 -8.11 1.61
CA LEU A 62 -2.58 -6.91 2.29
C LEU A 62 -3.89 -6.41 1.65
N VAL A 63 -3.87 -6.29 0.32
CA VAL A 63 -5.02 -5.79 -0.44
C VAL A 63 -5.61 -6.95 -1.33
N PRO A 64 -6.93 -7.25 -1.24
CA PRO A 64 -7.54 -8.41 -2.00
C PRO A 64 -7.19 -8.42 -3.50
N GLU A 65 -7.22 -7.23 -4.14
CA GLU A 65 -6.91 -7.16 -5.59
C GLU A 65 -6.05 -5.94 -5.94
N LEU A 66 -5.28 -6.08 -7.04
CA LEU A 66 -4.39 -5.02 -7.54
C LEU A 66 -3.25 -4.72 -6.57
N SER A 67 -3.54 -3.96 -5.48
CA SER A 67 -2.50 -3.60 -4.49
C SER A 67 -1.37 -2.77 -5.14
N LEU A 68 -1.71 -2.03 -6.20
CA LEU A 68 -0.75 -1.19 -6.91
C LEU A 68 -1.48 -0.19 -7.80
N ASP A 69 -0.78 0.91 -8.15
CA ASP A 69 -1.41 1.97 -8.96
C ASP A 69 -1.81 1.44 -10.34
N THR A 70 -2.70 2.19 -11.02
CA THR A 70 -3.18 1.79 -12.35
C THR A 70 -2.08 1.90 -13.41
N GLY A 71 -1.20 2.91 -13.25
CA GLY A 71 -0.10 3.12 -14.19
C GLY A 71 -0.59 3.71 -15.53
N THR A 72 -1.79 4.30 -15.52
CA THR A 72 -2.37 4.91 -16.73
C THR A 72 -2.82 6.34 -16.45
N LEU A 73 -2.95 7.15 -17.52
CA LEU A 73 -3.38 8.54 -17.37
C LEU A 73 -4.68 8.79 -18.15
N GLU A 74 -5.71 9.24 -17.43
CA GLU A 74 -7.00 9.56 -18.03
C GLU A 74 -7.01 11.02 -18.50
N LYS A 75 -7.73 11.29 -19.59
CA LYS A 75 -7.81 12.64 -20.16
C LYS A 75 -8.23 13.65 -19.07
N LYS A 76 -7.46 14.72 -18.95
CA LYS A 76 -7.72 15.76 -17.95
C LYS A 76 -8.33 17.00 -18.59
N ALA A 1 17.01 14.14 5.03
CA ALA A 1 15.55 13.87 5.20
C ALA A 1 15.19 12.58 4.48
N GLY A 2 14.05 11.99 4.86
CA GLY A 2 13.59 10.74 4.25
C GLY A 2 14.62 9.62 4.43
N HIS A 3 14.94 8.94 3.34
CA HIS A 3 15.91 7.84 3.36
C HIS A 3 15.43 6.71 4.28
N MET A 4 15.94 5.49 4.02
CA MET A 4 15.58 4.28 4.79
C MET A 4 14.10 3.89 4.63
N THR A 5 13.34 4.65 3.82
CA THR A 5 11.92 4.35 3.57
C THR A 5 11.58 4.60 2.11
N ASP A 6 10.52 3.95 1.63
CA ASP A 6 10.06 4.12 0.24
C ASP A 6 8.59 4.53 0.21
N THR A 7 8.26 5.47 -0.68
CA THR A 7 6.88 5.93 -0.83
C THR A 7 6.28 5.32 -2.10
N LEU A 8 5.19 4.58 -1.93
CA LEU A 8 4.52 3.92 -3.04
C LEU A 8 3.07 4.33 -3.16
N PHE A 9 2.61 4.50 -4.41
CA PHE A 9 1.22 4.84 -4.68
C PHE A 9 0.53 3.61 -5.27
N LEU A 10 -0.43 3.06 -4.52
CA LEU A 10 -1.11 1.82 -4.95
C LEU A 10 -2.63 1.99 -4.97
N THR A 11 -3.27 1.29 -5.92
CA THR A 11 -4.72 1.27 -6.00
C THR A 11 -5.19 -0.02 -5.32
N VAL A 12 -5.99 0.13 -4.25
CA VAL A 12 -6.40 -1.04 -3.45
C VAL A 12 -7.92 -1.18 -3.40
N THR A 13 -8.39 -2.39 -3.70
CA THR A 13 -9.81 -2.72 -3.60
C THR A 13 -10.01 -3.81 -2.54
N ALA A 14 -11.11 -3.70 -1.79
CA ALA A 14 -11.41 -4.66 -0.73
C ALA A 14 -12.82 -4.43 -0.17
N SER A 15 -13.29 -5.40 0.63
CA SER A 15 -14.61 -5.32 1.26
C SER A 15 -14.62 -4.28 2.38
N LEU A 16 -15.84 -3.91 2.83
CA LEU A 16 -16.05 -2.92 3.92
C LEU A 16 -15.97 -1.49 3.39
N THR A 17 -16.48 -0.54 4.19
CA THR A 17 -16.47 0.88 3.82
C THR A 17 -15.53 1.71 4.72
N LEU A 18 -14.62 1.03 5.43
CA LEU A 18 -13.66 1.70 6.32
C LEU A 18 -12.22 1.25 5.96
N PRO A 19 -11.64 1.76 4.85
CA PRO A 19 -10.28 1.32 4.38
C PRO A 19 -9.15 1.65 5.36
N TRP A 20 -9.27 2.75 6.10
CA TRP A 20 -8.21 3.14 7.04
C TRP A 20 -8.08 2.15 8.19
N ASP A 21 -9.21 1.61 8.67
CA ASP A 21 -9.18 0.62 9.75
C ASP A 21 -8.61 -0.72 9.28
N HIS A 22 -9.02 -1.15 8.07
CA HIS A 22 -8.57 -2.44 7.53
C HIS A 22 -7.13 -2.37 7.05
N ILE A 23 -6.82 -1.36 6.22
CA ILE A 23 -5.48 -1.20 5.65
C ILE A 23 -4.44 -0.97 6.76
N GLN A 24 -4.74 -0.04 7.68
CA GLN A 24 -3.82 0.26 8.79
C GLN A 24 -3.61 -0.97 9.66
N SER A 25 -4.70 -1.69 9.94
CA SER A 25 -4.63 -2.90 10.76
C SER A 25 -3.78 -3.99 10.08
N THR A 26 -3.97 -4.13 8.75
CA THR A 26 -3.24 -5.14 7.98
C THR A 26 -1.75 -4.79 7.86
N LEU A 27 -1.45 -3.49 7.66
CA LEU A 27 -0.06 -3.04 7.53
C LEU A 27 0.68 -3.21 8.85
N LEU A 28 0.03 -2.80 9.94
CA LEU A 28 0.62 -2.90 11.28
C LEU A 28 0.91 -4.36 11.63
N LYS A 29 0.00 -5.26 11.22
CA LYS A 29 0.15 -6.68 11.50
C LYS A 29 1.39 -7.23 10.79
N THR A 30 1.60 -6.81 9.54
CA THR A 30 2.77 -7.24 8.75
C THR A 30 3.99 -6.34 9.03
N LYS A 31 5.17 -6.96 9.03
CA LYS A 31 6.42 -6.24 9.28
C LYS A 31 6.93 -5.57 7.99
N GLY A 32 7.68 -4.46 8.15
CA GLY A 32 8.24 -3.74 7.00
C GLY A 32 7.32 -2.63 6.51
N VAL A 33 6.51 -2.06 7.43
CA VAL A 33 5.58 -0.98 7.07
C VAL A 33 5.86 0.28 7.90
N THR A 34 5.48 1.45 7.35
CA THR A 34 5.70 2.72 8.04
C THR A 34 4.37 3.45 8.28
N ASP A 35 3.58 3.62 7.21
CA ASP A 35 2.28 4.32 7.31
C ASP A 35 1.48 4.24 6.02
N ILE A 36 0.19 4.58 6.09
CA ILE A 36 -0.70 4.55 4.93
C ILE A 36 -1.84 5.57 5.10
N LYS A 37 -2.12 6.33 4.03
CA LYS A 37 -3.18 7.33 4.04
C LYS A 37 -4.04 7.23 2.78
N ILE A 38 -5.36 7.28 2.98
CA ILE A 38 -6.33 7.22 1.87
C ILE A 38 -6.58 8.63 1.31
N TYR A 39 -6.58 8.75 -0.03
CA TYR A 39 -6.80 10.04 -0.67
C TYR A 39 -8.12 10.03 -1.48
N PRO A 40 -8.79 11.20 -1.65
CA PRO A 40 -10.09 11.26 -2.40
C PRO A 40 -9.91 10.93 -3.87
N GLN A 41 -10.20 9.67 -4.22
CA GLN A 41 -10.09 9.17 -5.57
C GLN A 41 -10.80 7.82 -5.64
N LYS A 42 -10.69 7.11 -6.76
CA LYS A 42 -11.34 5.82 -6.86
C LYS A 42 -10.46 4.71 -6.27
N ARG A 43 -10.69 4.43 -4.98
CA ARG A 43 -9.97 3.35 -4.30
C ARG A 43 -8.44 3.46 -4.46
N THR A 44 -7.89 4.65 -4.15
CA THR A 44 -6.44 4.86 -4.23
C THR A 44 -5.89 5.34 -2.90
N VAL A 45 -4.75 4.76 -2.50
CA VAL A 45 -4.13 5.09 -1.23
C VAL A 45 -2.61 5.25 -1.38
N ALA A 46 -2.03 6.09 -0.52
CA ALA A 46 -0.59 6.27 -0.49
C ALA A 46 -0.02 5.47 0.67
N VAL A 47 0.99 4.66 0.39
CA VAL A 47 1.58 3.79 1.41
C VAL A 47 3.11 3.91 1.42
N THR A 48 3.66 4.06 2.63
CA THR A 48 5.10 4.15 2.81
C THR A 48 5.62 2.89 3.48
N ILE A 49 6.37 2.08 2.72
CA ILE A 49 6.92 0.83 3.22
C ILE A 49 8.38 0.66 2.83
N ILE A 50 9.03 -0.34 3.41
CA ILE A 50 10.43 -0.66 3.11
C ILE A 50 10.49 -2.01 2.33
N PRO A 51 10.71 -2.01 0.99
CA PRO A 51 10.71 -3.27 0.15
C PRO A 51 11.67 -4.34 0.66
N SER A 52 12.86 -3.92 1.12
CA SER A 52 13.88 -4.88 1.58
C SER A 52 13.39 -5.68 2.78
N ILE A 53 12.67 -5.01 3.69
CA ILE A 53 12.13 -5.67 4.89
C ILE A 53 10.97 -6.61 4.50
N VAL A 54 10.09 -6.13 3.61
CA VAL A 54 8.93 -6.92 3.17
C VAL A 54 8.64 -6.69 1.67
N ASN A 55 8.20 -7.76 0.99
CA ASN A 55 7.88 -7.70 -0.43
C ASN A 55 6.42 -7.30 -0.64
N ALA A 56 6.10 -6.84 -1.85
CA ALA A 56 4.74 -6.41 -2.20
C ALA A 56 3.73 -7.57 -2.08
N ASN A 57 4.22 -8.81 -2.22
CA ASN A 57 3.37 -10.00 -2.16
C ASN A 57 2.63 -10.10 -0.82
N GLN A 58 3.35 -9.82 0.28
CA GLN A 58 2.75 -9.90 1.62
C GLN A 58 1.60 -8.91 1.76
N ILE A 59 1.80 -7.70 1.23
CA ILE A 59 0.76 -6.66 1.25
C ILE A 59 -0.45 -7.14 0.44
N LYS A 60 -0.18 -7.73 -0.73
CA LYS A 60 -1.23 -8.25 -1.59
C LYS A 60 -1.99 -9.38 -0.89
N GLU A 61 -1.26 -10.20 -0.13
CA GLU A 61 -1.87 -11.33 0.58
C GLU A 61 -2.94 -10.85 1.58
N LEU A 62 -2.60 -9.80 2.35
CA LEU A 62 -3.54 -9.26 3.35
C LEU A 62 -4.76 -8.58 2.70
N VAL A 63 -4.52 -7.81 1.63
CA VAL A 63 -5.60 -7.08 0.93
C VAL A 63 -5.65 -7.47 -0.58
N PRO A 64 -6.83 -7.87 -1.14
CA PRO A 64 -6.92 -8.31 -2.58
C PRO A 64 -6.24 -7.33 -3.52
N GLU A 65 -6.44 -6.01 -3.27
CA GLU A 65 -5.79 -4.97 -4.08
C GLU A 65 -6.17 -5.10 -5.55
N LEU A 66 -5.97 -4.01 -6.33
CA LEU A 66 -6.33 -4.00 -7.75
C LEU A 66 -5.11 -3.80 -8.66
N SER A 67 -4.40 -2.67 -8.49
CA SER A 67 -3.26 -2.35 -9.35
C SER A 67 -2.22 -1.49 -8.63
N LEU A 68 -0.96 -1.62 -9.07
CA LEU A 68 0.16 -0.85 -8.49
C LEU A 68 0.66 0.19 -9.49
N ASP A 69 1.02 1.38 -8.99
CA ASP A 69 1.54 2.45 -9.85
C ASP A 69 3.05 2.27 -10.06
N THR A 70 3.43 1.90 -11.29
CA THR A 70 4.83 1.66 -11.63
C THR A 70 5.65 2.94 -11.45
N GLY A 71 6.75 2.84 -10.70
CA GLY A 71 7.65 3.97 -10.46
C GLY A 71 9.10 3.51 -10.29
N THR A 72 9.41 2.30 -10.77
CA THR A 72 10.75 1.72 -10.66
C THR A 72 11.78 2.57 -11.43
N LEU A 73 11.39 3.01 -12.64
CA LEU A 73 12.28 3.79 -13.51
C LEU A 73 13.48 2.95 -13.92
N GLU A 74 13.56 2.64 -15.23
CA GLU A 74 14.64 1.80 -15.76
C GLU A 74 15.98 2.52 -15.67
N LYS A 75 16.99 1.81 -15.16
CA LYS A 75 18.34 2.36 -15.04
C LYS A 75 18.89 2.68 -16.43
N LYS A 76 18.68 1.76 -17.37
CA LYS A 76 19.15 1.93 -18.76
C LYS A 76 18.00 2.35 -19.67
N ALA A 1 21.43 10.52 2.44
CA ALA A 1 21.31 11.52 3.56
C ALA A 1 20.01 12.29 3.42
N GLY A 2 19.24 12.35 4.51
CA GLY A 2 17.96 13.07 4.53
C GLY A 2 16.78 12.17 4.12
N HIS A 3 17.07 10.95 3.64
CA HIS A 3 16.04 9.99 3.24
C HIS A 3 16.31 8.62 3.81
N MET A 4 15.25 7.95 4.26
CA MET A 4 15.36 6.60 4.85
C MET A 4 14.08 5.75 4.64
N THR A 5 13.12 6.29 3.87
CA THR A 5 11.87 5.57 3.56
C THR A 5 11.54 5.67 2.08
N ASP A 6 10.77 4.68 1.58
CA ASP A 6 10.34 4.68 0.18
C ASP A 6 8.83 4.88 0.10
N THR A 7 8.40 5.69 -0.89
CA THR A 7 6.98 5.98 -1.06
C THR A 7 6.44 5.24 -2.28
N LEU A 8 5.38 4.45 -2.07
CA LEU A 8 4.76 3.67 -3.14
C LEU A 8 3.30 4.05 -3.31
N PHE A 9 2.90 4.24 -4.57
CA PHE A 9 1.52 4.61 -4.90
C PHE A 9 0.79 3.43 -5.55
N LEU A 10 -0.23 2.92 -4.86
CA LEU A 10 -1.01 1.78 -5.35
C LEU A 10 -2.51 2.09 -5.33
N THR A 11 -3.25 1.48 -6.25
CA THR A 11 -4.71 1.65 -6.31
C THR A 11 -5.38 0.48 -5.60
N VAL A 12 -6.56 0.75 -5.01
CA VAL A 12 -7.29 -0.27 -4.25
C VAL A 12 -8.34 -0.97 -5.11
N THR A 13 -8.20 -2.29 -5.24
CA THR A 13 -9.16 -3.11 -5.97
C THR A 13 -9.66 -4.26 -5.07
N ALA A 14 -10.98 -4.29 -4.83
CA ALA A 14 -11.59 -5.33 -3.98
C ALA A 14 -13.10 -5.15 -3.91
N SER A 15 -13.81 -6.28 -3.82
CA SER A 15 -15.27 -6.25 -3.67
C SER A 15 -15.67 -6.30 -2.18
N LEU A 16 -14.74 -6.75 -1.32
CA LEU A 16 -14.99 -6.85 0.12
C LEU A 16 -15.23 -5.48 0.76
N THR A 17 -14.49 -4.46 0.30
CA THR A 17 -14.58 -3.09 0.86
C THR A 17 -14.03 -3.05 2.29
N LEU A 18 -12.72 -2.83 2.39
CA LEU A 18 -12.04 -2.80 3.69
C LEU A 18 -11.97 -1.36 4.28
N PRO A 19 -12.45 -1.12 5.53
CA PRO A 19 -12.37 0.23 6.16
C PRO A 19 -10.94 0.57 6.57
N TRP A 20 -10.67 1.87 6.73
CA TRP A 20 -9.32 2.34 7.10
C TRP A 20 -8.82 1.72 8.42
N ASP A 21 -9.76 1.47 9.35
CA ASP A 21 -9.41 0.88 10.65
C ASP A 21 -8.79 -0.51 10.46
N HIS A 22 -9.45 -1.35 9.66
CA HIS A 22 -8.97 -2.71 9.37
C HIS A 22 -7.68 -2.65 8.56
N ILE A 23 -7.60 -1.70 7.62
CA ILE A 23 -6.40 -1.53 6.79
C ILE A 23 -5.22 -1.21 7.71
N GLN A 24 -5.43 -0.29 8.66
CA GLN A 24 -4.41 0.05 9.64
C GLN A 24 -3.99 -1.17 10.44
N SER A 25 -4.98 -1.99 10.82
CA SER A 25 -4.72 -3.20 11.59
C SER A 25 -3.88 -4.20 10.79
N THR A 26 -4.21 -4.35 9.49
CA THR A 26 -3.49 -5.30 8.64
C THR A 26 -2.06 -4.84 8.34
N LEU A 27 -1.93 -3.57 7.94
CA LEU A 27 -0.61 -3.02 7.60
C LEU A 27 0.27 -2.91 8.85
N LEU A 28 -0.34 -2.54 9.97
CA LEU A 28 0.38 -2.40 11.24
C LEU A 28 0.98 -3.75 11.67
N LYS A 29 0.19 -4.83 11.55
CA LYS A 29 0.65 -6.16 11.95
C LYS A 29 1.81 -6.64 11.09
N THR A 30 1.75 -6.39 9.77
CA THR A 30 2.84 -6.81 8.87
C THR A 30 4.08 -5.94 9.06
N LYS A 31 5.25 -6.57 9.03
CA LYS A 31 6.52 -5.88 9.19
C LYS A 31 7.01 -5.26 7.88
N GLY A 32 7.80 -4.19 7.99
CA GLY A 32 8.36 -3.51 6.82
C GLY A 32 7.40 -2.47 6.22
N VAL A 33 6.32 -2.15 6.95
CA VAL A 33 5.35 -1.14 6.49
C VAL A 33 5.27 -0.01 7.54
N THR A 34 5.70 1.20 7.14
CA THR A 34 5.67 2.35 8.04
C THR A 34 4.23 2.83 8.28
N ASP A 35 3.44 2.94 7.20
CA ASP A 35 2.05 3.40 7.31
C ASP A 35 1.28 3.27 6.00
N ILE A 36 -0.04 3.41 6.11
CA ILE A 36 -0.93 3.35 4.94
C ILE A 36 -2.07 4.37 5.11
N LYS A 37 -2.34 5.15 4.06
CA LYS A 37 -3.40 6.14 4.10
C LYS A 37 -4.09 6.24 2.74
N ILE A 38 -5.42 6.18 2.74
CA ILE A 38 -6.20 6.29 1.49
C ILE A 38 -6.21 7.74 1.00
N TYR A 39 -6.09 7.91 -0.33
CA TYR A 39 -6.07 9.23 -0.94
C TYR A 39 -7.45 9.53 -1.61
N PRO A 40 -8.22 10.54 -1.14
CA PRO A 40 -9.57 10.83 -1.74
C PRO A 40 -9.51 10.87 -3.26
N GLN A 41 -9.90 9.77 -3.88
CA GLN A 41 -9.93 9.63 -5.32
C GLN A 41 -10.69 8.35 -5.63
N LYS A 42 -10.74 7.93 -6.91
CA LYS A 42 -11.43 6.69 -7.22
C LYS A 42 -10.48 5.52 -7.01
N ARG A 43 -10.57 4.92 -5.81
CA ARG A 43 -9.76 3.75 -5.46
C ARG A 43 -8.25 4.07 -5.57
N THR A 44 -7.81 5.10 -4.81
CA THR A 44 -6.40 5.51 -4.80
C THR A 44 -5.88 5.53 -3.36
N VAL A 45 -4.72 4.88 -3.15
CA VAL A 45 -4.11 4.82 -1.82
C VAL A 45 -2.58 4.94 -1.93
N ALA A 46 -1.96 5.55 -0.91
CA ALA A 46 -0.50 5.72 -0.87
C ALA A 46 0.06 5.10 0.40
N VAL A 47 1.19 4.38 0.25
CA VAL A 47 1.84 3.73 1.39
C VAL A 47 3.32 4.06 1.46
N THR A 48 3.83 4.18 2.69
CA THR A 48 5.25 4.40 2.90
C THR A 48 5.84 3.14 3.51
N ILE A 49 6.72 2.48 2.76
CA ILE A 49 7.32 1.21 3.20
C ILE A 49 8.77 1.07 2.75
N ILE A 50 9.40 -0.02 3.19
CA ILE A 50 10.76 -0.36 2.78
C ILE A 50 10.73 -1.67 1.95
N PRO A 51 10.80 -1.62 0.59
CA PRO A 51 10.69 -2.85 -0.27
C PRO A 51 11.64 -3.98 0.12
N SER A 52 12.85 -3.62 0.57
CA SER A 52 13.85 -4.63 0.95
C SER A 52 13.37 -5.51 2.10
N ILE A 53 12.66 -4.89 3.06
CA ILE A 53 12.15 -5.61 4.23
C ILE A 53 10.77 -6.27 3.95
N VAL A 54 9.90 -5.58 3.19
CA VAL A 54 8.56 -6.11 2.89
C VAL A 54 8.40 -6.47 1.40
N ASN A 55 7.69 -7.58 1.15
CA ASN A 55 7.46 -8.06 -0.20
C ASN A 55 6.06 -7.71 -0.69
N ALA A 56 5.90 -7.67 -2.01
CA ALA A 56 4.61 -7.35 -2.63
C ALA A 56 3.53 -8.35 -2.23
N ASN A 57 3.93 -9.62 -2.11
CA ASN A 57 2.99 -10.70 -1.80
C ASN A 57 2.29 -10.45 -0.45
N GLN A 58 3.05 -10.01 0.56
CA GLN A 58 2.48 -9.74 1.90
C GLN A 58 1.43 -8.62 1.82
N ILE A 59 1.75 -7.58 1.05
CA ILE A 59 0.83 -6.46 0.85
C ILE A 59 -0.42 -6.96 0.13
N LYS A 60 -0.20 -7.79 -0.90
CA LYS A 60 -1.30 -8.38 -1.67
C LYS A 60 -2.10 -9.37 -0.81
N GLU A 61 -1.42 -10.00 0.16
CA GLU A 61 -2.07 -10.97 1.04
C GLU A 61 -3.19 -10.29 1.83
N LEU A 62 -2.88 -9.11 2.42
CA LEU A 62 -3.87 -8.37 3.23
C LEU A 62 -4.99 -7.77 2.37
N VAL A 63 -4.63 -7.19 1.22
CA VAL A 63 -5.60 -6.54 0.32
C VAL A 63 -5.92 -7.46 -0.91
N PRO A 64 -7.20 -7.78 -1.20
CA PRO A 64 -7.56 -8.73 -2.31
C PRO A 64 -6.83 -8.41 -3.63
N GLU A 65 -6.84 -7.13 -4.06
CA GLU A 65 -6.15 -6.75 -5.31
C GLU A 65 -5.58 -5.33 -5.22
N LEU A 66 -4.28 -5.21 -5.58
CA LEU A 66 -3.60 -3.91 -5.62
C LEU A 66 -2.87 -3.72 -6.94
N SER A 67 -2.94 -2.52 -7.51
CA SER A 67 -2.30 -2.23 -8.80
C SER A 67 -1.44 -0.96 -8.72
N LEU A 68 -0.41 -0.87 -9.58
CA LEU A 68 0.46 0.30 -9.60
C LEU A 68 -0.35 1.57 -9.87
N ASP A 69 0.15 2.72 -9.39
CA ASP A 69 -0.54 4.00 -9.57
C ASP A 69 -0.26 4.56 -10.96
N THR A 70 -1.29 4.51 -11.83
CA THR A 70 -1.17 5.01 -13.20
C THR A 70 -2.28 6.02 -13.49
N GLY A 71 -1.89 7.17 -14.05
CA GLY A 71 -2.84 8.24 -14.39
C GLY A 71 -3.11 9.14 -13.19
N THR A 72 -3.87 10.21 -13.42
CA THR A 72 -4.22 11.17 -12.35
C THR A 72 -5.58 11.81 -12.61
N LEU A 73 -6.30 12.11 -11.52
CA LEU A 73 -7.62 12.75 -11.61
C LEU A 73 -7.62 14.07 -10.86
N GLU A 74 -8.26 15.09 -11.46
CA GLU A 74 -8.36 16.41 -10.84
C GLU A 74 -9.82 16.71 -10.47
N LYS A 75 -10.34 15.97 -9.48
CA LYS A 75 -11.71 16.15 -9.01
C LYS A 75 -11.90 17.56 -8.46
N LYS A 76 -10.92 18.04 -7.69
CA LYS A 76 -10.97 19.37 -7.10
C LYS A 76 -9.57 19.93 -6.88
N ALA A 1 13.36 15.99 6.57
CA ALA A 1 13.58 15.98 8.04
C ALA A 1 14.50 14.81 8.42
N GLY A 2 14.28 13.66 7.77
CA GLY A 2 15.10 12.47 8.02
C GLY A 2 14.22 11.28 8.39
N HIS A 3 13.89 10.46 7.39
CA HIS A 3 13.06 9.27 7.59
C HIS A 3 13.71 8.03 6.95
N MET A 4 14.32 8.24 5.77
CA MET A 4 15.01 7.17 5.04
C MET A 4 14.04 6.02 4.67
N THR A 5 12.88 6.39 4.11
CA THR A 5 11.89 5.40 3.67
C THR A 5 11.42 5.71 2.25
N ASP A 6 10.85 4.68 1.58
CA ASP A 6 10.37 4.83 0.21
C ASP A 6 8.84 4.81 0.17
N THR A 7 8.26 5.66 -0.70
CA THR A 7 6.80 5.74 -0.82
C THR A 7 6.34 5.06 -2.10
N LEU A 8 5.24 4.30 -1.98
CA LEU A 8 4.67 3.56 -3.11
C LEU A 8 3.17 3.80 -3.20
N PHE A 9 2.70 4.04 -4.43
CA PHE A 9 1.27 4.29 -4.68
C PHE A 9 0.52 2.97 -4.90
N LEU A 10 -0.47 2.71 -4.04
CA LEU A 10 -1.25 1.49 -4.11
C LEU A 10 -2.76 1.79 -4.19
N THR A 11 -3.51 0.91 -4.89
CA THR A 11 -4.96 1.07 -5.00
C THR A 11 -5.66 -0.27 -4.72
N VAL A 12 -6.85 -0.19 -4.12
CA VAL A 12 -7.62 -1.39 -3.73
C VAL A 12 -8.34 -2.01 -4.92
N THR A 13 -8.11 -3.32 -5.13
CA THR A 13 -8.77 -4.07 -6.21
C THR A 13 -9.40 -5.38 -5.66
N ALA A 14 -10.68 -5.61 -6.03
CA ALA A 14 -11.42 -6.80 -5.60
C ALA A 14 -11.72 -6.79 -4.09
N SER A 15 -12.39 -5.71 -3.65
CA SER A 15 -12.77 -5.55 -2.24
C SER A 15 -14.07 -4.75 -2.13
N LEU A 16 -14.87 -5.08 -1.11
CA LEU A 16 -16.14 -4.40 -0.89
C LEU A 16 -15.95 -3.14 -0.03
N THR A 17 -15.36 -2.10 -0.66
CA THR A 17 -15.12 -0.80 -0.02
C THR A 17 -14.66 -0.96 1.46
N LEU A 18 -13.46 -1.54 1.65
CA LEU A 18 -12.92 -1.77 2.99
C LEU A 18 -12.61 -0.42 3.71
N PRO A 19 -12.87 -0.29 5.04
CA PRO A 19 -12.54 0.97 5.80
C PRO A 19 -11.03 1.25 5.81
N TRP A 20 -10.65 2.53 5.81
CA TRP A 20 -9.24 2.91 5.87
C TRP A 20 -8.58 2.33 7.13
N ASP A 21 -9.37 2.19 8.21
CA ASP A 21 -8.90 1.59 9.46
C ASP A 21 -8.49 0.13 9.21
N HIS A 22 -9.29 -0.56 8.39
CA HIS A 22 -9.02 -1.95 8.02
C HIS A 22 -7.67 -2.04 7.31
N ILE A 23 -7.44 -1.10 6.39
CA ILE A 23 -6.17 -1.05 5.65
C ILE A 23 -5.01 -0.86 6.66
N GLN A 24 -5.23 0.04 7.63
CA GLN A 24 -4.24 0.29 8.68
C GLN A 24 -3.97 -0.99 9.48
N SER A 25 -5.03 -1.76 9.74
CA SER A 25 -4.90 -3.01 10.50
C SER A 25 -3.98 -3.99 9.77
N THR A 26 -4.14 -4.09 8.44
CA THR A 26 -3.30 -4.98 7.63
C THR A 26 -1.88 -4.44 7.56
N LEU A 27 -1.75 -3.11 7.48
CA LEU A 27 -0.45 -2.46 7.42
C LEU A 27 0.35 -2.73 8.70
N LEU A 28 -0.31 -2.55 9.84
CA LEU A 28 0.31 -2.76 11.14
C LEU A 28 0.72 -4.24 11.31
N LYS A 29 -0.13 -5.13 10.80
CA LYS A 29 0.11 -6.58 10.92
C LYS A 29 1.39 -6.98 10.15
N THR A 30 1.57 -6.42 8.95
CA THR A 30 2.74 -6.75 8.12
C THR A 30 3.99 -5.98 8.57
N LYS A 31 5.14 -6.66 8.54
CA LYS A 31 6.43 -6.06 8.90
C LYS A 31 7.08 -5.32 7.73
N GLY A 32 7.89 -4.30 8.06
CA GLY A 32 8.64 -3.54 7.04
C GLY A 32 7.88 -2.31 6.52
N VAL A 33 6.63 -2.13 6.96
CA VAL A 33 5.81 -1.00 6.49
C VAL A 33 5.62 0.02 7.63
N THR A 34 5.67 1.32 7.27
CA THR A 34 5.58 2.38 8.27
C THR A 34 4.18 3.00 8.39
N ASP A 35 3.50 3.27 7.25
CA ASP A 35 2.16 3.89 7.31
C ASP A 35 1.46 4.00 5.95
N ILE A 36 0.15 4.27 6.01
CA ILE A 36 -0.67 4.44 4.80
C ILE A 36 -1.77 5.49 5.04
N LYS A 37 -2.08 6.27 4.00
CA LYS A 37 -3.12 7.29 4.08
C LYS A 37 -3.91 7.37 2.78
N ILE A 38 -5.25 7.27 2.89
CA ILE A 38 -6.14 7.32 1.73
C ILE A 38 -6.25 8.76 1.19
N TYR A 39 -6.36 8.89 -0.14
CA TYR A 39 -6.49 10.21 -0.78
C TYR A 39 -7.77 10.31 -1.63
N PRO A 40 -8.38 11.51 -1.78
CA PRO A 40 -9.65 11.65 -2.57
C PRO A 40 -9.47 11.20 -4.03
N GLN A 41 -9.92 9.99 -4.31
CA GLN A 41 -9.86 9.42 -5.66
C GLN A 41 -10.71 8.14 -5.67
N LYS A 42 -10.65 7.38 -6.77
CA LYS A 42 -11.41 6.14 -6.81
C LYS A 42 -10.62 5.03 -6.12
N ARG A 43 -10.91 4.84 -4.82
CA ARG A 43 -10.31 3.77 -4.03
C ARG A 43 -8.76 3.70 -4.18
N THR A 44 -8.08 4.82 -3.84
CA THR A 44 -6.60 4.86 -3.92
C THR A 44 -5.98 5.27 -2.60
N VAL A 45 -4.81 4.71 -2.30
CA VAL A 45 -4.10 4.99 -1.05
C VAL A 45 -2.59 5.15 -1.29
N ALA A 46 -1.93 5.95 -0.45
CA ALA A 46 -0.49 6.14 -0.51
C ALA A 46 0.16 5.55 0.74
N VAL A 47 1.21 4.75 0.55
CA VAL A 47 1.86 4.08 1.68
C VAL A 47 3.39 4.24 1.64
N THR A 48 3.98 4.42 2.82
CA THR A 48 5.42 4.51 2.95
C THR A 48 5.94 3.18 3.49
N ILE A 49 6.79 2.50 2.69
CA ILE A 49 7.30 1.16 3.05
C ILE A 49 8.81 1.05 2.85
N ILE A 50 9.35 -0.10 3.29
CA ILE A 50 10.77 -0.41 3.12
C ILE A 50 10.90 -1.62 2.13
N PRO A 51 11.30 -1.40 0.86
CA PRO A 51 11.40 -2.51 -0.17
C PRO A 51 12.27 -3.69 0.30
N SER A 52 13.36 -3.38 1.01
CA SER A 52 14.30 -4.41 1.48
C SER A 52 13.63 -5.42 2.42
N ILE A 53 12.66 -4.94 3.22
CA ILE A 53 11.98 -5.80 4.22
C ILE A 53 10.54 -6.16 3.78
N VAL A 54 9.96 -5.38 2.86
CA VAL A 54 8.56 -5.60 2.43
C VAL A 54 8.50 -6.28 1.06
N ASN A 55 7.68 -7.35 0.99
CA ASN A 55 7.47 -8.08 -0.25
C ASN A 55 6.06 -7.85 -0.78
N ALA A 56 5.93 -7.85 -2.11
CA ALA A 56 4.63 -7.62 -2.77
C ALA A 56 3.60 -8.69 -2.39
N ASN A 57 4.05 -9.94 -2.27
CA ASN A 57 3.15 -11.06 -1.96
C ASN A 57 2.45 -10.89 -0.61
N GLN A 58 3.17 -10.37 0.40
CA GLN A 58 2.61 -10.23 1.74
C GLN A 58 1.41 -9.28 1.76
N ILE A 59 1.54 -8.12 1.09
CA ILE A 59 0.43 -7.16 1.01
C ILE A 59 -0.72 -7.74 0.17
N LYS A 60 -0.35 -8.46 -0.89
CA LYS A 60 -1.32 -9.14 -1.74
C LYS A 60 -2.03 -10.26 -0.97
N GLU A 61 -1.31 -10.88 -0.02
CA GLU A 61 -1.89 -11.95 0.78
C GLU A 61 -3.08 -11.41 1.58
N LEU A 62 -2.89 -10.24 2.24
CA LEU A 62 -3.97 -9.62 3.00
C LEU A 62 -5.09 -9.05 2.10
N VAL A 63 -4.69 -8.41 0.99
CA VAL A 63 -5.67 -7.80 0.05
C VAL A 63 -5.71 -8.63 -1.28
N PRO A 64 -6.86 -9.21 -1.67
CA PRO A 64 -6.94 -10.07 -2.91
C PRO A 64 -6.21 -9.45 -4.10
N GLU A 65 -6.52 -8.18 -4.43
CA GLU A 65 -5.81 -7.48 -5.50
C GLU A 65 -5.57 -6.03 -5.12
N LEU A 66 -4.36 -5.54 -5.39
CA LEU A 66 -3.98 -4.17 -5.05
C LEU A 66 -2.64 -3.81 -5.71
N SER A 67 -2.62 -2.67 -6.46
CA SER A 67 -1.38 -2.19 -7.13
C SER A 67 -1.68 -1.02 -8.08
N LEU A 68 -1.70 0.20 -7.54
CA LEU A 68 -1.94 1.40 -8.33
C LEU A 68 -0.83 1.59 -9.35
N ASP A 69 0.42 1.43 -8.90
CA ASP A 69 1.58 1.55 -9.78
C ASP A 69 1.88 0.23 -10.47
N THR A 70 1.62 0.16 -11.78
CA THR A 70 1.86 -1.09 -12.54
C THR A 70 2.78 -0.82 -13.73
N GLY A 71 3.48 -1.87 -14.16
CA GLY A 71 4.43 -1.77 -15.28
C GLY A 71 3.84 -2.30 -16.61
N THR A 72 2.55 -2.66 -16.61
CA THR A 72 1.89 -3.19 -17.81
C THR A 72 0.58 -2.46 -18.10
N LEU A 73 0.14 -2.55 -19.36
CA LEU A 73 -1.11 -1.91 -19.80
C LEU A 73 -2.16 -2.97 -20.12
N GLU A 74 -3.31 -2.91 -19.44
CA GLU A 74 -4.39 -3.87 -19.65
C GLU A 74 -5.74 -3.17 -19.86
N LYS A 75 -6.59 -3.79 -20.66
CA LYS A 75 -7.93 -3.25 -20.94
C LYS A 75 -8.85 -3.47 -19.76
N LYS A 76 -9.89 -2.63 -19.65
CA LYS A 76 -10.86 -2.71 -18.54
C LYS A 76 -10.19 -2.45 -17.20
N ALA A 1 14.27 12.95 -1.60
CA ALA A 1 14.74 12.53 -0.25
C ALA A 1 14.10 11.21 0.15
N GLY A 2 14.92 10.17 0.30
CA GLY A 2 14.44 8.84 0.66
C GLY A 2 14.89 8.46 2.06
N HIS A 3 15.53 7.29 2.18
CA HIS A 3 16.03 6.78 3.47
C HIS A 3 14.87 6.49 4.43
N MET A 4 15.13 5.61 5.40
CA MET A 4 14.11 5.21 6.41
C MET A 4 13.00 4.37 5.78
N THR A 5 12.21 4.99 4.90
CA THR A 5 11.10 4.29 4.22
C THR A 5 10.88 4.86 2.82
N ASP A 6 10.32 4.03 1.94
CA ASP A 6 10.03 4.44 0.56
C ASP A 6 8.55 4.67 0.35
N THR A 7 8.22 5.72 -0.41
CA THR A 7 6.82 6.07 -0.69
C THR A 7 6.38 5.46 -2.02
N LEU A 8 5.25 4.75 -1.98
CA LEU A 8 4.69 4.12 -3.17
C LEU A 8 3.22 4.53 -3.35
N PHE A 9 2.80 4.66 -4.60
CA PHE A 9 1.40 5.02 -4.92
C PHE A 9 0.66 3.81 -5.46
N LEU A 10 -0.34 3.35 -4.70
CA LEU A 10 -1.12 2.17 -5.07
C LEU A 10 -2.61 2.47 -5.12
N THR A 11 -3.31 1.74 -5.99
CA THR A 11 -4.75 1.87 -6.15
C THR A 11 -5.45 0.72 -5.41
N VAL A 12 -6.46 1.10 -4.61
CA VAL A 12 -7.18 0.15 -3.75
C VAL A 12 -8.05 -0.79 -4.57
N THR A 13 -7.86 -2.10 -4.35
CA THR A 13 -8.66 -3.12 -5.00
C THR A 13 -9.24 -4.08 -3.96
N ALA A 14 -10.55 -4.30 -4.06
CA ALA A 14 -11.27 -5.19 -3.16
C ALA A 14 -12.53 -5.73 -3.85
N SER A 15 -12.99 -6.92 -3.43
CA SER A 15 -14.17 -7.55 -4.03
C SER A 15 -15.41 -6.69 -3.85
N LEU A 16 -15.58 -6.14 -2.64
CA LEU A 16 -16.75 -5.29 -2.33
C LEU A 16 -16.34 -4.11 -1.43
N THR A 17 -15.15 -3.54 -1.70
CA THR A 17 -14.63 -2.42 -0.91
C THR A 17 -14.39 -2.86 0.53
N LEU A 18 -13.40 -2.23 1.19
CA LEU A 18 -13.06 -2.57 2.57
C LEU A 18 -12.61 -1.30 3.35
N PRO A 19 -13.03 -1.12 4.62
CA PRO A 19 -12.66 0.12 5.42
C PRO A 19 -11.14 0.32 5.55
N TRP A 20 -10.74 1.59 5.53
CA TRP A 20 -9.34 1.97 5.65
C TRP A 20 -8.72 1.47 6.96
N ASP A 21 -9.55 1.44 8.02
CA ASP A 21 -9.10 0.99 9.33
C ASP A 21 -8.68 -0.46 9.32
N HIS A 22 -9.49 -1.32 8.67
CA HIS A 22 -9.20 -2.75 8.59
C HIS A 22 -7.94 -3.03 7.78
N ILE A 23 -7.76 -2.31 6.66
CA ILE A 23 -6.57 -2.52 5.82
C ILE A 23 -5.31 -1.92 6.46
N GLN A 24 -5.48 -0.80 7.15
CA GLN A 24 -4.38 -0.15 7.86
C GLN A 24 -3.96 -1.00 9.07
N SER A 25 -4.96 -1.53 9.78
CA SER A 25 -4.71 -2.33 10.98
C SER A 25 -3.96 -3.61 10.67
N THR A 26 -4.32 -4.26 9.55
CA THR A 26 -3.67 -5.51 9.16
C THR A 26 -2.24 -5.25 8.69
N LEU A 27 -2.06 -4.18 7.90
CA LEU A 27 -0.73 -3.83 7.40
C LEU A 27 0.20 -3.47 8.56
N LEU A 28 -0.33 -2.73 9.54
CA LEU A 28 0.44 -2.35 10.73
C LEU A 28 0.88 -3.58 11.51
N LYS A 29 0.00 -4.58 11.59
CA LYS A 29 0.32 -5.83 12.29
C LYS A 29 1.48 -6.55 11.62
N THR A 30 1.49 -6.54 10.27
CA THR A 30 2.57 -7.17 9.51
C THR A 30 3.81 -6.27 9.52
N LYS A 31 4.99 -6.89 9.53
CA LYS A 31 6.26 -6.16 9.55
C LYS A 31 6.69 -5.76 8.15
N GLY A 32 7.47 -4.66 8.06
CA GLY A 32 8.00 -4.20 6.76
C GLY A 32 7.21 -3.03 6.16
N VAL A 33 6.29 -2.45 6.93
CA VAL A 33 5.49 -1.30 6.45
C VAL A 33 5.58 -0.12 7.41
N THR A 34 5.35 1.08 6.87
CA THR A 34 5.42 2.31 7.67
C THR A 34 4.02 2.83 7.99
N ASP A 35 3.24 3.14 6.92
CA ASP A 35 1.88 3.65 7.10
C ASP A 35 1.13 3.73 5.76
N ILE A 36 -0.20 3.60 5.84
CA ILE A 36 -1.05 3.67 4.65
C ILE A 36 -2.22 4.65 4.89
N LYS A 37 -2.43 5.58 3.94
CA LYS A 37 -3.51 6.56 4.05
C LYS A 37 -4.22 6.75 2.71
N ILE A 38 -5.55 6.61 2.73
CA ILE A 38 -6.38 6.79 1.53
C ILE A 38 -6.69 8.28 1.33
N TYR A 39 -6.66 8.74 0.07
CA TYR A 39 -6.93 10.16 -0.22
C TYR A 39 -8.17 10.33 -1.12
N PRO A 40 -8.90 11.46 -1.02
CA PRO A 40 -10.12 11.69 -1.87
C PRO A 40 -9.78 11.63 -3.35
N GLN A 41 -10.06 10.48 -3.95
CA GLN A 41 -9.82 10.24 -5.38
C GLN A 41 -10.53 8.96 -5.77
N LYS A 42 -10.32 8.49 -7.00
CA LYS A 42 -10.95 7.26 -7.42
C LYS A 42 -10.17 6.08 -6.88
N ARG A 43 -10.60 5.59 -5.71
CA ARG A 43 -9.95 4.44 -5.04
C ARG A 43 -8.41 4.49 -5.14
N THR A 44 -7.81 5.53 -4.51
CA THR A 44 -6.35 5.66 -4.48
C THR A 44 -5.86 5.78 -3.05
N VAL A 45 -4.69 5.20 -2.79
CA VAL A 45 -4.11 5.20 -1.46
C VAL A 45 -2.58 5.32 -1.50
N ALA A 46 -2.02 6.08 -0.55
CA ALA A 46 -0.57 6.24 -0.46
C ALA A 46 -0.02 5.21 0.53
N VAL A 47 0.93 4.40 0.06
CA VAL A 47 1.52 3.35 0.89
C VAL A 47 3.02 3.56 1.06
N THR A 48 3.47 3.67 2.31
CA THR A 48 4.88 3.86 2.62
C THR A 48 5.44 2.59 3.27
N ILE A 49 6.27 1.86 2.51
CA ILE A 49 6.85 0.60 2.98
C ILE A 49 8.33 0.47 2.59
N ILE A 50 8.97 -0.60 3.08
CA ILE A 50 10.38 -0.87 2.77
C ILE A 50 10.51 -2.15 1.89
N PRO A 51 10.68 -2.03 0.54
CA PRO A 51 10.77 -3.22 -0.37
C PRO A 51 12.06 -4.03 -0.18
N SER A 52 13.09 -3.39 0.36
CA SER A 52 14.39 -4.03 0.56
C SER A 52 14.30 -5.24 1.49
N ILE A 53 13.47 -5.11 2.54
CA ILE A 53 13.32 -6.17 3.54
C ILE A 53 12.08 -7.05 3.26
N VAL A 54 10.98 -6.41 2.82
CA VAL A 54 9.72 -7.15 2.57
C VAL A 54 9.21 -6.93 1.14
N ASN A 55 8.33 -7.83 0.70
CA ASN A 55 7.76 -7.76 -0.65
C ASN A 55 6.28 -7.42 -0.62
N ALA A 56 5.74 -7.04 -1.77
CA ALA A 56 4.33 -6.69 -1.91
C ALA A 56 3.41 -7.89 -1.63
N ASN A 57 3.96 -9.11 -1.74
CA ASN A 57 3.17 -10.34 -1.56
C ASN A 57 2.57 -10.42 -0.14
N GLN A 58 3.34 -10.03 0.87
CA GLN A 58 2.86 -10.08 2.27
C GLN A 58 1.63 -9.19 2.45
N ILE A 59 1.72 -7.96 1.93
CA ILE A 59 0.59 -7.02 2.01
C ILE A 59 -0.54 -7.45 1.07
N LYS A 60 -0.16 -8.11 -0.04
CA LYS A 60 -1.12 -8.66 -0.99
C LYS A 60 -1.99 -9.70 -0.27
N GLU A 61 -1.34 -10.54 0.55
CA GLU A 61 -2.05 -11.60 1.28
C GLU A 61 -3.08 -11.03 2.26
N LEU A 62 -2.69 -9.99 3.04
CA LEU A 62 -3.61 -9.41 4.03
C LEU A 62 -4.78 -8.65 3.37
N VAL A 63 -4.48 -7.88 2.32
CA VAL A 63 -5.50 -7.06 1.64
C VAL A 63 -5.52 -7.31 0.10
N PRO A 64 -6.70 -7.59 -0.52
CA PRO A 64 -6.78 -7.86 -2.00
C PRO A 64 -6.05 -6.79 -2.82
N GLU A 65 -6.13 -5.52 -2.36
CA GLU A 65 -5.46 -4.37 -3.00
C GLU A 65 -4.13 -4.77 -3.66
N LEU A 66 -3.93 -4.33 -4.92
CA LEU A 66 -2.71 -4.67 -5.66
C LEU A 66 -2.68 -3.98 -7.04
N SER A 67 -3.39 -2.83 -7.19
CA SER A 67 -3.39 -2.14 -8.49
C SER A 67 -2.44 -0.94 -8.48
N LEU A 68 -1.24 -1.13 -9.06
CA LEU A 68 -0.24 -0.04 -9.11
C LEU A 68 -0.86 1.26 -9.63
N ASP A 69 -0.29 2.41 -9.23
CA ASP A 69 -0.82 3.71 -9.64
C ASP A 69 -0.75 3.86 -11.16
N THR A 70 -1.78 4.49 -11.73
CA THR A 70 -1.85 4.71 -13.18
C THR A 70 -0.70 5.62 -13.63
N GLY A 71 -0.48 6.71 -12.87
CA GLY A 71 0.58 7.67 -13.19
C GLY A 71 1.96 7.10 -12.87
N THR A 72 2.95 7.51 -13.67
CA THR A 72 4.33 7.04 -13.48
C THR A 72 5.05 7.86 -12.41
N LEU A 73 6.15 7.32 -11.88
CA LEU A 73 6.95 8.01 -10.86
C LEU A 73 8.39 7.52 -10.90
N GLU A 74 9.25 8.26 -11.62
CA GLU A 74 10.67 7.90 -11.75
C GLU A 74 11.56 9.13 -11.67
N LYS A 75 12.79 8.93 -11.17
CA LYS A 75 13.76 10.02 -11.05
C LYS A 75 15.12 9.58 -11.57
N LYS A 76 15.72 10.40 -12.43
CA LYS A 76 17.04 10.11 -13.01
C LYS A 76 18.06 9.72 -11.94
N ALA A 1 23.97 8.73 0.08
CA ALA A 1 23.11 8.06 1.09
C ALA A 1 21.71 7.85 0.50
N GLY A 2 21.25 6.60 0.50
CA GLY A 2 19.94 6.25 -0.03
C GLY A 2 18.84 6.50 0.99
N HIS A 3 17.60 6.19 0.62
CA HIS A 3 16.45 6.38 1.51
C HIS A 3 16.05 5.07 2.18
N MET A 4 15.90 5.12 3.51
CA MET A 4 15.52 3.93 4.29
C MET A 4 14.12 3.44 3.92
N THR A 5 13.22 4.39 3.64
CA THR A 5 11.85 4.07 3.24
C THR A 5 11.43 4.89 2.04
N ASP A 6 10.38 4.45 1.35
CA ASP A 6 9.86 5.15 0.17
C ASP A 6 8.35 5.06 0.10
N THR A 7 7.75 5.92 -0.74
CA THR A 7 6.31 5.95 -0.90
C THR A 7 5.88 5.22 -2.17
N LEU A 8 4.82 4.44 -2.06
CA LEU A 8 4.28 3.68 -3.19
C LEU A 8 2.78 3.91 -3.30
N PHE A 9 2.28 3.90 -4.54
CA PHE A 9 0.85 4.11 -4.79
C PHE A 9 0.13 2.79 -5.07
N LEU A 10 -0.88 2.50 -4.23
CA LEU A 10 -1.66 1.26 -4.36
C LEU A 10 -3.14 1.57 -4.56
N THR A 11 -3.80 0.75 -5.39
CA THR A 11 -5.25 0.86 -5.57
C THR A 11 -5.94 -0.29 -4.86
N VAL A 12 -7.13 -0.02 -4.32
CA VAL A 12 -7.85 -1.04 -3.53
C VAL A 12 -8.86 -1.79 -4.40
N THR A 13 -8.60 -3.09 -4.57
CA THR A 13 -9.49 -3.98 -5.29
C THR A 13 -9.75 -5.22 -4.43
N ALA A 14 -11.03 -5.59 -4.30
CA ALA A 14 -11.43 -6.76 -3.48
C ALA A 14 -12.95 -6.99 -3.51
N SER A 15 -13.72 -5.92 -3.78
CA SER A 15 -15.19 -5.99 -3.80
C SER A 15 -15.73 -6.40 -2.42
N LEU A 16 -14.96 -6.09 -1.37
CA LEU A 16 -15.35 -6.39 0.01
C LEU A 16 -15.29 -5.13 0.87
N THR A 17 -16.05 -5.11 1.96
CA THR A 17 -16.08 -3.95 2.86
C THR A 17 -14.79 -3.87 3.68
N LEU A 18 -13.88 -2.97 3.26
CA LEU A 18 -12.60 -2.79 3.94
C LEU A 18 -12.19 -1.29 4.02
N PRO A 19 -12.72 -0.52 5.01
CA PRO A 19 -12.37 0.93 5.17
C PRO A 19 -10.92 1.13 5.60
N TRP A 20 -10.48 2.38 5.60
CA TRP A 20 -9.08 2.71 5.93
C TRP A 20 -8.63 2.04 7.23
N ASP A 21 -9.56 1.83 8.17
CA ASP A 21 -9.24 1.19 9.43
C ASP A 21 -8.70 -0.22 9.22
N HIS A 22 -9.37 -0.96 8.31
CA HIS A 22 -8.95 -2.33 7.98
C HIS A 22 -7.64 -2.35 7.19
N ILE A 23 -7.50 -1.40 6.26
CA ILE A 23 -6.29 -1.31 5.43
C ILE A 23 -5.08 -1.04 6.33
N GLN A 24 -5.23 -0.06 7.22
CA GLN A 24 -4.18 0.30 8.16
C GLN A 24 -3.86 -0.86 9.09
N SER A 25 -4.90 -1.58 9.53
CA SER A 25 -4.72 -2.71 10.44
C SER A 25 -3.88 -3.82 9.81
N THR A 26 -4.16 -4.13 8.52
CA THR A 26 -3.42 -5.17 7.81
C THR A 26 -1.99 -4.72 7.49
N LEU A 27 -1.84 -3.43 7.17
CA LEU A 27 -0.53 -2.87 6.84
C LEU A 27 0.36 -2.81 8.08
N LEU A 28 -0.22 -2.42 9.22
CA LEU A 28 0.52 -2.36 10.49
C LEU A 28 0.99 -3.75 10.90
N LYS A 29 0.13 -4.76 10.67
CA LYS A 29 0.45 -6.14 11.00
C LYS A 29 1.63 -6.62 10.15
N THR A 30 1.61 -6.26 8.86
CA THR A 30 2.69 -6.62 7.95
C THR A 30 3.99 -5.90 8.34
N LYS A 31 5.08 -6.67 8.43
CA LYS A 31 6.38 -6.13 8.80
C LYS A 31 6.97 -5.29 7.66
N GLY A 32 7.82 -4.32 8.01
CA GLY A 32 8.46 -3.45 7.03
C GLY A 32 7.50 -2.42 6.43
N VAL A 33 6.47 -2.04 7.21
CA VAL A 33 5.49 -1.04 6.76
C VAL A 33 5.56 0.19 7.67
N THR A 34 5.79 1.37 7.04
CA THR A 34 5.92 2.61 7.79
C THR A 34 4.55 3.21 8.15
N ASP A 35 3.68 3.42 7.14
CA ASP A 35 2.35 4.02 7.39
C ASP A 35 1.49 4.05 6.12
N ILE A 36 0.18 4.29 6.31
CA ILE A 36 -0.77 4.37 5.19
C ILE A 36 -1.80 5.48 5.42
N LYS A 37 -2.11 6.20 4.34
CA LYS A 37 -3.11 7.28 4.39
C LYS A 37 -3.97 7.26 3.12
N ILE A 38 -5.27 7.46 3.32
CA ILE A 38 -6.23 7.51 2.20
C ILE A 38 -6.25 8.88 1.56
N TYR A 39 -6.45 8.94 0.23
CA TYR A 39 -6.48 10.22 -0.49
C TYR A 39 -7.77 10.36 -1.32
N PRO A 40 -8.27 11.60 -1.56
CA PRO A 40 -9.55 11.79 -2.32
C PRO A 40 -9.38 11.48 -3.80
N GLN A 41 -9.73 10.25 -4.15
CA GLN A 41 -9.67 9.76 -5.52
C GLN A 41 -10.55 8.50 -5.58
N LYS A 42 -10.53 7.79 -6.72
CA LYS A 42 -11.31 6.56 -6.81
C LYS A 42 -10.64 5.46 -6.00
N ARG A 43 -11.08 5.34 -4.74
CA ARG A 43 -10.60 4.31 -3.81
C ARG A 43 -9.09 4.01 -3.97
N THR A 44 -8.25 5.02 -3.65
CA THR A 44 -6.79 4.86 -3.72
C THR A 44 -6.13 5.30 -2.40
N VAL A 45 -4.98 4.69 -2.11
CA VAL A 45 -4.24 4.99 -0.88
C VAL A 45 -2.74 5.09 -1.15
N ALA A 46 -2.05 5.90 -0.35
CA ALA A 46 -0.60 6.03 -0.44
C ALA A 46 0.05 5.25 0.70
N VAL A 47 0.93 4.32 0.34
CA VAL A 47 1.57 3.45 1.34
C VAL A 47 3.09 3.65 1.34
N THR A 48 3.64 3.96 2.51
CA THR A 48 5.09 4.12 2.67
C THR A 48 5.67 2.86 3.30
N ILE A 49 6.48 2.13 2.51
CA ILE A 49 7.08 0.87 2.97
C ILE A 49 8.54 0.76 2.55
N ILE A 50 9.24 -0.24 3.11
CA ILE A 50 10.63 -0.53 2.76
C ILE A 50 10.71 -1.93 2.03
N PRO A 51 10.85 -1.96 0.68
CA PRO A 51 10.88 -3.25 -0.10
C PRO A 51 11.99 -4.21 0.35
N SER A 52 13.11 -3.64 0.81
CA SER A 52 14.28 -4.45 1.19
C SER A 52 13.96 -5.41 2.36
N ILE A 53 13.08 -4.99 3.27
CA ILE A 53 12.73 -5.81 4.44
C ILE A 53 11.47 -6.65 4.18
N VAL A 54 10.49 -6.06 3.49
CA VAL A 54 9.21 -6.74 3.22
C VAL A 54 8.85 -6.68 1.72
N ASN A 55 8.15 -7.73 1.25
CA ASN A 55 7.74 -7.82 -0.14
C ASN A 55 6.25 -7.51 -0.29
N ALA A 56 5.87 -7.05 -1.49
CA ALA A 56 4.48 -6.69 -1.80
C ALA A 56 3.54 -7.90 -1.68
N ASN A 57 4.09 -9.11 -1.82
CA ASN A 57 3.29 -10.34 -1.81
C ASN A 57 2.53 -10.50 -0.50
N GLN A 58 3.17 -10.18 0.63
CA GLN A 58 2.54 -10.30 1.95
C GLN A 58 1.32 -9.37 2.03
N ILE A 59 1.48 -8.16 1.50
CA ILE A 59 0.39 -7.19 1.45
C ILE A 59 -0.75 -7.75 0.58
N LYS A 60 -0.38 -8.36 -0.55
CA LYS A 60 -1.36 -8.96 -1.46
C LYS A 60 -2.15 -10.06 -0.75
N GLU A 61 -1.45 -10.84 0.10
CA GLU A 61 -2.10 -11.94 0.82
C GLU A 61 -3.20 -11.43 1.74
N LEU A 62 -2.91 -10.34 2.49
CA LEU A 62 -3.91 -9.76 3.40
C LEU A 62 -5.06 -9.13 2.62
N VAL A 63 -4.72 -8.43 1.54
CA VAL A 63 -5.71 -7.75 0.68
C VAL A 63 -5.30 -7.85 -0.81
N PRO A 64 -6.20 -8.30 -1.73
CA PRO A 64 -5.83 -8.46 -3.18
C PRO A 64 -5.16 -7.20 -3.74
N GLU A 65 -5.77 -6.02 -3.49
CA GLU A 65 -5.20 -4.71 -3.91
C GLU A 65 -4.52 -4.76 -5.28
N LEU A 66 -5.22 -4.25 -6.32
CA LEU A 66 -4.65 -4.19 -7.68
C LEU A 66 -3.21 -3.62 -7.64
N SER A 67 -2.99 -2.64 -6.75
CA SER A 67 -1.64 -2.06 -6.57
C SER A 67 -1.07 -1.53 -7.89
N LEU A 68 -1.06 -0.19 -8.02
CA LEU A 68 -0.53 0.46 -9.23
C LEU A 68 0.96 0.18 -9.40
N ASP A 69 1.70 0.21 -8.29
CA ASP A 69 3.16 -0.03 -8.32
C ASP A 69 3.46 -1.53 -8.40
N THR A 70 4.75 -1.86 -8.61
CA THR A 70 5.23 -3.26 -8.75
C THR A 70 5.01 -3.77 -10.17
N GLY A 71 6.08 -4.33 -10.74
CA GLY A 71 6.04 -4.85 -12.11
C GLY A 71 7.27 -4.39 -12.89
N THR A 72 8.45 -4.78 -12.40
CA THR A 72 9.72 -4.39 -13.02
C THR A 72 9.74 -4.72 -14.52
N LEU A 73 10.65 -4.07 -15.24
CA LEU A 73 10.80 -4.28 -16.68
C LEU A 73 12.02 -5.14 -16.99
N GLU A 74 11.99 -5.81 -18.15
CA GLU A 74 13.09 -6.71 -18.58
C GLU A 74 13.10 -8.01 -17.76
N LYS A 75 11.90 -8.45 -17.35
CA LYS A 75 11.76 -9.71 -16.58
C LYS A 75 12.76 -9.73 -15.41
N LYS A 76 12.83 -10.89 -14.71
CA LYS A 76 13.75 -11.06 -13.57
C LYS A 76 13.43 -10.05 -12.48
N ALA A 1 14.15 9.73 14.91
CA ALA A 1 14.39 8.26 14.95
C ALA A 1 13.62 7.57 13.81
N GLY A 2 13.50 8.26 12.67
CA GLY A 2 12.79 7.72 11.51
C GLY A 2 13.68 6.74 10.74
N HIS A 3 13.09 6.09 9.73
CA HIS A 3 13.80 5.12 8.90
C HIS A 3 13.55 5.38 7.42
N MET A 4 14.53 5.02 6.57
CA MET A 4 14.42 5.21 5.14
C MET A 4 13.27 4.37 4.58
N THR A 5 12.40 5.01 3.79
CA THR A 5 11.25 4.34 3.19
C THR A 5 10.87 4.96 1.86
N ASP A 6 10.22 4.17 1.00
CA ASP A 6 9.80 4.64 -0.32
C ASP A 6 8.29 4.83 -0.35
N THR A 7 7.85 5.87 -1.08
CA THR A 7 6.42 6.18 -1.21
C THR A 7 5.88 5.55 -2.50
N LEU A 8 4.86 4.70 -2.33
CA LEU A 8 4.24 4.01 -3.47
C LEU A 8 2.76 4.32 -3.58
N PHE A 9 2.28 4.36 -4.82
CA PHE A 9 0.86 4.62 -5.10
C PHE A 9 0.14 3.31 -5.38
N LEU A 10 -0.85 3.00 -4.54
CA LEU A 10 -1.59 1.74 -4.64
C LEU A 10 -3.07 1.98 -4.95
N THR A 11 -3.64 1.11 -5.78
CA THR A 11 -5.06 1.17 -6.10
C THR A 11 -5.77 0.08 -5.30
N VAL A 12 -6.80 0.47 -4.54
CA VAL A 12 -7.49 -0.47 -3.64
C VAL A 12 -8.59 -1.25 -4.36
N THR A 13 -8.41 -2.58 -4.39
CA THR A 13 -9.41 -3.50 -4.93
C THR A 13 -9.68 -4.62 -3.91
N ALA A 14 -10.90 -4.58 -3.33
CA ALA A 14 -11.33 -5.57 -2.32
C ALA A 14 -12.63 -5.10 -1.65
N SER A 15 -13.17 -5.92 -0.75
CA SER A 15 -14.39 -5.54 -0.02
C SER A 15 -14.14 -4.31 0.83
N LEU A 16 -15.14 -3.41 0.90
CA LEU A 16 -14.99 -2.16 1.65
C LEU A 16 -14.74 -2.44 3.14
N THR A 17 -15.53 -3.39 3.71
CA THR A 17 -15.43 -3.82 5.14
C THR A 17 -14.51 -2.93 6.01
N LEU A 18 -15.04 -1.76 6.44
CA LEU A 18 -14.25 -0.83 7.27
C LEU A 18 -12.85 -0.58 6.64
N PRO A 19 -12.74 0.19 5.53
CA PRO A 19 -11.43 0.37 4.81
C PRO A 19 -10.36 1.03 5.69
N TRP A 20 -10.76 2.03 6.47
CA TRP A 20 -9.83 2.73 7.37
C TRP A 20 -9.26 1.77 8.42
N ASP A 21 -10.14 0.92 8.96
CA ASP A 21 -9.73 -0.07 9.97
C ASP A 21 -8.84 -1.14 9.35
N HIS A 22 -9.22 -1.58 8.14
CA HIS A 22 -8.49 -2.62 7.43
C HIS A 22 -7.05 -2.19 7.13
N ILE A 23 -6.89 -0.92 6.71
CA ILE A 23 -5.55 -0.40 6.39
C ILE A 23 -4.69 -0.25 7.65
N GLN A 24 -5.34 0.15 8.76
CA GLN A 24 -4.65 0.27 10.04
C GLN A 24 -4.21 -1.09 10.54
N SER A 25 -5.09 -2.10 10.36
CA SER A 25 -4.77 -3.47 10.77
C SER A 25 -3.66 -4.05 9.91
N THR A 26 -3.71 -3.73 8.61
CA THR A 26 -2.69 -4.21 7.66
C THR A 26 -1.32 -3.60 8.01
N LEU A 27 -1.31 -2.29 8.30
CA LEU A 27 -0.07 -1.57 8.63
C LEU A 27 0.57 -2.15 9.88
N LEU A 28 -0.21 -2.26 10.94
CA LEU A 28 0.28 -2.75 12.24
C LEU A 28 0.63 -4.25 12.18
N LYS A 29 -0.26 -5.03 11.58
CA LYS A 29 -0.08 -6.48 11.48
C LYS A 29 1.09 -6.86 10.56
N THR A 30 1.21 -6.16 9.43
CA THR A 30 2.24 -6.47 8.43
C THR A 30 3.58 -5.82 8.78
N LYS A 31 4.64 -6.63 8.79
CA LYS A 31 5.99 -6.16 9.05
C LYS A 31 6.63 -5.63 7.76
N GLY A 32 7.57 -4.68 7.91
CA GLY A 32 8.28 -4.12 6.76
C GLY A 32 7.55 -2.93 6.11
N VAL A 33 6.49 -2.44 6.77
CA VAL A 33 5.72 -1.28 6.28
C VAL A 33 5.66 -0.20 7.36
N THR A 34 5.56 1.07 6.93
CA THR A 34 5.57 2.19 7.89
C THR A 34 4.20 2.85 8.08
N ASP A 35 3.40 2.97 6.98
CA ASP A 35 2.08 3.62 7.08
C ASP A 35 1.27 3.53 5.79
N ILE A 36 -0.02 3.23 5.94
CA ILE A 36 -0.97 3.21 4.81
C ILE A 36 -2.17 4.11 5.15
N LYS A 37 -2.48 5.07 4.27
CA LYS A 37 -3.58 6.01 4.50
C LYS A 37 -4.31 6.33 3.20
N ILE A 38 -5.64 6.38 3.27
CA ILE A 38 -6.48 6.69 2.11
C ILE A 38 -6.46 8.19 1.77
N TYR A 39 -6.51 8.52 0.46
CA TYR A 39 -6.51 9.92 0.03
C TYR A 39 -7.64 10.20 -0.98
N PRO A 40 -8.15 11.46 -1.07
CA PRO A 40 -9.29 11.79 -2.00
C PRO A 40 -8.89 11.64 -3.46
N GLN A 41 -9.26 10.49 -4.03
CA GLN A 41 -9.01 10.18 -5.43
C GLN A 41 -9.90 9.00 -5.81
N LYS A 42 -9.76 8.51 -7.04
CA LYS A 42 -10.57 7.36 -7.46
C LYS A 42 -9.95 6.08 -6.90
N ARG A 43 -10.44 5.68 -5.71
CA ARG A 43 -9.96 4.43 -5.07
C ARG A 43 -8.43 4.36 -5.04
N THR A 44 -7.80 5.46 -4.57
CA THR A 44 -6.34 5.55 -4.53
C THR A 44 -5.87 5.87 -3.10
N VAL A 45 -4.87 5.11 -2.66
CA VAL A 45 -4.32 5.28 -1.32
C VAL A 45 -2.80 5.41 -1.39
N ALA A 46 -2.23 6.15 -0.43
CA ALA A 46 -0.78 6.32 -0.37
C ALA A 46 -0.18 5.29 0.56
N VAL A 47 0.70 4.45 0.01
CA VAL A 47 1.33 3.39 0.80
C VAL A 47 2.84 3.64 0.88
N THR A 48 3.33 3.80 2.11
CA THR A 48 4.76 3.99 2.36
C THR A 48 5.33 2.74 2.99
N ILE A 49 6.23 2.06 2.25
CA ILE A 49 6.82 0.81 2.71
C ILE A 49 8.32 0.72 2.38
N ILE A 50 9.01 -0.22 3.03
CA ILE A 50 10.42 -0.45 2.78
C ILE A 50 10.60 -1.80 2.02
N PRO A 51 10.89 -1.79 0.69
CA PRO A 51 11.02 -3.06 -0.11
C PRO A 51 12.13 -3.98 0.39
N SER A 52 13.13 -3.40 1.04
CA SER A 52 14.25 -4.17 1.56
C SER A 52 13.79 -5.19 2.61
N ILE A 53 12.82 -4.78 3.44
CA ILE A 53 12.31 -5.65 4.51
C ILE A 53 10.98 -6.34 4.12
N VAL A 54 10.12 -5.61 3.38
CA VAL A 54 8.79 -6.14 3.01
C VAL A 54 8.78 -6.78 1.62
N ASN A 55 7.97 -7.84 1.48
CA ASN A 55 7.80 -8.53 0.20
C ASN A 55 6.40 -8.29 -0.36
N ALA A 56 6.29 -8.25 -1.69
CA ALA A 56 5.03 -7.96 -2.37
C ALA A 56 3.94 -8.99 -2.07
N ASN A 57 4.31 -10.28 -1.99
CA ASN A 57 3.33 -11.36 -1.79
C ASN A 57 2.57 -11.20 -0.47
N GLN A 58 3.28 -10.85 0.60
CA GLN A 58 2.67 -10.65 1.92
C GLN A 58 1.74 -9.44 1.93
N ILE A 59 2.16 -8.36 1.24
CA ILE A 59 1.34 -7.15 1.15
C ILE A 59 0.03 -7.49 0.45
N LYS A 60 0.13 -8.23 -0.65
CA LYS A 60 -1.04 -8.66 -1.42
C LYS A 60 -1.94 -9.56 -0.58
N GLU A 61 -1.32 -10.42 0.25
CA GLU A 61 -2.06 -11.36 1.07
C GLU A 61 -3.00 -10.62 2.05
N LEU A 62 -2.49 -9.55 2.67
CA LEU A 62 -3.32 -8.73 3.59
C LEU A 62 -4.36 -7.96 2.79
N VAL A 63 -3.90 -7.29 1.74
CA VAL A 63 -4.76 -6.52 0.85
C VAL A 63 -4.47 -6.86 -0.64
N PRO A 64 -5.17 -7.85 -1.24
CA PRO A 64 -4.91 -8.25 -2.66
C PRO A 64 -4.77 -7.01 -3.56
N GLU A 65 -5.86 -6.23 -3.67
CA GLU A 65 -5.84 -4.95 -4.39
C GLU A 65 -5.28 -5.06 -5.82
N LEU A 66 -5.65 -4.07 -6.65
CA LEU A 66 -5.12 -3.98 -8.01
C LEU A 66 -3.62 -3.70 -7.98
N SER A 67 -3.22 -2.80 -7.05
CA SER A 67 -1.80 -2.42 -6.88
C SER A 67 -1.25 -1.72 -8.12
N LEU A 68 -0.10 -1.06 -7.94
CA LEU A 68 0.54 -0.31 -9.04
C LEU A 68 -0.47 0.56 -9.78
N ASP A 69 -0.66 1.80 -9.28
CA ASP A 69 -1.61 2.73 -9.89
C ASP A 69 -1.28 2.94 -11.36
N THR A 70 -2.29 2.73 -12.22
CA THR A 70 -2.13 2.87 -13.67
C THR A 70 -3.10 3.93 -14.21
N GLY A 71 -2.55 4.89 -14.96
CA GLY A 71 -3.36 5.96 -15.57
C GLY A 71 -3.93 5.57 -16.95
N THR A 72 -3.56 4.38 -17.44
CA THR A 72 -4.03 3.90 -18.74
C THR A 72 -5.54 3.65 -18.69
N LEU A 73 -6.26 4.20 -19.67
CA LEU A 73 -7.70 4.04 -19.75
C LEU A 73 -8.07 3.01 -20.82
N GLU A 74 -8.65 1.89 -20.37
CA GLU A 74 -9.06 0.81 -21.29
C GLU A 74 -10.55 0.54 -21.18
N LYS A 75 -11.29 0.91 -22.23
CA LYS A 75 -12.74 0.71 -22.26
C LYS A 75 -13.08 -0.78 -22.18
N LYS A 76 -12.33 -1.59 -22.93
CA LYS A 76 -12.54 -3.05 -22.96
C LYS A 76 -11.21 -3.79 -22.80
N ALA A 1 12.80 17.28 1.00
CA ALA A 1 12.54 16.35 2.12
C ALA A 1 13.18 14.99 1.81
N GLY A 2 13.81 14.39 2.84
CA GLY A 2 14.47 13.09 2.68
C GLY A 2 13.44 11.98 2.44
N HIS A 3 13.80 11.02 1.58
CA HIS A 3 12.90 9.92 1.24
C HIS A 3 13.02 8.75 2.24
N MET A 4 14.26 8.31 2.50
CA MET A 4 14.53 7.20 3.43
C MET A 4 13.91 5.88 2.95
N THR A 5 12.58 5.76 3.03
CA THR A 5 11.86 4.55 2.61
C THR A 5 11.27 4.73 1.22
N ASP A 6 10.69 3.64 0.69
CA ASP A 6 10.09 3.67 -0.64
C ASP A 6 8.57 3.71 -0.54
N THR A 7 7.96 4.75 -1.13
CA THR A 7 6.52 4.93 -1.09
C THR A 7 5.87 4.36 -2.36
N LEU A 8 4.89 3.49 -2.16
CA LEU A 8 4.17 2.87 -3.26
C LEU A 8 2.71 3.32 -3.28
N PHE A 9 2.15 3.44 -4.48
CA PHE A 9 0.76 3.87 -4.66
C PHE A 9 -0.11 2.71 -5.17
N LEU A 10 -1.09 2.31 -4.35
CA LEU A 10 -1.97 1.20 -4.68
C LEU A 10 -3.45 1.59 -4.57
N THR A 11 -4.29 0.98 -5.42
CA THR A 11 -5.73 1.18 -5.36
C THR A 11 -6.34 0.02 -4.60
N VAL A 12 -7.30 0.32 -3.73
CA VAL A 12 -7.90 -0.69 -2.85
C VAL A 12 -9.04 -1.44 -3.56
N THR A 13 -8.90 -2.77 -3.62
CA THR A 13 -9.93 -3.64 -4.16
C THR A 13 -10.22 -4.76 -3.16
N ALA A 14 -11.50 -4.86 -2.75
CA ALA A 14 -11.95 -5.87 -1.78
C ALA A 14 -13.44 -5.69 -1.48
N SER A 15 -14.01 -6.62 -0.70
CA SER A 15 -15.43 -6.55 -0.33
C SER A 15 -15.57 -6.06 1.12
N LEU A 16 -16.16 -4.88 1.28
CA LEU A 16 -16.37 -4.25 2.60
C LEU A 16 -17.03 -2.87 2.45
N THR A 17 -17.20 -2.14 3.57
CA THR A 17 -17.83 -0.82 3.54
C THR A 17 -16.85 0.31 3.90
N LEU A 18 -15.88 0.01 4.78
CA LEU A 18 -14.85 0.99 5.19
C LEU A 18 -13.42 0.38 5.11
N PRO A 19 -12.71 0.49 3.96
CA PRO A 19 -11.35 -0.15 3.78
C PRO A 19 -10.25 0.48 4.64
N TRP A 20 -10.40 1.77 4.99
CA TRP A 20 -9.36 2.48 5.74
C TRP A 20 -8.90 1.70 6.98
N ASP A 21 -9.87 1.09 7.67
CA ASP A 21 -9.58 0.29 8.86
C ASP A 21 -8.84 -1.00 8.50
N HIS A 22 -9.33 -1.68 7.45
CA HIS A 22 -8.75 -2.96 7.03
C HIS A 22 -7.29 -2.81 6.57
N ILE A 23 -7.03 -1.84 5.66
CA ILE A 23 -5.67 -1.62 5.16
C ILE A 23 -4.75 -1.15 6.30
N GLN A 24 -5.21 -0.18 7.08
CA GLN A 24 -4.43 0.39 8.18
C GLN A 24 -4.11 -0.68 9.24
N SER A 25 -5.12 -1.48 9.59
CA SER A 25 -4.97 -2.51 10.62
C SER A 25 -4.01 -3.62 10.19
N THR A 26 -4.13 -4.07 8.93
CA THR A 26 -3.32 -5.17 8.42
C THR A 26 -1.89 -4.73 8.08
N LEU A 27 -1.74 -3.58 7.40
CA LEU A 27 -0.39 -3.08 7.05
C LEU A 27 0.41 -2.80 8.31
N LEU A 28 -0.24 -2.18 9.30
CA LEU A 28 0.40 -1.86 10.58
C LEU A 28 0.78 -3.13 11.33
N LYS A 29 -0.07 -4.17 11.25
CA LYS A 29 0.17 -5.42 11.97
C LYS A 29 1.45 -6.10 11.45
N THR A 30 1.63 -6.17 10.12
CA THR A 30 2.84 -6.78 9.56
C THR A 30 4.04 -5.83 9.70
N LYS A 31 5.24 -6.41 9.78
CA LYS A 31 6.49 -5.66 9.94
C LYS A 31 6.99 -5.11 8.60
N GLY A 32 7.71 -3.99 8.65
CA GLY A 32 8.27 -3.39 7.43
C GLY A 32 7.36 -2.32 6.81
N VAL A 33 6.27 -1.97 7.50
CA VAL A 33 5.32 -0.96 7.00
C VAL A 33 5.35 0.29 7.91
N THR A 34 5.81 1.41 7.35
CA THR A 34 5.88 2.67 8.10
C THR A 34 4.47 3.24 8.34
N ASP A 35 3.64 3.34 7.28
CA ASP A 35 2.28 3.91 7.42
C ASP A 35 1.46 3.84 6.11
N ILE A 36 0.14 4.06 6.22
CA ILE A 36 -0.78 4.08 5.05
C ILE A 36 -1.91 5.08 5.27
N LYS A 37 -2.22 5.89 4.23
CA LYS A 37 -3.30 6.89 4.30
C LYS A 37 -4.03 7.02 2.96
N ILE A 38 -5.37 7.04 3.02
CA ILE A 38 -6.21 7.24 1.82
C ILE A 38 -6.16 8.71 1.39
N TYR A 39 -6.03 8.94 0.08
CA TYR A 39 -6.00 10.30 -0.48
C TYR A 39 -7.24 10.55 -1.37
N PRO A 40 -7.75 11.80 -1.45
CA PRO A 40 -8.98 12.10 -2.26
C PRO A 40 -8.83 11.66 -3.72
N GLN A 41 -9.41 10.50 -4.01
CA GLN A 41 -9.40 9.93 -5.35
C GLN A 41 -10.40 8.78 -5.37
N LYS A 42 -10.45 8.03 -6.47
CA LYS A 42 -11.37 6.90 -6.53
C LYS A 42 -10.69 5.66 -5.92
N ARG A 43 -10.95 5.45 -4.62
CA ARG A 43 -10.43 4.27 -3.91
C ARG A 43 -8.91 4.12 -4.07
N THR A 44 -8.14 5.12 -3.59
CA THR A 44 -6.67 5.06 -3.69
C THR A 44 -6.01 5.25 -2.33
N VAL A 45 -4.88 4.56 -2.15
CA VAL A 45 -4.09 4.65 -0.92
C VAL A 45 -2.62 4.88 -1.24
N ALA A 46 -1.93 5.56 -0.35
CA ALA A 46 -0.51 5.78 -0.46
C ALA A 46 0.18 5.11 0.71
N VAL A 47 1.07 4.15 0.42
CA VAL A 47 1.76 3.40 1.48
C VAL A 47 3.24 3.66 1.45
N THR A 48 3.80 3.86 2.64
CA THR A 48 5.24 4.04 2.79
C THR A 48 5.82 2.82 3.47
N ILE A 49 6.54 2.00 2.70
CA ILE A 49 7.11 0.75 3.21
C ILE A 49 8.58 0.58 2.83
N ILE A 50 9.25 -0.39 3.47
CA ILE A 50 10.66 -0.66 3.21
C ILE A 50 10.81 -2.01 2.43
N PRO A 51 11.24 -1.99 1.15
CA PRO A 51 11.37 -3.24 0.31
C PRO A 51 12.27 -4.31 0.95
N SER A 52 13.32 -3.87 1.66
CA SER A 52 14.30 -4.80 2.24
C SER A 52 13.66 -5.75 3.25
N ILE A 53 12.72 -5.25 4.05
CA ILE A 53 12.03 -6.08 5.04
C ILE A 53 10.85 -6.86 4.41
N VAL A 54 10.09 -6.17 3.54
CA VAL A 54 8.91 -6.79 2.90
C VAL A 54 8.91 -6.57 1.40
N ASN A 55 8.16 -7.43 0.69
CA ASN A 55 8.05 -7.34 -0.76
C ASN A 55 6.60 -7.04 -1.18
N ALA A 56 6.37 -6.96 -2.49
CA ALA A 56 5.03 -6.68 -3.04
C ALA A 56 4.04 -7.78 -2.66
N ASN A 57 4.51 -9.03 -2.65
CA ASN A 57 3.64 -10.17 -2.35
C ASN A 57 3.02 -10.08 -0.97
N GLN A 58 3.81 -9.61 0.01
CA GLN A 58 3.32 -9.49 1.40
C GLN A 58 2.16 -8.50 1.48
N ILE A 59 2.28 -7.39 0.75
CA ILE A 59 1.23 -6.38 0.72
C ILE A 59 -0.04 -6.97 0.09
N LYS A 60 0.16 -7.69 -1.01
CA LYS A 60 -0.94 -8.35 -1.72
C LYS A 60 -1.62 -9.38 -0.82
N GLU A 61 -0.80 -10.12 -0.05
CA GLU A 61 -1.31 -11.17 0.83
C GLU A 61 -2.26 -10.58 1.88
N LEU A 62 -1.89 -9.43 2.46
CA LEU A 62 -2.69 -8.79 3.48
C LEU A 62 -4.02 -8.30 2.92
N VAL A 63 -3.99 -7.72 1.70
CA VAL A 63 -5.19 -7.16 1.07
C VAL A 63 -5.24 -7.50 -0.45
N PRO A 64 -6.37 -8.05 -0.98
CA PRO A 64 -6.47 -8.43 -2.43
C PRO A 64 -6.05 -7.28 -3.36
N GLU A 65 -6.46 -6.04 -3.00
CA GLU A 65 -6.15 -4.77 -3.76
C GLU A 65 -5.24 -4.96 -4.98
N LEU A 66 -5.77 -4.59 -6.15
CA LEU A 66 -5.04 -4.76 -7.43
C LEU A 66 -3.82 -3.85 -7.54
N SER A 67 -3.77 -2.76 -6.73
CA SER A 67 -2.62 -1.82 -6.77
C SER A 67 -2.49 -1.15 -8.14
N LEU A 68 -2.58 0.20 -8.15
CA LEU A 68 -2.47 0.97 -9.40
C LEU A 68 -1.10 0.78 -10.03
N ASP A 69 -0.04 0.82 -9.20
CA ASP A 69 1.32 0.67 -9.70
C ASP A 69 1.50 -0.65 -10.43
N THR A 70 2.20 -0.60 -11.56
CA THR A 70 2.46 -1.80 -12.38
C THR A 70 3.34 -1.45 -13.59
N GLY A 71 4.33 -0.56 -13.36
CA GLY A 71 5.25 -0.14 -14.42
C GLY A 71 4.87 1.23 -14.98
N THR A 72 5.66 1.71 -15.94
CA THR A 72 5.44 3.02 -16.56
C THR A 72 5.43 2.91 -18.09
N LEU A 73 4.95 3.97 -18.75
CA LEU A 73 4.88 4.00 -20.22
C LEU A 73 5.77 5.10 -20.80
N GLU A 74 6.25 4.88 -22.02
CA GLU A 74 7.13 5.83 -22.71
C GLU A 74 6.34 7.06 -23.18
N LYS A 75 7.00 8.22 -23.16
CA LYS A 75 6.39 9.49 -23.58
C LYS A 75 7.26 10.22 -24.59
N LYS A 76 6.64 11.09 -25.40
CA LYS A 76 7.36 11.85 -26.42
C LYS A 76 8.12 10.93 -27.37
N ALA A 1 18.00 12.20 14.49
CA ALA A 1 18.54 11.30 13.43
C ALA A 1 17.56 11.21 12.27
N GLY A 2 16.27 11.10 12.60
CA GLY A 2 15.21 11.01 11.59
C GLY A 2 15.07 9.60 11.06
N HIS A 3 14.16 9.43 10.08
CA HIS A 3 13.91 8.12 9.47
C HIS A 3 13.82 8.24 7.95
N MET A 4 14.22 7.17 7.25
CA MET A 4 14.20 7.14 5.79
C MET A 4 13.33 5.99 5.28
N THR A 5 12.42 6.30 4.35
CA THR A 5 11.51 5.31 3.78
C THR A 5 11.15 5.65 2.32
N ASP A 6 10.69 4.63 1.58
CA ASP A 6 10.31 4.81 0.17
C ASP A 6 8.79 4.79 0.02
N THR A 7 8.25 5.89 -0.54
CA THR A 7 6.80 6.01 -0.74
C THR A 7 6.36 5.27 -2.01
N LEU A 8 5.26 4.51 -1.89
CA LEU A 8 4.73 3.75 -3.02
C LEU A 8 3.23 4.00 -3.16
N PHE A 9 2.81 4.40 -4.36
CA PHE A 9 1.40 4.69 -4.64
C PHE A 9 0.73 3.50 -5.35
N LEU A 10 -0.31 2.93 -4.73
CA LEU A 10 -1.02 1.78 -5.29
C LEU A 10 -2.54 1.95 -5.22
N THR A 11 -3.24 1.30 -6.16
CA THR A 11 -4.70 1.32 -6.20
C THR A 11 -5.24 0.06 -5.52
N VAL A 12 -6.14 0.26 -4.55
CA VAL A 12 -6.71 -0.86 -3.79
C VAL A 12 -7.97 -1.41 -4.48
N THR A 13 -8.04 -2.74 -4.62
CA THR A 13 -9.17 -3.40 -5.27
C THR A 13 -9.78 -4.48 -4.36
N ALA A 14 -11.14 -4.44 -4.26
CA ALA A 14 -11.97 -5.39 -3.44
C ALA A 14 -12.34 -4.77 -2.09
N SER A 15 -11.34 -4.58 -1.22
CA SER A 15 -11.57 -3.98 0.11
C SER A 15 -12.63 -4.78 0.88
N LEU A 16 -12.16 -5.69 1.73
CA LEU A 16 -13.05 -6.55 2.53
C LEU A 16 -13.90 -5.71 3.49
N THR A 17 -13.28 -4.70 4.10
CA THR A 17 -13.97 -3.86 5.09
C THR A 17 -13.65 -2.36 4.85
N LEU A 18 -14.08 -1.50 5.80
CA LEU A 18 -13.87 -0.05 5.69
C LEU A 18 -12.35 0.27 5.61
N PRO A 19 -11.95 1.35 4.91
CA PRO A 19 -10.50 1.70 4.73
C PRO A 19 -9.80 2.03 6.06
N TRP A 20 -10.54 2.58 7.03
CA TRP A 20 -9.96 2.96 8.33
C TRP A 20 -9.39 1.70 9.07
N ASP A 21 -10.21 0.67 9.20
CA ASP A 21 -9.79 -0.57 9.84
C ASP A 21 -8.78 -1.30 8.96
N HIS A 22 -9.06 -1.26 7.66
CA HIS A 22 -8.26 -1.95 6.66
C HIS A 22 -6.81 -1.46 6.63
N ILE A 23 -6.59 -0.13 6.59
CA ILE A 23 -5.21 0.40 6.47
C ILE A 23 -4.45 0.30 7.81
N GLN A 24 -5.16 0.51 8.94
CA GLN A 24 -4.53 0.35 10.26
C GLN A 24 -4.13 -1.10 10.46
N SER A 25 -5.00 -2.02 10.04
CA SER A 25 -4.74 -3.46 10.16
C SER A 25 -3.54 -3.87 9.30
N THR A 26 -3.44 -3.29 8.10
CA THR A 26 -2.33 -3.60 7.18
C THR A 26 -1.02 -3.05 7.71
N LEU A 27 -1.08 -1.85 8.28
CA LEU A 27 0.11 -1.20 8.82
C LEU A 27 0.72 -2.06 9.92
N LEU A 28 -0.05 -2.28 10.97
CA LEU A 28 0.40 -3.04 12.14
C LEU A 28 0.64 -4.53 11.85
N LYS A 29 -0.25 -5.17 11.05
CA LYS A 29 -0.15 -6.62 10.81
C LYS A 29 1.12 -7.03 10.04
N THR A 30 1.46 -6.29 8.97
CA THR A 30 2.64 -6.64 8.15
C THR A 30 3.88 -5.88 8.57
N LYS A 31 5.04 -6.54 8.44
CA LYS A 31 6.33 -5.95 8.78
C LYS A 31 6.89 -5.13 7.61
N GLY A 32 7.71 -4.12 7.93
CA GLY A 32 8.36 -3.28 6.91
C GLY A 32 7.48 -2.12 6.43
N VAL A 33 6.35 -1.88 7.11
CA VAL A 33 5.46 -0.76 6.76
C VAL A 33 5.35 0.19 7.95
N THR A 34 5.53 1.50 7.70
CA THR A 34 5.50 2.49 8.78
C THR A 34 4.25 3.37 8.74
N ASP A 35 3.69 3.59 7.54
CA ASP A 35 2.47 4.42 7.41
C ASP A 35 1.69 4.08 6.15
N ILE A 36 0.36 3.96 6.29
CA ILE A 36 -0.52 3.68 5.16
C ILE A 36 -1.86 4.42 5.34
N LYS A 37 -2.22 5.26 4.35
CA LYS A 37 -3.46 6.02 4.40
C LYS A 37 -4.12 6.09 3.03
N ILE A 38 -5.45 6.15 3.04
CA ILE A 38 -6.25 6.27 1.81
C ILE A 38 -6.52 7.75 1.51
N TYR A 39 -6.54 8.10 0.21
CA TYR A 39 -6.75 9.51 -0.19
C TYR A 39 -7.99 9.66 -1.08
N PRO A 40 -8.68 10.83 -1.06
CA PRO A 40 -9.92 11.05 -1.88
C PRO A 40 -9.63 10.89 -3.37
N GLN A 41 -9.98 9.72 -3.90
CA GLN A 41 -9.82 9.39 -5.30
C GLN A 41 -10.59 8.11 -5.58
N LYS A 42 -10.44 7.54 -6.78
CA LYS A 42 -11.13 6.31 -7.08
C LYS A 42 -10.29 5.12 -6.59
N ARG A 43 -10.58 4.69 -5.36
CA ARG A 43 -9.91 3.52 -4.77
C ARG A 43 -8.37 3.61 -4.88
N THR A 44 -7.79 4.69 -4.34
CA THR A 44 -6.32 4.85 -4.36
C THR A 44 -5.79 5.09 -2.95
N VAL A 45 -4.58 4.58 -2.69
CA VAL A 45 -3.97 4.70 -1.37
C VAL A 45 -2.45 4.92 -1.49
N ALA A 46 -1.91 5.79 -0.62
CA ALA A 46 -0.48 6.05 -0.57
C ALA A 46 0.11 5.42 0.67
N VAL A 47 1.18 4.62 0.50
CA VAL A 47 1.80 3.91 1.61
C VAL A 47 3.32 4.10 1.63
N THR A 48 3.88 4.34 2.82
CA THR A 48 5.32 4.46 2.99
C THR A 48 5.89 3.19 3.61
N ILE A 49 6.68 2.48 2.81
CA ILE A 49 7.28 1.20 3.21
C ILE A 49 8.75 1.12 2.83
N ILE A 50 9.42 0.10 3.35
CA ILE A 50 10.84 -0.15 3.05
C ILE A 50 10.96 -1.42 2.14
N PRO A 51 11.36 -1.28 0.84
CA PRO A 51 11.46 -2.46 -0.11
C PRO A 51 12.41 -3.56 0.39
N SER A 52 13.32 -3.20 1.30
CA SER A 52 14.34 -4.15 1.78
C SER A 52 13.73 -5.38 2.44
N ILE A 53 12.57 -5.20 3.13
CA ILE A 53 11.91 -6.33 3.81
C ILE A 53 10.41 -6.48 3.41
N VAL A 54 9.89 -5.56 2.58
CA VAL A 54 8.48 -5.64 2.15
C VAL A 54 8.39 -6.26 0.75
N ASN A 55 7.53 -7.27 0.62
CA ASN A 55 7.31 -7.97 -0.64
C ASN A 55 5.86 -7.84 -1.11
N ALA A 56 5.64 -8.02 -2.40
CA ALA A 56 4.32 -7.90 -3.02
C ALA A 56 3.31 -8.91 -2.46
N ASN A 57 3.77 -10.13 -2.15
CA ASN A 57 2.88 -11.22 -1.71
C ASN A 57 2.13 -10.87 -0.42
N GLN A 58 2.82 -10.25 0.56
CA GLN A 58 2.21 -9.88 1.84
C GLN A 58 1.09 -8.86 1.67
N ILE A 59 1.34 -7.86 0.81
CA ILE A 59 0.31 -6.85 0.53
C ILE A 59 -0.86 -7.47 -0.25
N LYS A 60 -0.53 -8.47 -1.09
CA LYS A 60 -1.55 -9.21 -1.83
C LYS A 60 -2.47 -9.94 -0.85
N GLU A 61 -1.86 -10.51 0.21
CA GLU A 61 -2.61 -11.23 1.24
C GLU A 61 -3.58 -10.29 1.96
N LEU A 62 -3.13 -9.05 2.21
CA LEU A 62 -3.94 -8.07 2.92
C LEU A 62 -5.19 -7.66 2.13
N VAL A 63 -5.01 -7.41 0.81
CA VAL A 63 -6.13 -7.01 -0.06
C VAL A 63 -6.28 -8.02 -1.24
N PRO A 64 -7.48 -8.59 -1.50
CA PRO A 64 -7.67 -9.62 -2.58
C PRO A 64 -7.09 -9.18 -3.92
N GLU A 65 -7.28 -7.90 -4.29
CA GLU A 65 -6.75 -7.39 -5.56
C GLU A 65 -6.09 -6.02 -5.38
N LEU A 66 -5.03 -5.77 -6.15
CA LEU A 66 -4.32 -4.49 -6.08
C LEU A 66 -3.41 -4.31 -7.30
N SER A 67 -3.26 -3.05 -7.75
CA SER A 67 -2.41 -2.72 -8.90
C SER A 67 -1.57 -1.48 -8.62
N LEU A 68 -0.36 -1.45 -9.19
CA LEU A 68 0.54 -0.29 -9.05
C LEU A 68 0.02 0.88 -9.88
N ASP A 69 0.06 2.09 -9.31
CA ASP A 69 -0.43 3.29 -10.01
C ASP A 69 0.38 3.57 -11.26
N THR A 70 -0.32 3.91 -12.35
CA THR A 70 0.33 4.24 -13.64
C THR A 70 -0.31 5.47 -14.26
N GLY A 71 0.41 6.12 -15.18
CA GLY A 71 -0.10 7.30 -15.87
C GLY A 71 0.98 7.97 -16.72
N THR A 72 0.60 9.04 -17.41
CA THR A 72 1.53 9.79 -18.25
C THR A 72 1.50 11.28 -17.87
N LEU A 73 2.70 11.85 -17.65
CA LEU A 73 2.81 13.27 -17.27
C LEU A 73 3.15 14.11 -18.50
N GLU A 74 2.27 15.06 -18.82
CA GLU A 74 2.46 15.93 -19.99
C GLU A 74 3.79 16.70 -19.91
N LYS A 75 4.30 17.10 -21.07
CA LYS A 75 5.56 17.85 -21.15
C LYS A 75 6.68 17.08 -20.43
N LYS A 76 7.47 16.34 -21.23
CA LYS A 76 8.59 15.55 -20.68
C LYS A 76 9.90 15.98 -21.33
#